data_8HKS
#
_entry.id   8HKS
#
_cell.length_a   81.006
_cell.length_b   86.333
_cell.length_c   103.619
_cell.angle_alpha   90.000
_cell.angle_beta   112.440
_cell.angle_gamma   90.000
#
_symmetry.space_group_name_H-M   'P 1 21 1'
#
loop_
_entity.id
_entity.type
_entity.pdbx_description
1 polymer 'Poly [ADP-ribose] polymerase 2'
2 non-polymer GLYCEROL
3 non-polymer (2R)-14-fluoro-2-methyl-6,9,10,19-tetrazapentacyclo[14.2.1.02,6.08,18.012,17]nonadeca-1(18),8,12(17),13,15-pentaen-11-one
4 water water
#
_entity_poly.entity_id   1
_entity_poly.type   'polypeptide(L)'
_entity_poly.pdbx_seq_one_letter_code
;GPESQLDLRVQELIKLICNVQAMEEMMMEMKYNTKKAPLGKLTVAQIKAGYQSLKKIEDCIRAGQHGRALMEACNEFYTR
IPHDFGLRTPPLIRTQKELSEKIQLLEALGDIEIAIKLVKSERQGLEHPLDQHYRNLHCALRPLDHESYEFKVISQYLQS
THAPTHSDYTMTLLDLFEVEKDGEKEAFREDLHNRMLLWHGSRMSNWVGILSHGLRIAPPEAPITGYMFGKGIYFADMSS
KSANYCFASRLKNTGLLLLSEVALGQCNELLEANPKAEGLLQGKHSTKGLGKMAPSSAHFVTLNGSTVPLGPASDTGILN
PDGYTLNYNEYIVYNPNQVRMRYLLKVQFNFLQ
;
_entity_poly.pdbx_strand_id   A,B,C,D
#
loop_
_chem_comp.id
_chem_comp.type
_chem_comp.name
_chem_comp.formula
DS9 non-polymer (2R)-14-fluoro-2-methyl-6,9,10,19-tetrazapentacyclo[14.2.1.02,6.08,18.012,17]nonadeca-1(18),8,12(17),13,15-pentaen-11-one 'C16 H15 F N4 O'
GOL non-polymer GLYCEROL 'C3 H8 O3'
#
# COMPACT_ATOMS: atom_id res chain seq x y z
N GLY A 1 -24.39 -11.98 29.34
CA GLY A 1 -23.76 -10.75 28.90
C GLY A 1 -24.63 -9.52 29.09
N PRO A 2 -24.25 -8.67 30.06
CA PRO A 2 -25.10 -7.52 30.39
C PRO A 2 -25.25 -6.57 29.21
N GLU A 3 -26.51 -6.29 28.86
CA GLU A 3 -26.82 -5.38 27.78
C GLU A 3 -26.79 -3.94 28.27
N SER A 4 -26.65 -3.02 27.32
CA SER A 4 -26.55 -1.60 27.66
C SER A 4 -27.90 -1.05 28.07
N GLN A 5 -27.90 -0.22 29.13
CA GLN A 5 -29.08 0.46 29.60
C GLN A 5 -29.09 1.94 29.20
N LEU A 6 -28.14 2.36 28.38
CA LEU A 6 -28.03 3.74 27.96
C LEU A 6 -28.84 3.98 26.69
N ASP A 7 -29.21 5.24 26.47
CA ASP A 7 -29.83 5.62 25.22
C ASP A 7 -28.91 5.27 24.06
N LEU A 8 -29.51 4.76 22.98
CA LEU A 8 -28.72 4.36 21.81
C LEU A 8 -27.86 5.52 21.29
N ARG A 9 -28.32 6.75 21.48
CA ARG A 9 -27.54 7.91 21.07
C ARG A 9 -26.31 8.08 21.95
N VAL A 10 -26.48 7.98 23.26
CA VAL A 10 -25.35 8.10 24.18
C VAL A 10 -24.38 6.93 23.98
N GLN A 11 -24.92 5.74 23.67
CA GLN A 11 -24.08 4.58 23.40
C GLN A 11 -23.09 4.86 22.27
N GLU A 12 -23.60 5.41 21.16
CA GLU A 12 -22.73 5.74 20.02
C GLU A 12 -21.70 6.79 20.40
N LEU A 13 -22.07 7.72 21.29
CA LEU A 13 -21.14 8.77 21.70
C LEU A 13 -19.95 8.20 22.46
N ILE A 14 -20.22 7.33 23.44
CA ILE A 14 -19.15 6.80 24.27
C ILE A 14 -18.23 5.91 23.43
N LYS A 15 -18.80 5.13 22.51
CA LYS A 15 -17.99 4.31 21.61
C LYS A 15 -17.01 5.17 20.82
N LEU A 16 -17.46 6.32 20.33
CA LEU A 16 -16.60 7.20 19.56
C LEU A 16 -15.44 7.73 20.40
N ILE A 17 -15.76 8.26 21.58
CA ILE A 17 -14.75 8.92 22.40
C ILE A 17 -13.89 7.96 23.22
N CYS A 18 -14.28 6.70 23.34
CA CYS A 18 -13.49 5.72 24.06
C CYS A 18 -12.73 4.78 23.13
N ASN A 19 -12.68 5.08 21.83
CA ASN A 19 -12.01 4.25 20.85
C ASN A 19 -10.51 4.49 20.93
N VAL A 20 -9.83 3.65 21.71
CA VAL A 20 -8.38 3.80 21.89
C VAL A 20 -7.65 3.56 20.58
N GLN A 21 -8.15 2.64 19.75
CA GLN A 21 -7.51 2.39 18.47
C GLN A 21 -7.56 3.63 17.58
N ALA A 22 -8.66 4.38 17.63
CA ALA A 22 -8.72 5.65 16.93
C ALA A 22 -7.75 6.66 17.55
N MET A 23 -7.50 6.56 18.85
CA MET A 23 -6.54 7.46 19.49
C MET A 23 -5.12 7.19 19.02
N GLU A 24 -4.76 5.91 18.86
CA GLU A 24 -3.43 5.57 18.38
C GLU A 24 -3.23 6.03 16.94
N GLU A 25 -4.27 5.95 16.11
CA GLU A 25 -4.16 6.41 14.73
C GLU A 25 -4.01 7.92 14.67
N MET A 26 -4.65 8.64 15.59
CA MET A 26 -4.55 10.10 15.59
C MET A 26 -3.16 10.56 16.01
N MET A 27 -2.58 9.93 17.03
CA MET A 27 -1.27 10.34 17.51
C MET A 27 -0.19 10.05 16.47
N MET A 28 -0.33 8.95 15.73
CA MET A 28 0.63 8.64 14.68
C MET A 28 0.56 9.66 13.56
N GLU A 29 -0.64 10.16 13.24
CA GLU A 29 -0.76 11.21 12.24
C GLU A 29 -0.11 12.51 12.70
N MET A 30 0.00 12.71 14.02
CA MET A 30 0.72 13.84 14.58
C MET A 30 2.21 13.56 14.72
N LYS A 31 2.70 12.47 14.11
CA LYS A 31 4.09 12.03 14.10
C LYS A 31 4.58 11.51 15.46
N TYR A 32 3.67 11.28 16.41
CA TYR A 32 4.07 10.71 17.69
C TYR A 32 4.40 9.23 17.52
N ASN A 33 5.51 8.80 18.13
CA ASN A 33 6.00 7.44 18.00
C ASN A 33 5.34 6.57 19.06
N THR A 34 4.28 5.86 18.67
CA THR A 34 3.56 5.01 19.61
C THR A 34 4.31 3.72 19.91
N LYS A 35 5.15 3.25 18.99
CA LYS A 35 5.97 2.07 19.27
C LYS A 35 6.97 2.37 20.38
N LYS A 36 7.64 3.51 20.30
CA LYS A 36 8.67 3.86 21.27
C LYS A 36 8.08 4.29 22.60
N ALA A 37 6.92 4.94 22.59
CA ALA A 37 6.23 5.32 23.82
C ALA A 37 4.75 5.01 23.67
N PRO A 38 4.34 3.80 24.03
CA PRO A 38 2.94 3.41 23.85
C PRO A 38 2.00 4.26 24.70
N LEU A 39 0.78 4.44 24.19
CA LEU A 39 -0.19 5.28 24.88
C LEU A 39 -0.58 4.68 26.22
N GLY A 40 -0.61 3.35 26.35
CA GLY A 40 -0.87 2.71 27.62
C GLY A 40 0.22 2.87 28.65
N LYS A 41 1.37 3.43 28.25
CA LYS A 41 2.46 3.75 29.16
C LYS A 41 2.61 5.27 29.35
N LEU A 42 1.59 6.03 29.00
CA LEU A 42 1.63 7.47 29.20
C LEU A 42 1.47 7.79 30.68
N THR A 43 2.22 8.78 31.14
CA THR A 43 2.12 9.24 32.52
C THR A 43 2.05 10.75 32.56
N VAL A 44 1.41 11.26 33.63
CA VAL A 44 1.32 12.70 33.83
C VAL A 44 2.72 13.31 33.91
N ALA A 45 3.65 12.60 34.57
CA ALA A 45 4.99 13.14 34.75
C ALA A 45 5.72 13.28 33.43
N GLN A 46 5.59 12.29 32.54
CA GLN A 46 6.24 12.37 31.23
C GLN A 46 5.71 13.55 30.43
N ILE A 47 4.39 13.78 30.46
CA ILE A 47 3.83 14.91 29.74
C ILE A 47 4.33 16.22 30.32
N LYS A 48 4.41 16.31 31.65
CA LYS A 48 4.91 17.53 32.28
C LYS A 48 6.37 17.76 31.92
N ALA A 49 7.16 16.68 31.80
CA ALA A 49 8.55 16.83 31.37
C ALA A 49 8.61 17.39 29.96
N GLY A 50 7.68 17.00 29.09
CA GLY A 50 7.62 17.56 27.76
C GLY A 50 7.31 19.05 27.77
N TYR A 51 6.40 19.46 28.65
CA TYR A 51 6.09 20.89 28.79
C TYR A 51 7.34 21.67 29.20
N GLN A 52 8.08 21.15 30.19
CA GLN A 52 9.26 21.84 30.67
C GLN A 52 10.34 21.92 29.60
N SER A 53 10.44 20.92 28.74
CA SER A 53 11.38 20.98 27.63
C SER A 53 11.00 22.08 26.65
N LEU A 54 9.71 22.22 26.36
CA LEU A 54 9.27 23.32 25.50
C LEU A 54 9.55 24.67 26.13
N LYS A 55 9.34 24.78 27.45
CA LYS A 55 9.71 26.00 28.16
C LYS A 55 11.21 26.28 28.03
N LYS A 56 12.03 25.22 28.07
CA LYS A 56 13.46 25.40 27.89
C LYS A 56 13.78 25.89 26.48
N ILE A 57 13.03 25.40 25.48
CA ILE A 57 13.20 25.89 24.12
C ILE A 57 12.84 27.37 24.04
N GLU A 58 11.73 27.75 24.69
CA GLU A 58 11.36 29.16 24.74
C GLU A 58 12.44 30.00 25.40
N ASP A 59 13.15 29.44 26.38
CA ASP A 59 14.27 30.15 26.98
C ASP A 59 15.42 30.30 26.00
N CYS A 60 15.66 29.29 25.16
CA CYS A 60 16.68 29.40 24.13
C CYS A 60 16.30 30.45 23.09
N ILE A 61 15.03 30.47 22.69
CA ILE A 61 14.58 31.43 21.68
C ILE A 61 14.68 32.85 22.23
N ARG A 62 14.29 33.05 23.49
CA ARG A 62 14.38 34.39 24.08
C ARG A 62 15.83 34.84 24.22
N ALA A 63 16.75 33.91 24.44
CA ALA A 63 18.16 34.22 24.56
C ALA A 63 18.87 34.25 23.20
N GLY A 64 18.12 34.17 22.11
CA GLY A 64 18.73 34.18 20.79
C GLY A 64 19.57 32.97 20.48
N GLN A 65 19.43 31.90 21.26
CA GLN A 65 20.20 30.68 21.05
C GLN A 65 19.52 29.84 19.97
N HIS A 66 20.13 29.80 18.80
CA HIS A 66 19.64 28.98 17.70
C HIS A 66 20.62 27.88 17.31
N GLY A 67 21.68 27.70 18.09
CA GLY A 67 22.67 26.67 17.82
C GLY A 67 22.56 25.47 18.73
N ARG A 68 23.70 25.04 19.28
CA ARG A 68 23.75 23.81 20.07
C ARG A 68 22.75 23.83 21.22
N ALA A 69 22.57 24.97 21.87
CA ALA A 69 21.62 25.07 22.96
C ALA A 69 20.22 24.70 22.51
N LEU A 70 19.77 25.26 21.39
CA LEU A 70 18.45 24.96 20.87
C LEU A 70 18.35 23.50 20.45
N MET A 71 19.37 23.00 19.74
CA MET A 71 19.36 21.61 19.30
C MET A 71 19.31 20.64 20.48
N GLU A 72 20.07 20.93 21.54
CA GLU A 72 20.07 20.04 22.70
C GLU A 72 18.78 20.16 23.49
N ALA A 73 18.15 21.33 23.48
CA ALA A 73 16.85 21.48 24.13
C ALA A 73 15.78 20.70 23.38
N CYS A 74 15.76 20.80 22.06
CA CYS A 74 14.80 20.05 21.26
C CYS A 74 15.04 18.56 21.38
N ASN A 75 16.32 18.15 21.43
CA ASN A 75 16.64 16.73 21.58
C ASN A 75 16.05 16.17 22.86
N GLU A 76 16.18 16.90 23.97
CA GLU A 76 15.60 16.46 25.23
C GLU A 76 14.09 16.28 25.09
N PHE A 77 13.41 17.23 24.45
CA PHE A 77 11.97 17.11 24.25
C PHE A 77 11.64 15.88 23.41
N TYR A 78 12.29 15.74 22.26
CA TYR A 78 12.03 14.60 21.38
C TYR A 78 12.41 13.27 22.03
N THR A 79 13.24 13.30 23.07
CA THR A 79 13.55 12.08 23.80
C THR A 79 12.46 11.75 24.81
N ARG A 80 11.85 12.77 25.42
CA ARG A 80 10.73 12.53 26.33
C ARG A 80 9.42 12.33 25.58
N ILE A 81 9.22 13.07 24.49
CA ILE A 81 8.03 12.91 23.66
C ILE A 81 8.48 12.39 22.30
N PRO A 82 8.71 11.09 22.14
CA PRO A 82 9.35 10.60 20.91
C PRO A 82 8.44 10.73 19.70
N HIS A 83 9.04 11.12 18.57
CA HIS A 83 8.35 11.30 17.31
C HIS A 83 8.88 10.30 16.29
N ASP A 84 8.11 10.11 15.22
CA ASP A 84 8.49 9.23 14.12
C ASP A 84 8.61 10.09 12.86
N PHE A 85 9.83 10.44 12.49
CA PHE A 85 10.10 11.22 11.28
C PHE A 85 10.83 10.40 10.23
N GLY A 86 10.73 9.07 10.30
CA GLY A 86 11.48 8.24 9.37
C GLY A 86 12.95 8.20 9.76
N LEU A 87 13.82 8.26 8.76
CA LEU A 87 15.25 8.33 8.98
C LEU A 87 15.75 9.77 9.01
N ARG A 88 14.85 10.74 9.02
CA ARG A 88 15.22 12.15 9.03
C ARG A 88 15.50 12.62 10.45
N THR A 89 16.24 13.72 10.54
CA THR A 89 16.45 14.35 11.83
C THR A 89 15.19 15.11 12.24
N PRO A 90 14.80 15.05 13.51
CA PRO A 90 13.59 15.75 13.96
C PRO A 90 13.72 17.24 13.78
N PRO A 91 12.67 17.91 13.28
CA PRO A 91 12.76 19.35 13.05
C PRO A 91 12.92 20.13 14.34
N LEU A 92 13.63 21.25 14.25
CA LEU A 92 13.80 22.15 15.37
C LEU A 92 12.53 22.95 15.60
N ILE A 93 12.31 23.34 16.86
CA ILE A 93 11.14 24.10 17.27
C ILE A 93 11.58 25.53 17.56
N ARG A 94 10.92 26.51 16.94
CA ARG A 94 11.34 27.89 17.05
C ARG A 94 10.17 28.86 17.10
N THR A 95 9.23 28.72 16.18
CA THR A 95 8.15 29.69 16.06
C THR A 95 7.06 29.43 17.08
N GLN A 96 6.12 30.38 17.18
CA GLN A 96 4.96 30.21 18.04
C GLN A 96 4.06 29.10 17.53
N LYS A 97 3.82 29.07 16.22
CA LYS A 97 2.97 28.04 15.64
C LYS A 97 3.57 26.64 15.82
N GLU A 98 4.90 26.54 15.80
CA GLU A 98 5.55 25.26 16.04
C GLU A 98 5.49 24.86 17.51
N LEU A 99 5.60 25.85 18.42
CA LEU A 99 5.39 25.58 19.84
C LEU A 99 3.96 25.13 20.10
N SER A 100 2.99 25.85 19.52
CA SER A 100 1.58 25.50 19.73
C SER A 100 1.27 24.10 19.23
N GLU A 101 1.87 23.72 18.09
CA GLU A 101 1.68 22.36 17.57
C GLU A 101 2.07 21.32 18.59
N LYS A 102 3.20 21.52 19.27
CA LYS A 102 3.65 20.58 20.28
C LYS A 102 2.78 20.67 21.54
N ILE A 103 2.34 21.87 21.90
CA ILE A 103 1.43 22.03 23.02
C ILE A 103 0.14 21.27 22.76
N GLN A 104 -0.37 21.33 21.53
CA GLN A 104 -1.58 20.60 21.17
C GLN A 104 -1.33 19.09 21.18
N LEU A 105 -0.12 18.66 20.83
CA LEU A 105 0.22 17.25 20.97
C LEU A 105 0.19 16.83 22.44
N LEU A 106 0.74 17.67 23.32
CA LEU A 106 0.77 17.34 24.75
C LEU A 106 -0.63 17.36 25.35
N GLU A 107 -1.49 18.27 24.90
CA GLU A 107 -2.84 18.34 25.43
C GLU A 107 -3.65 17.11 25.04
N ALA A 108 -3.44 16.61 23.82
CA ALA A 108 -4.09 15.36 23.42
C ALA A 108 -3.57 14.19 24.25
N LEU A 109 -2.25 14.12 24.42
CA LEU A 109 -1.66 13.04 25.21
C LEU A 109 -2.15 13.05 26.64
N GLY A 110 -2.30 14.24 27.23
CA GLY A 110 -2.82 14.34 28.58
C GLY A 110 -4.23 13.79 28.70
N ASP A 111 -5.12 14.23 27.81
CA ASP A 111 -6.49 13.73 27.83
C ASP A 111 -6.56 12.26 27.44
N ILE A 112 -5.59 11.80 26.65
CA ILE A 112 -5.54 10.38 26.30
C ILE A 112 -5.18 9.54 27.53
N GLU A 113 -4.28 10.04 28.38
CA GLU A 113 -3.99 9.36 29.63
C GLU A 113 -5.23 9.20 30.49
N ILE A 114 -6.10 10.22 30.48
CA ILE A 114 -7.35 10.13 31.23
C ILE A 114 -8.26 9.07 30.62
N ALA A 115 -8.27 8.97 29.30
CA ALA A 115 -9.17 8.02 28.64
C ALA A 115 -8.75 6.58 28.89
N ILE A 116 -7.45 6.28 28.80
CA ILE A 116 -7.00 4.92 29.09
C ILE A 116 -7.24 4.58 30.55
N LYS A 117 -6.96 5.51 31.47
CA LYS A 117 -7.27 5.27 32.87
C LYS A 117 -8.75 4.95 33.05
N LEU A 118 -9.62 5.56 32.24
CA LEU A 118 -11.05 5.35 32.39
C LEU A 118 -11.47 3.98 31.84
N VAL A 119 -11.04 3.66 30.62
CA VAL A 119 -11.43 2.37 30.05
C VAL A 119 -10.79 1.22 30.83
N LYS A 120 -9.59 1.44 31.39
CA LYS A 120 -9.00 0.42 32.24
C LYS A 120 -9.72 0.31 33.59
N SER A 121 -10.52 1.32 33.95
CA SER A 121 -11.29 1.31 35.18
C SER A 121 -12.57 0.49 35.06
N GLU A 122 -12.76 -0.22 33.97
CA GLU A 122 -13.93 -1.07 33.80
C GLU A 122 -13.78 -2.35 34.61
N ARG A 123 -14.83 -2.70 35.36
CA ARG A 123 -14.89 -3.99 36.05
C ARG A 123 -15.69 -4.92 35.15
N GLN A 124 -14.98 -5.66 34.29
CA GLN A 124 -15.62 -6.43 33.24
C GLN A 124 -16.58 -7.46 33.81
N GLY A 125 -17.76 -7.56 33.18
CA GLY A 125 -18.78 -8.48 33.62
C GLY A 125 -19.87 -7.82 34.43
N LEU A 126 -19.49 -6.82 35.23
CA LEU A 126 -20.46 -6.16 36.10
C LEU A 126 -21.60 -5.55 35.31
N GLU A 127 -21.27 -4.85 34.22
CA GLU A 127 -22.27 -4.30 33.32
C GLU A 127 -21.57 -3.97 32.00
N HIS A 128 -22.36 -3.58 31.02
CA HIS A 128 -21.81 -3.24 29.71
C HIS A 128 -20.73 -2.18 29.85
N PRO A 129 -19.63 -2.27 29.09
CA PRO A 129 -18.56 -1.28 29.26
C PRO A 129 -19.01 0.14 28.98
N LEU A 130 -19.90 0.34 28.01
CA LEU A 130 -20.34 1.69 27.66
C LEU A 130 -21.01 2.37 28.85
N ASP A 131 -21.84 1.63 29.60
CA ASP A 131 -22.44 2.19 30.80
C ASP A 131 -21.40 2.49 31.87
N GLN A 132 -20.36 1.63 31.96
CA GLN A 132 -19.30 1.86 32.92
C GLN A 132 -18.52 3.13 32.59
N HIS A 133 -18.08 3.25 31.33
CA HIS A 133 -17.36 4.44 30.91
C HIS A 133 -18.18 5.70 31.16
N TYR A 134 -19.48 5.64 30.88
CA TYR A 134 -20.32 6.81 31.03
C TYR A 134 -20.39 7.28 32.49
N ARG A 135 -20.67 6.35 33.40
CA ARG A 135 -20.73 6.70 34.82
C ARG A 135 -19.40 7.23 35.32
N ASN A 136 -18.28 6.65 34.85
CA ASN A 136 -16.97 7.08 35.30
C ASN A 136 -16.59 8.45 34.77
N LEU A 137 -17.30 8.95 33.75
CA LEU A 137 -17.10 10.32 33.32
C LEU A 137 -17.57 11.31 34.38
N HIS A 138 -18.59 10.94 35.15
CA HIS A 138 -19.24 11.82 36.12
C HIS A 138 -19.73 13.10 35.45
N CYS A 139 -20.28 12.94 34.25
CA CYS A 139 -20.81 14.05 33.48
C CYS A 139 -22.08 13.58 32.78
N ALA A 140 -23.19 14.27 33.03
CA ALA A 140 -24.46 13.89 32.43
C ALA A 140 -24.50 14.32 30.96
N LEU A 141 -25.01 13.43 30.11
CA LEU A 141 -25.14 13.67 28.67
C LEU A 141 -26.56 13.28 28.28
N ARG A 142 -27.45 14.27 28.20
CA ARG A 142 -28.87 14.00 27.98
C ARG A 142 -29.27 14.32 26.55
N PRO A 143 -29.58 13.31 25.73
CA PRO A 143 -30.00 13.58 24.35
C PRO A 143 -31.27 14.41 24.31
N LEU A 144 -31.29 15.38 23.40
CA LEU A 144 -32.37 16.34 23.30
C LEU A 144 -33.15 16.15 22.00
N ASP A 145 -34.40 16.59 22.03
CA ASP A 145 -35.28 16.47 20.88
C ASP A 145 -34.81 17.35 19.74
N HIS A 146 -34.96 16.87 18.52
CA HIS A 146 -34.55 17.63 17.35
C HIS A 146 -35.58 18.68 16.95
N GLU A 147 -36.78 18.65 17.52
CA GLU A 147 -37.75 19.73 17.36
C GLU A 147 -37.75 20.66 18.57
N SER A 148 -36.86 20.45 19.52
CA SER A 148 -36.72 21.35 20.64
C SER A 148 -36.19 22.70 20.18
N TYR A 149 -36.52 23.75 20.93
CA TYR A 149 -35.99 25.07 20.63
C TYR A 149 -34.47 25.07 20.72
N GLU A 150 -33.91 24.30 21.66
CA GLU A 150 -32.46 24.16 21.77
C GLU A 150 -31.87 23.70 20.45
N PHE A 151 -32.40 22.61 19.89
CA PHE A 151 -31.89 22.08 18.63
C PHE A 151 -32.06 23.07 17.50
N LYS A 152 -33.11 23.89 17.54
CA LYS A 152 -33.34 24.85 16.46
C LYS A 152 -32.31 25.98 16.50
N VAL A 153 -32.10 26.57 17.66
CA VAL A 153 -31.14 27.67 17.77
C VAL A 153 -29.71 27.19 17.52
N ILE A 154 -29.38 26.00 18.04
CA ILE A 154 -28.01 25.52 17.91
C ILE A 154 -27.71 25.09 16.48
N SER A 155 -28.71 24.52 15.79
CA SER A 155 -28.54 24.25 14.37
C SER A 155 -28.39 25.54 13.58
N GLN A 156 -29.14 26.58 13.96
CA GLN A 156 -28.95 27.90 13.35
C GLN A 156 -27.56 28.44 13.66
N TYR A 157 -27.17 28.38 14.94
CA TYR A 157 -25.84 28.83 15.35
C TYR A 157 -24.74 28.15 14.55
N LEU A 158 -24.89 26.84 14.30
CA LEU A 158 -23.88 26.10 13.57
C LEU A 158 -23.78 26.56 12.12
N GLN A 159 -24.93 26.72 11.45
CA GLN A 159 -24.90 27.11 10.05
C GLN A 159 -24.61 28.59 9.88
N SER A 160 -25.17 29.43 10.75
CA SER A 160 -25.09 30.87 10.53
C SER A 160 -23.70 31.43 10.79
N THR A 161 -22.92 30.81 11.66
CA THR A 161 -21.59 31.31 12.01
C THR A 161 -20.46 30.51 11.36
N HIS A 162 -20.76 29.76 10.31
CA HIS A 162 -19.71 29.10 9.54
C HIS A 162 -18.93 30.13 8.75
N ALA A 163 -17.61 30.17 8.94
CA ALA A 163 -16.81 31.25 8.39
C ALA A 163 -16.63 31.08 6.89
N PRO A 164 -16.56 32.20 6.14
CA PRO A 164 -16.36 32.08 4.69
C PRO A 164 -14.97 31.59 4.29
N THR A 165 -13.95 31.83 5.13
CA THR A 165 -12.61 31.36 4.78
C THR A 165 -12.48 29.86 4.97
N HIS A 166 -13.29 29.27 5.85
CA HIS A 166 -13.27 27.83 6.08
C HIS A 166 -14.25 27.14 5.12
N SER A 167 -14.04 27.39 3.84
CA SER A 167 -14.94 26.96 2.78
C SER A 167 -14.67 25.55 2.29
N ASP A 168 -13.73 24.83 2.89
CA ASP A 168 -13.41 23.48 2.43
C ASP A 168 -14.41 22.43 2.92
N TYR A 169 -15.43 22.83 3.68
CA TYR A 169 -16.35 21.84 4.24
C TYR A 169 -17.58 22.56 4.79
N THR A 170 -18.65 21.79 4.93
CA THR A 170 -19.85 22.18 5.66
C THR A 170 -20.07 21.19 6.80
N MET A 171 -21.09 21.45 7.61
CA MET A 171 -21.30 20.70 8.83
C MET A 171 -22.77 20.38 9.00
N THR A 172 -23.08 19.13 9.31
CA THR A 172 -24.45 18.67 9.55
C THR A 172 -24.59 18.23 11.00
N LEU A 173 -25.53 18.83 11.72
CA LEU A 173 -25.76 18.47 13.11
C LEU A 173 -26.42 17.11 13.17
N LEU A 174 -25.68 16.10 13.66
CA LEU A 174 -26.24 14.76 13.74
C LEU A 174 -27.04 14.56 15.03
N ASP A 175 -26.53 15.08 16.15
CA ASP A 175 -27.19 14.87 17.43
C ASP A 175 -26.72 15.93 18.42
N LEU A 176 -27.55 16.14 19.45
CA LEU A 176 -27.31 17.20 20.43
C LEU A 176 -27.56 16.63 21.82
N PHE A 177 -26.64 16.90 22.75
CA PHE A 177 -26.73 16.41 24.12
C PHE A 177 -26.59 17.58 25.08
N GLU A 178 -27.46 17.61 26.09
CA GLU A 178 -27.28 18.53 27.20
C GLU A 178 -26.21 18.00 28.14
N VAL A 179 -25.32 18.88 28.58
CA VAL A 179 -24.14 18.50 29.35
C VAL A 179 -24.24 19.10 30.75
N GLU A 180 -24.04 18.27 31.77
CA GLU A 180 -23.98 18.72 33.15
C GLU A 180 -22.79 18.04 33.81
N LYS A 181 -21.66 18.75 33.89
CA LYS A 181 -20.50 18.27 34.61
C LYS A 181 -20.64 18.59 36.09
N ASP A 182 -20.41 17.59 36.93
CA ASP A 182 -20.54 17.76 38.38
C ASP A 182 -19.73 18.93 38.88
N GLY A 183 -20.42 19.88 39.53
CA GLY A 183 -19.78 20.99 40.19
C GLY A 183 -19.76 22.29 39.40
N GLU A 184 -20.02 22.26 38.10
CA GLU A 184 -19.92 23.47 37.29
C GLU A 184 -20.99 24.48 37.66
N LYS A 185 -22.20 24.02 37.97
CA LYS A 185 -23.26 24.93 38.37
C LYS A 185 -22.91 25.63 39.68
N GLU A 186 -22.27 24.91 40.59
CA GLU A 186 -21.99 25.45 41.92
C GLU A 186 -20.82 26.42 41.91
N ALA A 187 -19.89 26.27 40.97
CA ALA A 187 -18.76 27.17 40.87
C ALA A 187 -18.98 28.32 39.90
N PHE A 188 -19.98 28.20 39.01
CA PHE A 188 -20.18 29.20 37.96
C PHE A 188 -20.45 30.58 38.55
N ARG A 189 -20.06 31.61 37.79
CA ARG A 189 -20.26 32.99 38.20
C ARG A 189 -21.52 33.51 37.52
N GLU A 190 -22.67 33.21 38.14
CA GLU A 190 -23.94 33.75 37.68
C GLU A 190 -24.02 35.25 37.85
N ASP A 191 -23.13 35.83 38.68
CA ASP A 191 -23.15 37.27 38.91
C ASP A 191 -22.60 38.04 37.71
N LEU A 192 -21.52 37.54 37.11
CA LEU A 192 -20.86 38.25 36.03
C LEU A 192 -21.79 38.43 34.84
N HIS A 193 -21.80 39.65 34.30
CA HIS A 193 -22.61 39.97 33.14
C HIS A 193 -21.95 39.41 31.87
N ASN A 194 -22.62 39.63 30.73
CA ASN A 194 -22.12 39.20 29.44
C ASN A 194 -21.91 37.69 29.39
N ARG A 195 -22.94 36.95 29.78
CA ARG A 195 -22.91 35.49 29.67
C ARG A 195 -23.27 35.08 28.26
N MET A 196 -22.35 34.40 27.58
CA MET A 196 -22.52 34.07 26.17
C MET A 196 -22.29 32.58 25.94
N LEU A 197 -22.99 32.05 24.94
CA LEU A 197 -22.86 30.66 24.53
C LEU A 197 -21.82 30.59 23.41
N LEU A 198 -20.65 30.01 23.71
CA LEU A 198 -19.51 30.04 22.81
C LEU A 198 -19.04 28.63 22.50
N TRP A 199 -18.44 28.49 21.32
CA TRP A 199 -17.99 27.20 20.82
C TRP A 199 -16.63 26.81 21.42
N HIS A 200 -16.31 25.53 21.30
CA HIS A 200 -14.97 25.02 21.56
C HIS A 200 -14.83 23.67 20.89
N GLY A 201 -13.81 23.53 20.04
CA GLY A 201 -13.56 22.28 19.36
C GLY A 201 -12.32 21.57 19.85
N SER A 202 -12.22 20.28 19.58
CA SER A 202 -11.06 19.50 19.99
C SER A 202 -11.09 18.17 19.24
N ARG A 203 -9.92 17.54 19.17
CA ARG A 203 -9.81 16.23 18.54
C ARG A 203 -10.66 15.21 19.28
N MET A 204 -11.07 14.17 18.55
CA MET A 204 -11.92 13.14 19.14
C MET A 204 -11.26 12.46 20.33
N SER A 205 -9.93 12.48 20.40
CA SER A 205 -9.19 11.81 21.47
C SER A 205 -9.32 12.51 22.81
N ASN A 206 -9.81 13.75 22.85
CA ASN A 206 -9.74 14.56 24.06
C ASN A 206 -11.06 14.68 24.80
N TRP A 207 -12.14 14.07 24.30
CA TRP A 207 -13.45 14.38 24.86
C TRP A 207 -13.74 13.63 26.16
N VAL A 208 -13.16 12.44 26.35
CA VAL A 208 -13.26 11.80 27.66
C VAL A 208 -12.67 12.71 28.73
N GLY A 209 -11.49 13.27 28.45
CA GLY A 209 -10.87 14.17 29.43
C GLY A 209 -11.64 15.46 29.61
N ILE A 210 -12.11 16.07 28.51
CA ILE A 210 -12.90 17.29 28.62
C ILE A 210 -14.18 17.04 29.40
N LEU A 211 -14.91 15.98 29.04
CA LEU A 211 -16.14 15.69 29.75
C LEU A 211 -15.89 15.13 31.14
N SER A 212 -14.70 14.59 31.41
CA SER A 212 -14.44 14.11 32.76
C SER A 212 -13.83 15.20 33.64
N HIS A 213 -12.94 16.03 33.10
CA HIS A 213 -12.24 17.02 33.91
C HIS A 213 -12.59 18.46 33.55
N GLY A 214 -13.48 18.70 32.58
CA GLY A 214 -13.80 20.05 32.19
C GLY A 214 -12.70 20.67 31.34
N LEU A 215 -13.01 21.77 30.66
CA LEU A 215 -11.96 22.56 30.03
C LEU A 215 -11.04 23.10 31.11
N ARG A 216 -9.74 22.85 30.96
CA ARG A 216 -8.76 23.18 31.98
C ARG A 216 -7.83 24.27 31.49
N ILE A 217 -7.05 24.82 32.43
CA ILE A 217 -6.05 25.83 32.13
C ILE A 217 -4.70 25.15 31.98
N ALA A 218 -3.89 25.66 31.05
CA ALA A 218 -2.55 25.14 30.76
C ALA A 218 -1.72 25.02 32.03
N PRO A 219 -0.83 24.04 32.13
CA PRO A 219 -0.10 23.83 33.36
C PRO A 219 1.00 24.86 33.54
N PRO A 220 1.45 25.10 34.77
CA PRO A 220 2.52 26.08 34.99
C PRO A 220 3.81 25.76 34.26
N GLU A 221 4.08 24.49 33.98
CA GLU A 221 5.31 24.12 33.30
C GLU A 221 5.31 24.54 31.83
N ALA A 222 4.16 24.93 31.29
CA ALA A 222 4.08 25.22 29.86
C ALA A 222 4.67 26.59 29.56
N PRO A 223 5.32 26.76 28.41
CA PRO A 223 5.80 28.10 28.02
C PRO A 223 4.63 28.97 27.59
N ILE A 224 4.56 30.18 28.15
CA ILE A 224 3.43 31.07 27.86
C ILE A 224 3.41 31.51 26.40
N THR A 225 4.55 31.45 25.70
CA THR A 225 4.60 31.89 24.31
C THR A 225 3.85 30.98 23.36
N GLY A 226 3.31 29.86 23.83
CA GLY A 226 2.49 29.02 22.98
C GLY A 226 1.02 29.36 23.00
N TYR A 227 0.61 30.36 23.77
CA TYR A 227 -0.79 30.73 23.92
C TYR A 227 -0.93 32.20 23.56
N MET A 228 -1.56 32.47 22.41
CA MET A 228 -1.59 33.83 21.85
C MET A 228 -2.15 34.86 22.82
N PHE A 229 -2.95 34.43 23.80
CA PHE A 229 -3.53 35.35 24.77
C PHE A 229 -3.40 34.81 26.19
N GLY A 230 -2.40 33.98 26.44
CA GLY A 230 -2.12 33.51 27.78
C GLY A 230 -2.78 32.20 28.12
N LYS A 231 -2.49 31.74 29.34
CA LYS A 231 -2.96 30.45 29.84
C LYS A 231 -4.39 30.61 30.34
N GLY A 232 -5.34 30.57 29.40
CA GLY A 232 -6.75 30.58 29.72
C GLY A 232 -7.49 29.57 28.87
N ILE A 233 -8.81 29.58 29.00
CA ILE A 233 -9.69 28.73 28.21
C ILE A 233 -10.23 29.56 27.05
N TYR A 234 -10.07 29.03 25.83
CA TYR A 234 -10.34 29.78 24.61
C TYR A 234 -11.68 29.36 24.02
N PHE A 235 -12.46 30.34 23.57
CA PHE A 235 -13.74 30.11 22.93
C PHE A 235 -13.86 30.98 21.69
N ALA A 236 -14.74 30.58 20.78
CA ALA A 236 -15.03 31.31 19.56
C ALA A 236 -16.53 31.54 19.44
N ASP A 237 -16.89 32.57 18.66
CA ASP A 237 -18.28 32.78 18.28
C ASP A 237 -18.57 32.35 16.85
N MET A 238 -17.58 31.85 16.13
CA MET A 238 -17.75 31.32 14.79
C MET A 238 -17.51 29.82 14.84
N SER A 239 -18.54 29.04 14.50
CA SER A 239 -18.50 27.59 14.72
C SER A 239 -17.34 26.94 14.00
N SER A 240 -17.04 27.38 12.78
CA SER A 240 -16.01 26.73 11.99
C SER A 240 -14.61 26.97 12.57
N LYS A 241 -14.40 28.09 13.26
CA LYS A 241 -13.12 28.34 13.88
C LYS A 241 -12.81 27.31 14.95
N SER A 242 -13.82 26.94 15.74
CA SER A 242 -13.65 25.87 16.72
C SER A 242 -13.63 24.51 16.04
N ALA A 243 -14.47 24.31 15.03
CA ALA A 243 -14.58 23.02 14.38
C ALA A 243 -13.29 22.64 13.65
N ASN A 244 -12.45 23.61 13.30
CA ASN A 244 -11.14 23.29 12.73
C ASN A 244 -10.30 22.49 13.70
N TYR A 245 -10.46 22.74 15.00
CA TYR A 245 -9.72 22.03 16.03
C TYR A 245 -10.24 20.62 16.25
N CYS A 246 -11.36 20.23 15.63
CA CYS A 246 -11.74 18.83 15.62
C CYS A 246 -10.80 18.02 14.74
N PHE A 247 -10.18 18.66 13.75
CA PHE A 247 -9.27 18.00 12.81
C PHE A 247 -9.91 16.77 12.19
N ALA A 248 -11.08 16.96 11.61
CA ALA A 248 -11.80 15.90 10.94
C ALA A 248 -11.23 15.64 9.56
N SER A 249 -11.47 14.44 9.04
CA SER A 249 -11.03 14.02 7.72
C SER A 249 -12.20 13.47 6.94
N ARG A 250 -12.00 13.23 5.65
CA ARG A 250 -13.06 12.66 4.83
C ARG A 250 -13.43 11.27 5.31
N LEU A 251 -12.45 10.49 5.77
CA LEU A 251 -12.74 9.15 6.27
C LEU A 251 -13.18 9.18 7.73
N LYS A 252 -12.70 10.13 8.52
CA LYS A 252 -13.16 10.33 9.89
C LYS A 252 -13.88 11.67 9.97
N ASN A 253 -15.07 11.72 9.36
CA ASN A 253 -15.81 12.96 9.19
C ASN A 253 -16.82 13.22 10.31
N THR A 254 -16.76 12.46 11.39
CA THR A 254 -17.59 12.73 12.57
C THR A 254 -16.74 13.44 13.61
N GLY A 255 -17.27 14.53 14.17
CA GLY A 255 -16.58 15.26 15.20
C GLY A 255 -17.56 15.76 16.24
N LEU A 256 -17.00 16.29 17.33
CA LEU A 256 -17.80 16.83 18.43
C LEU A 256 -17.48 18.30 18.62
N LEU A 257 -18.54 19.10 18.79
CA LEU A 257 -18.43 20.51 19.09
C LEU A 257 -19.12 20.79 20.42
N LEU A 258 -18.48 21.58 21.27
CA LEU A 258 -19.00 21.89 22.59
C LEU A 258 -19.45 23.35 22.64
N LEU A 259 -20.66 23.55 23.16
CA LEU A 259 -21.17 24.88 23.45
C LEU A 259 -21.20 25.08 24.96
N SER A 260 -20.65 26.19 25.42
CA SER A 260 -20.50 26.45 26.84
C SER A 260 -20.98 27.87 27.16
N GLU A 261 -21.53 28.04 28.36
CA GLU A 261 -21.89 29.35 28.86
C GLU A 261 -20.66 29.99 29.49
N VAL A 262 -20.23 31.13 28.93
CA VAL A 262 -19.00 31.80 29.35
C VAL A 262 -19.38 33.13 29.97
N ALA A 263 -18.96 33.36 31.21
CA ALA A 263 -19.19 34.62 31.91
C ALA A 263 -18.01 35.53 31.62
N LEU A 264 -18.10 36.27 30.51
CA LEU A 264 -16.99 37.11 30.08
C LEU A 264 -16.87 38.39 30.87
N GLY A 265 -17.95 38.85 31.50
CA GLY A 265 -17.91 40.13 32.20
C GLY A 265 -17.52 41.24 31.26
N GLN A 266 -16.76 42.20 31.77
CA GLN A 266 -16.17 43.23 30.92
C GLN A 266 -14.96 42.66 30.19
N CYS A 267 -14.95 42.78 28.87
CA CYS A 267 -13.89 42.23 28.05
C CYS A 267 -12.74 43.22 27.88
N ASN A 268 -11.52 42.73 27.97
CA ASN A 268 -10.35 43.50 27.57
C ASN A 268 -10.06 43.17 26.11
N GLU A 269 -10.41 44.10 25.23
CA GLU A 269 -10.33 43.87 23.79
C GLU A 269 -8.94 44.20 23.28
N LEU A 270 -8.32 43.24 22.60
CA LEU A 270 -6.97 43.38 22.07
C LEU A 270 -7.01 43.23 20.55
N LEU A 271 -6.27 44.09 19.86
CA LEU A 271 -6.20 44.04 18.41
C LEU A 271 -5.20 43.01 17.90
N GLU A 272 -4.22 42.63 18.71
CA GLU A 272 -3.21 41.67 18.31
C GLU A 272 -2.90 40.74 19.46
N ALA A 273 -2.20 39.65 19.15
CA ALA A 273 -1.86 38.65 20.15
C ALA A 273 -0.90 39.21 21.18
N ASN A 274 -1.04 38.73 22.42
CA ASN A 274 -0.08 38.97 23.48
C ASN A 274 -0.20 37.85 24.50
N PRO A 275 0.78 36.94 24.56
CA PRO A 275 0.71 35.84 25.54
C PRO A 275 0.63 36.29 26.99
N LYS A 276 0.86 37.57 27.28
CA LYS A 276 0.80 38.09 28.63
C LYS A 276 -0.45 38.93 28.85
N ALA A 277 -1.55 38.59 28.16
CA ALA A 277 -2.76 39.39 28.23
C ALA A 277 -3.45 39.31 29.58
N GLU A 278 -3.15 38.28 30.38
CA GLU A 278 -3.80 38.16 31.69
C GLU A 278 -3.38 39.29 32.63
N GLY A 279 -2.12 39.74 32.53
CA GLY A 279 -1.67 40.87 33.31
C GLY A 279 -2.17 42.22 32.84
N LEU A 280 -2.78 42.27 31.66
CA LEU A 280 -3.35 43.49 31.11
C LEU A 280 -4.84 43.63 31.41
N LEU A 281 -5.41 42.72 32.21
CA LEU A 281 -6.84 42.72 32.43
C LEU A 281 -7.29 43.96 33.19
N GLN A 282 -6.63 44.27 34.30
CA GLN A 282 -6.89 45.49 35.07
C GLN A 282 -8.34 45.54 35.54
N GLY A 283 -8.70 44.58 36.40
CA GLY A 283 -10.06 44.47 36.87
C GLY A 283 -11.06 43.91 35.88
N LYS A 284 -10.68 43.81 34.60
CA LYS A 284 -11.56 43.19 33.62
C LYS A 284 -11.52 41.67 33.78
N HIS A 285 -12.49 41.01 33.17
CA HIS A 285 -12.72 39.59 33.45
C HIS A 285 -12.40 38.66 32.29
N SER A 286 -12.11 39.19 31.10
CA SER A 286 -11.81 38.32 29.98
C SER A 286 -11.04 39.10 28.92
N THR A 287 -10.33 38.36 28.08
CA THR A 287 -9.62 38.91 26.93
C THR A 287 -10.37 38.55 25.67
N LYS A 288 -10.54 39.53 24.78
CA LYS A 288 -11.27 39.32 23.52
C LYS A 288 -10.36 39.73 22.37
N GLY A 289 -9.80 38.73 21.68
CA GLY A 289 -9.06 38.99 20.46
C GLY A 289 -9.99 39.48 19.36
N LEU A 290 -9.87 40.75 18.98
CA LEU A 290 -10.79 41.34 18.04
C LEU A 290 -10.58 40.79 16.64
N GLY A 291 -11.63 40.22 16.06
CA GLY A 291 -11.59 39.74 14.70
C GLY A 291 -12.21 40.71 13.72
N LYS A 292 -11.84 40.57 12.45
CA LYS A 292 -12.38 41.46 11.42
C LYS A 292 -13.86 41.17 11.17
N MET A 293 -14.27 39.92 11.27
CA MET A 293 -15.63 39.49 10.98
C MET A 293 -16.22 38.82 12.21
N ALA A 294 -17.43 39.22 12.59
CA ALA A 294 -18.06 38.73 13.80
C ALA A 294 -19.57 38.79 13.62
N PRO A 295 -20.32 37.97 14.36
CA PRO A 295 -21.78 38.09 14.34
C PRO A 295 -22.22 39.44 14.88
N SER A 296 -23.33 39.94 14.34
CA SER A 296 -23.88 41.23 14.71
C SER A 296 -24.98 41.03 15.74
N SER A 297 -25.06 41.98 16.69
CA SER A 297 -26.04 41.88 17.78
C SER A 297 -27.47 41.95 17.29
N ALA A 298 -27.70 42.32 16.03
CA ALA A 298 -29.06 42.36 15.48
C ALA A 298 -29.65 40.99 15.24
N HIS A 299 -28.83 39.92 15.30
CA HIS A 299 -29.32 38.56 15.13
C HIS A 299 -29.26 37.76 16.42
N PHE A 300 -28.89 38.37 17.53
CA PHE A 300 -28.70 37.63 18.78
C PHE A 300 -30.05 37.15 19.33
N VAL A 301 -30.02 36.00 19.99
CA VAL A 301 -31.16 35.48 20.73
C VAL A 301 -30.66 34.98 22.08
N THR A 302 -31.60 34.67 22.96
CA THR A 302 -31.32 34.15 24.28
C THR A 302 -31.78 32.70 24.39
N LEU A 303 -30.92 31.84 24.93
CA LEU A 303 -31.24 30.44 25.15
C LEU A 303 -30.85 30.08 26.58
N ASN A 304 -31.83 30.07 27.49
CA ASN A 304 -31.64 29.66 28.88
C ASN A 304 -30.62 30.54 29.60
N GLY A 305 -30.84 31.86 29.52
CA GLY A 305 -30.08 32.80 30.30
C GLY A 305 -28.78 33.28 29.69
N SER A 306 -28.41 32.79 28.52
CA SER A 306 -27.17 33.19 27.86
C SER A 306 -27.47 33.68 26.46
N THR A 307 -26.60 34.55 25.95
CA THR A 307 -26.77 35.13 24.62
C THR A 307 -26.14 34.22 23.58
N VAL A 308 -26.90 33.92 22.53
CA VAL A 308 -26.42 33.12 21.41
C VAL A 308 -26.02 34.08 20.29
N PRO A 309 -24.74 34.21 19.97
CA PRO A 309 -24.32 35.14 18.91
C PRO A 309 -24.54 34.55 17.50
N LEU A 310 -25.80 34.48 17.11
CA LEU A 310 -26.17 33.90 15.83
C LEU A 310 -25.68 34.78 14.68
N GLY A 311 -25.28 34.13 13.59
CA GLY A 311 -24.98 34.83 12.36
C GLY A 311 -26.25 35.36 11.71
N PRO A 312 -26.16 35.81 10.45
CA PRO A 312 -24.94 35.91 9.62
C PRO A 312 -23.94 36.93 10.16
N ALA A 313 -22.64 36.65 10.01
CA ALA A 313 -21.60 37.53 10.53
C ALA A 313 -21.27 38.62 9.52
N SER A 314 -21.02 39.82 10.04
CA SER A 314 -20.64 40.97 9.23
C SER A 314 -19.24 41.43 9.64
N ASP A 315 -18.65 42.26 8.79
CA ASP A 315 -17.31 42.77 9.03
C ASP A 315 -17.34 43.90 10.06
N THR A 316 -16.24 44.02 10.80
CA THR A 316 -16.10 45.06 11.80
C THR A 316 -15.08 46.13 11.43
N GLY A 317 -14.34 45.94 10.33
CA GLY A 317 -13.32 46.88 9.93
C GLY A 317 -12.00 46.74 10.63
N ILE A 318 -11.87 45.81 11.59
CA ILE A 318 -10.64 45.62 12.35
C ILE A 318 -9.49 45.36 11.39
N LEU A 319 -8.48 46.25 11.42
CA LEU A 319 -7.36 46.22 10.48
C LEU A 319 -6.24 47.02 11.12
N ASN A 320 -5.59 46.42 12.11
CA ASN A 320 -4.48 47.05 12.80
C ASN A 320 -3.23 47.07 11.93
N GLY A 323 1.60 42.28 10.62
CA GLY A 323 0.30 42.92 10.38
C GLY A 323 -0.78 41.87 10.16
N TYR A 324 -0.63 40.73 10.84
CA TYR A 324 -1.60 39.64 10.79
C TYR A 324 -2.66 39.90 11.85
N THR A 325 -3.78 40.49 11.44
CA THR A 325 -4.89 40.66 12.36
C THR A 325 -5.76 39.41 12.35
N LEU A 326 -6.54 39.26 13.43
CA LEU A 326 -7.42 38.11 13.55
C LEU A 326 -8.59 38.22 12.60
N ASN A 327 -8.82 37.17 11.81
CA ASN A 327 -10.00 37.16 10.93
C ASN A 327 -11.28 37.12 11.74
N TYR A 328 -11.30 36.32 12.81
CA TYR A 328 -12.49 36.14 13.64
C TYR A 328 -12.11 36.27 15.11
N ASN A 329 -13.13 36.34 15.97
CA ASN A 329 -12.92 36.69 17.36
C ASN A 329 -12.28 35.53 18.13
N GLU A 330 -11.95 35.83 19.39
CA GLU A 330 -11.45 34.84 20.34
C GLU A 330 -11.77 35.36 21.74
N TYR A 331 -12.34 34.49 22.57
CA TYR A 331 -12.69 34.83 23.94
C TYR A 331 -11.91 33.93 24.89
N ILE A 332 -11.26 34.53 25.89
CA ILE A 332 -10.37 33.81 26.79
C ILE A 332 -10.72 34.21 28.22
N VAL A 333 -11.09 33.23 29.04
CA VAL A 333 -11.28 33.40 30.47
C VAL A 333 -10.19 32.64 31.19
N TYR A 334 -9.77 33.16 32.34
CA TYR A 334 -8.62 32.64 33.06
C TYR A 334 -8.97 31.97 34.37
N ASN A 335 -10.25 31.73 34.64
CA ASN A 335 -10.67 30.92 35.77
C ASN A 335 -11.78 29.99 35.31
N PRO A 336 -11.68 28.68 35.58
CA PRO A 336 -12.73 27.76 35.13
C PRO A 336 -14.11 28.05 35.68
N ASN A 337 -14.22 28.82 36.76
CA ASN A 337 -15.53 29.15 37.32
C ASN A 337 -16.32 30.11 36.45
N GLN A 338 -15.76 30.55 35.33
CA GLN A 338 -16.48 31.35 34.34
C GLN A 338 -17.02 30.50 33.21
N VAL A 339 -16.88 29.17 33.30
CA VAL A 339 -17.24 28.26 32.22
C VAL A 339 -18.23 27.23 32.77
N ARG A 340 -19.32 27.01 32.03
CA ARG A 340 -20.23 25.91 32.31
C ARG A 340 -20.56 25.21 30.99
N MET A 341 -20.09 23.98 30.85
CA MET A 341 -20.42 23.18 29.67
C MET A 341 -21.91 22.88 29.66
N ARG A 342 -22.51 22.94 28.48
CA ARG A 342 -23.97 22.87 28.41
C ARG A 342 -24.45 21.95 27.30
N TYR A 343 -23.94 22.11 26.08
CA TYR A 343 -24.41 21.36 24.92
C TYR A 343 -23.24 20.72 24.21
N LEU A 344 -23.38 19.43 23.87
CA LEU A 344 -22.41 18.71 23.08
C LEU A 344 -23.03 18.33 21.74
N LEU A 345 -22.34 18.69 20.66
CA LEU A 345 -22.85 18.51 19.30
C LEU A 345 -22.09 17.39 18.60
N LYS A 346 -22.80 16.40 18.09
CA LYS A 346 -22.23 15.40 17.22
C LYS A 346 -22.45 15.85 15.78
N VAL A 347 -21.36 16.12 15.08
CA VAL A 347 -21.39 16.82 13.80
C VAL A 347 -20.80 15.94 12.71
N GLN A 348 -21.43 15.97 11.54
CA GLN A 348 -20.92 15.32 10.34
C GLN A 348 -20.26 16.36 9.45
N PHE A 349 -18.99 16.14 9.10
CA PHE A 349 -18.24 17.07 8.27
C PHE A 349 -18.41 16.69 6.81
N ASN A 350 -18.90 17.63 6.01
CA ASN A 350 -19.15 17.40 4.58
C ASN A 350 -18.04 18.10 3.79
N PHE A 351 -17.02 17.33 3.40
CA PHE A 351 -15.89 17.90 2.68
C PHE A 351 -16.23 18.09 1.21
N LEU A 352 -15.85 19.25 0.68
CA LEU A 352 -16.25 19.67 -0.65
C LEU A 352 -15.12 19.54 -1.68
N GLN A 353 -14.19 18.62 -1.44
CA GLN A 353 -13.10 18.30 -2.36
C GLN A 353 -12.46 19.59 -2.92
N GLY B 1 21.38 -36.15 16.77
CA GLY B 1 20.01 -35.69 16.64
C GLY B 1 19.76 -34.95 15.34
N PRO B 2 18.93 -35.54 14.47
CA PRO B 2 18.60 -34.87 13.20
C PRO B 2 17.92 -33.53 13.44
N GLU B 3 18.53 -32.46 12.93
CA GLU B 3 18.10 -31.11 13.24
C GLU B 3 17.05 -30.65 12.24
N SER B 4 16.01 -30.00 12.76
CA SER B 4 14.96 -29.45 11.91
C SER B 4 15.51 -28.30 11.09
N GLN B 5 15.08 -28.21 9.83
CA GLN B 5 15.51 -27.17 8.92
C GLN B 5 14.42 -26.13 8.65
N LEU B 6 13.32 -26.18 9.40
CA LEU B 6 12.26 -25.21 9.25
C LEU B 6 12.51 -24.00 10.13
N ASP B 7 11.95 -22.86 9.74
CA ASP B 7 11.92 -21.70 10.61
C ASP B 7 11.26 -22.09 11.93
N LEU B 8 11.77 -21.54 13.03
CA LEU B 8 11.32 -21.96 14.34
C LEU B 8 9.85 -21.67 14.56
N ARG B 9 9.30 -20.66 13.88
CA ARG B 9 7.89 -20.34 14.02
C ARG B 9 7.00 -21.32 13.26
N VAL B 10 7.46 -21.80 12.12
CA VAL B 10 6.76 -22.92 11.47
C VAL B 10 6.79 -24.15 12.37
N GLN B 11 7.92 -24.38 13.04
CA GLN B 11 8.03 -25.50 13.97
C GLN B 11 6.96 -25.42 15.05
N GLU B 12 6.81 -24.26 15.68
CA GLU B 12 5.82 -24.12 16.74
C GLU B 12 4.40 -24.25 16.19
N LEU B 13 4.19 -23.80 14.96
CA LEU B 13 2.88 -24.00 14.33
C LEU B 13 2.61 -25.48 14.10
N ILE B 14 3.61 -26.23 13.62
CA ILE B 14 3.43 -27.66 13.41
C ILE B 14 3.20 -28.37 14.74
N LYS B 15 3.98 -28.01 15.77
CA LYS B 15 3.79 -28.62 17.08
C LYS B 15 2.40 -28.35 17.62
N LEU B 16 1.85 -27.17 17.32
CA LEU B 16 0.52 -26.83 17.84
C LEU B 16 -0.58 -27.61 17.12
N ILE B 17 -0.50 -27.69 15.79
CA ILE B 17 -1.57 -28.33 15.02
C ILE B 17 -1.47 -29.85 15.01
N CYS B 18 -0.33 -30.42 15.40
CA CYS B 18 -0.16 -31.86 15.38
C CYS B 18 -0.27 -32.50 16.76
N ASN B 19 -0.67 -31.73 17.78
CA ASN B 19 -0.83 -32.27 19.13
C ASN B 19 -2.09 -33.14 19.16
N VAL B 20 -1.89 -34.47 19.10
CA VAL B 20 -3.02 -35.39 19.11
C VAL B 20 -3.72 -35.36 20.46
N GLN B 21 -2.99 -35.16 21.56
CA GLN B 21 -3.62 -35.16 22.87
C GLN B 21 -4.54 -33.96 23.05
N ALA B 22 -4.22 -32.83 22.40
CA ALA B 22 -5.13 -31.70 22.41
C ALA B 22 -6.41 -32.03 21.64
N MET B 23 -6.28 -32.79 20.55
CA MET B 23 -7.45 -33.22 19.79
C MET B 23 -8.35 -34.11 20.65
N GLU B 24 -7.75 -35.00 21.43
CA GLU B 24 -8.54 -35.86 22.31
C GLU B 24 -9.27 -35.03 23.35
N GLU B 25 -8.58 -34.08 23.99
CA GLU B 25 -9.24 -33.21 24.95
C GLU B 25 -10.35 -32.39 24.30
N MET B 26 -10.19 -32.04 23.03
CA MET B 26 -11.24 -31.31 22.33
C MET B 26 -12.45 -32.21 22.07
N MET B 27 -12.21 -33.43 21.60
CA MET B 27 -13.32 -34.35 21.34
C MET B 27 -14.07 -34.68 22.63
N MET B 28 -13.34 -34.92 23.73
CA MET B 28 -13.99 -35.24 25.00
C MET B 28 -14.84 -34.08 25.50
N GLU B 29 -14.50 -32.84 25.11
CA GLU B 29 -15.33 -31.69 25.48
C GLU B 29 -16.53 -31.53 24.56
N MET B 30 -16.53 -32.17 23.39
CA MET B 30 -17.71 -32.28 22.54
C MET B 30 -18.54 -33.52 22.84
N LYS B 31 -18.33 -34.13 24.00
CA LYS B 31 -19.06 -35.31 24.46
C LYS B 31 -18.77 -36.56 23.62
N TYR B 32 -17.69 -36.56 22.84
CA TYR B 32 -17.31 -37.74 22.11
C TYR B 32 -16.60 -38.73 23.03
N ASN B 33 -16.82 -40.02 22.77
CA ASN B 33 -16.31 -41.08 23.64
C ASN B 33 -15.07 -41.70 23.00
N THR B 34 -13.90 -41.12 23.31
CA THR B 34 -12.66 -41.69 22.83
C THR B 34 -12.36 -43.04 23.46
N LYS B 35 -12.91 -43.30 24.64
CA LYS B 35 -12.69 -44.59 25.29
C LYS B 35 -13.36 -45.72 24.51
N LYS B 36 -14.56 -45.48 23.96
CA LYS B 36 -15.23 -46.50 23.17
C LYS B 36 -14.69 -46.56 21.74
N ALA B 37 -14.45 -45.40 21.13
CA ALA B 37 -13.97 -45.31 19.75
C ALA B 37 -12.76 -44.37 19.72
N PRO B 38 -11.55 -44.91 19.84
CA PRO B 38 -10.37 -44.04 19.90
C PRO B 38 -10.15 -43.29 18.60
N LEU B 39 -9.64 -42.06 18.72
CA LEU B 39 -9.39 -41.23 17.53
C LEU B 39 -8.40 -41.89 16.60
N GLY B 40 -7.36 -42.52 17.15
CA GLY B 40 -6.41 -43.25 16.32
C GLY B 40 -7.01 -44.42 15.59
N LYS B 41 -8.27 -44.77 15.89
CA LYS B 41 -8.97 -45.87 15.28
C LYS B 41 -10.13 -45.39 14.41
N LEU B 42 -10.15 -44.10 14.07
CA LEU B 42 -11.21 -43.53 13.24
C LEU B 42 -11.00 -43.92 11.78
N THR B 43 -12.11 -44.17 11.08
CA THR B 43 -12.08 -44.47 9.66
C THR B 43 -13.06 -43.57 8.92
N VAL B 44 -12.79 -43.34 7.64
CA VAL B 44 -13.72 -42.58 6.81
C VAL B 44 -15.05 -43.31 6.68
N ALA B 45 -15.03 -44.65 6.78
CA ALA B 45 -16.27 -45.42 6.73
C ALA B 45 -17.14 -45.13 7.95
N GLN B 46 -16.52 -45.04 9.13
CA GLN B 46 -17.28 -44.77 10.34
C GLN B 46 -17.92 -43.38 10.30
N ILE B 47 -17.20 -42.39 9.77
CA ILE B 47 -17.72 -41.03 9.72
C ILE B 47 -18.84 -40.92 8.70
N LYS B 48 -18.63 -41.49 7.51
CA LYS B 48 -19.67 -41.48 6.49
C LYS B 48 -20.93 -42.20 6.98
N ALA B 49 -20.75 -43.29 7.72
CA ALA B 49 -21.89 -43.95 8.35
C ALA B 49 -22.59 -43.01 9.33
N GLY B 50 -21.83 -42.21 10.07
CA GLY B 50 -22.43 -41.22 10.95
C GLY B 50 -23.19 -40.16 10.19
N TYR B 51 -22.65 -39.72 9.05
CA TYR B 51 -23.38 -38.79 8.20
C TYR B 51 -24.68 -39.39 7.70
N GLN B 52 -24.64 -40.64 7.24
CA GLN B 52 -25.85 -41.31 6.79
C GLN B 52 -26.88 -41.41 7.91
N SER B 53 -26.43 -41.69 9.13
CA SER B 53 -27.35 -41.79 10.26
C SER B 53 -27.97 -40.43 10.57
N LEU B 54 -27.19 -39.35 10.46
CA LEU B 54 -27.75 -38.02 10.65
C LEU B 54 -28.80 -37.71 9.60
N LYS B 55 -28.62 -38.22 8.37
CA LYS B 55 -29.64 -38.06 7.34
C LYS B 55 -30.93 -38.79 7.71
N LYS B 56 -30.82 -40.01 8.27
CA LYS B 56 -32.00 -40.69 8.78
C LYS B 56 -32.68 -39.88 9.87
N ILE B 57 -31.87 -39.23 10.72
CA ILE B 57 -32.44 -38.37 11.75
C ILE B 57 -33.17 -37.20 11.12
N GLU B 58 -32.58 -36.61 10.08
CA GLU B 58 -33.24 -35.51 9.38
C GLU B 58 -34.55 -35.96 8.75
N ASP B 59 -34.58 -37.18 8.23
CA ASP B 59 -35.83 -37.74 7.72
C ASP B 59 -36.90 -37.80 8.80
N CYS B 60 -36.51 -38.24 10.01
CA CYS B 60 -37.47 -38.30 11.11
C CYS B 60 -37.96 -36.91 11.49
N ILE B 61 -37.04 -35.95 11.57
CA ILE B 61 -37.41 -34.58 11.94
C ILE B 61 -38.36 -33.99 10.91
N ARG B 62 -38.07 -34.21 9.63
CA ARG B 62 -38.92 -33.66 8.58
C ARG B 62 -40.29 -34.32 8.55
N ALA B 63 -40.38 -35.55 9.04
CA ALA B 63 -41.64 -36.29 9.10
C ALA B 63 -42.43 -36.02 10.37
N GLY B 64 -41.88 -35.24 11.31
CA GLY B 64 -42.54 -35.05 12.58
C GLY B 64 -42.48 -36.25 13.49
N GLN B 65 -41.62 -37.22 13.18
CA GLN B 65 -41.48 -38.42 13.98
C GLN B 65 -40.54 -38.12 15.15
N HIS B 66 -41.09 -38.05 16.36
CA HIS B 66 -40.29 -37.89 17.56
C HIS B 66 -40.41 -39.10 18.48
N GLY B 67 -40.99 -40.19 17.99
CA GLY B 67 -41.10 -41.41 18.77
C GLY B 67 -40.01 -42.41 18.45
N ARG B 68 -40.41 -43.67 18.22
CA ARG B 68 -39.43 -44.75 18.10
C ARG B 68 -38.47 -44.53 16.93
N ALA B 69 -39.00 -44.07 15.79
CA ALA B 69 -38.14 -43.88 14.62
C ALA B 69 -36.97 -42.94 14.91
N LEU B 70 -37.24 -41.85 15.64
CA LEU B 70 -36.17 -40.92 15.98
C LEU B 70 -35.20 -41.52 16.99
N MET B 71 -35.74 -42.16 18.03
CA MET B 71 -34.90 -42.77 19.06
C MET B 71 -33.95 -43.79 18.46
N GLU B 72 -34.42 -44.58 17.50
CA GLU B 72 -33.58 -45.63 16.93
C GLU B 72 -32.66 -45.10 15.84
N ALA B 73 -33.05 -44.04 15.14
CA ALA B 73 -32.11 -43.37 14.25
C ALA B 73 -31.01 -42.68 15.05
N CYS B 74 -31.37 -42.07 16.18
CA CYS B 74 -30.35 -41.45 17.02
C CYS B 74 -29.45 -42.49 17.68
N ASN B 75 -30.02 -43.65 18.03
CA ASN B 75 -29.22 -44.71 18.63
C ASN B 75 -28.25 -45.30 17.62
N GLU B 76 -28.66 -45.39 16.35
CA GLU B 76 -27.74 -45.84 15.31
C GLU B 76 -26.57 -44.87 15.18
N PHE B 77 -26.85 -43.57 15.25
CA PHE B 77 -25.79 -42.57 15.19
C PHE B 77 -24.84 -42.69 16.37
N TYR B 78 -25.40 -42.75 17.59
CA TYR B 78 -24.58 -42.85 18.79
C TYR B 78 -23.83 -44.17 18.87
N THR B 79 -24.28 -45.20 18.16
CA THR B 79 -23.52 -46.44 18.10
C THR B 79 -22.31 -46.31 17.17
N ARG B 80 -22.47 -45.57 16.07
CA ARG B 80 -21.36 -45.38 15.14
C ARG B 80 -20.44 -44.25 15.59
N ILE B 81 -21.02 -43.20 16.17
CA ILE B 81 -20.23 -42.09 16.71
C ILE B 81 -20.48 -42.04 18.21
N PRO B 82 -19.72 -42.80 19.01
CA PRO B 82 -20.04 -42.92 20.43
C PRO B 82 -19.92 -41.59 21.17
N HIS B 83 -20.82 -41.40 22.14
CA HIS B 83 -20.83 -40.22 22.99
C HIS B 83 -20.82 -40.66 24.45
N ASP B 84 -20.53 -39.70 25.33
CA ASP B 84 -20.60 -39.90 26.78
C ASP B 84 -21.44 -38.77 27.36
N PHE B 85 -22.72 -39.05 27.60
CA PHE B 85 -23.64 -38.08 28.18
C PHE B 85 -23.78 -38.26 29.69
N GLY B 86 -22.85 -38.95 30.32
CA GLY B 86 -22.89 -39.17 31.75
C GLY B 86 -23.79 -40.34 32.12
N LEU B 87 -24.86 -40.04 32.86
CA LEU B 87 -25.85 -41.03 33.25
C LEU B 87 -27.22 -40.78 32.65
N ARG B 88 -27.40 -39.62 32.02
CA ARG B 88 -28.69 -39.34 31.35
C ARG B 88 -28.78 -40.13 30.05
N THR B 89 -29.97 -40.64 29.74
CA THR B 89 -30.20 -41.30 28.46
C THR B 89 -29.72 -40.38 27.34
N PRO B 90 -29.04 -40.91 26.32
CA PRO B 90 -28.56 -40.07 25.22
C PRO B 90 -29.67 -39.19 24.66
N PRO B 91 -29.46 -37.88 24.62
CA PRO B 91 -30.51 -36.98 24.15
C PRO B 91 -30.78 -37.16 22.66
N LEU B 92 -32.02 -36.85 22.28
CA LEU B 92 -32.46 -36.98 20.90
C LEU B 92 -32.12 -35.71 20.12
N ILE B 93 -31.78 -35.90 18.85
CA ILE B 93 -31.46 -34.79 17.96
C ILE B 93 -32.72 -34.42 17.18
N ARG B 94 -33.23 -33.21 17.40
CA ARG B 94 -34.49 -32.80 16.83
C ARG B 94 -34.47 -31.48 16.07
N THR B 95 -33.45 -30.64 16.23
CA THR B 95 -33.43 -29.33 15.60
C THR B 95 -32.24 -29.22 14.64
N GLN B 96 -32.37 -28.29 13.70
CA GLN B 96 -31.28 -28.01 12.76
C GLN B 96 -30.01 -27.63 13.51
N LYS B 97 -30.15 -26.87 14.60
CA LYS B 97 -28.98 -26.45 15.37
C LYS B 97 -28.28 -27.65 15.99
N GLU B 98 -29.05 -28.58 16.56
CA GLU B 98 -28.45 -29.81 17.07
C GLU B 98 -27.84 -30.64 15.95
N LEU B 99 -28.44 -30.60 14.76
CA LEU B 99 -27.86 -31.29 13.61
C LEU B 99 -26.52 -30.68 13.21
N SER B 100 -26.44 -29.34 13.22
CA SER B 100 -25.19 -28.67 12.88
C SER B 100 -24.10 -29.00 13.89
N GLU B 101 -24.46 -29.09 15.17
CA GLU B 101 -23.49 -29.48 16.18
C GLU B 101 -22.91 -30.86 15.88
N LYS B 102 -23.76 -31.80 15.46
CA LYS B 102 -23.28 -33.13 15.12
C LYS B 102 -22.46 -33.12 13.84
N ILE B 103 -22.86 -32.32 12.86
CA ILE B 103 -22.12 -32.22 11.61
C ILE B 103 -20.72 -31.67 11.88
N GLN B 104 -20.61 -30.67 12.76
CA GLN B 104 -19.31 -30.10 13.08
C GLN B 104 -18.41 -31.12 13.77
N LEU B 105 -18.99 -31.98 14.61
CA LEU B 105 -18.21 -33.04 15.23
C LEU B 105 -17.66 -34.00 14.18
N LEU B 106 -18.50 -34.39 13.21
CA LEU B 106 -18.04 -35.27 12.14
C LEU B 106 -16.97 -34.58 11.30
N GLU B 107 -17.08 -33.28 11.10
CA GLU B 107 -16.07 -32.54 10.36
C GLU B 107 -14.73 -32.56 11.08
N ALA B 108 -14.75 -32.35 12.40
CA ALA B 108 -13.52 -32.41 13.18
C ALA B 108 -12.94 -33.82 13.20
N LEU B 109 -13.80 -34.83 13.37
CA LEU B 109 -13.33 -36.21 13.35
C LEU B 109 -12.70 -36.57 12.01
N GLY B 110 -13.22 -36.01 10.91
CA GLY B 110 -12.64 -36.27 9.61
C GLY B 110 -11.27 -35.64 9.45
N ASP B 111 -11.10 -34.42 9.95
CA ASP B 111 -9.80 -33.77 9.89
C ASP B 111 -8.81 -34.44 10.85
N ILE B 112 -9.29 -34.93 11.99
CA ILE B 112 -8.43 -35.67 12.90
C ILE B 112 -7.95 -36.96 12.24
N GLU B 113 -8.83 -37.60 11.46
CA GLU B 113 -8.44 -38.80 10.74
C GLU B 113 -7.30 -38.49 9.76
N ILE B 114 -7.34 -37.32 9.12
CA ILE B 114 -6.25 -36.91 8.25
C ILE B 114 -4.97 -36.68 9.06
N ALA B 115 -5.10 -36.03 10.21
CA ALA B 115 -3.92 -35.68 11.01
C ALA B 115 -3.22 -36.93 11.53
N ILE B 116 -3.99 -37.89 12.05
CA ILE B 116 -3.39 -39.09 12.63
C ILE B 116 -2.72 -39.91 11.53
N LYS B 117 -3.30 -39.92 10.33
CA LYS B 117 -2.69 -40.64 9.21
C LYS B 117 -1.47 -39.92 8.67
N LEU B 118 -1.27 -38.65 9.00
CA LEU B 118 -0.10 -37.92 8.57
C LEU B 118 1.05 -38.08 9.58
N VAL B 119 0.76 -37.91 10.87
CA VAL B 119 1.77 -38.05 11.90
C VAL B 119 2.21 -39.50 12.10
N LYS B 120 1.47 -40.46 11.53
CA LYS B 120 1.85 -41.87 11.69
C LYS B 120 3.07 -42.22 10.86
N SER B 121 3.27 -41.48 9.76
CA SER B 121 4.40 -41.79 8.83
C SER B 121 5.70 -41.97 9.60
N GLU B 122 6.59 -42.85 9.11
CA GLU B 122 7.82 -43.16 9.82
C GLU B 122 8.95 -42.21 9.47
N ARG B 123 9.76 -42.57 8.48
CA ARG B 123 10.96 -41.83 8.09
C ARG B 123 11.96 -41.73 9.24
N GLN B 124 11.50 -41.27 10.42
CA GLN B 124 12.31 -41.10 11.62
C GLN B 124 13.70 -40.57 11.31
N GLY B 125 14.73 -41.36 11.66
CA GLY B 125 16.14 -41.01 11.52
C GLY B 125 16.54 -39.94 10.52
N LEU B 126 16.05 -40.02 9.27
CA LEU B 126 16.50 -39.08 8.24
C LEU B 126 16.21 -37.63 8.61
N GLU B 127 14.99 -37.17 8.37
CA GLU B 127 14.64 -35.79 8.64
C GLU B 127 13.93 -35.67 9.98
N HIS B 128 13.89 -34.44 10.50
CA HIS B 128 13.25 -34.18 11.76
C HIS B 128 11.76 -34.44 11.66
N PRO B 129 11.12 -34.96 12.72
CA PRO B 129 9.68 -35.27 12.64
C PRO B 129 8.82 -34.09 12.22
N LEU B 130 9.10 -32.89 12.73
CA LEU B 130 8.33 -31.72 12.31
C LEU B 130 8.54 -31.42 10.82
N ASP B 131 9.77 -31.60 10.34
CA ASP B 131 10.04 -31.38 8.92
C ASP B 131 9.30 -32.39 8.06
N GLN B 132 9.11 -33.61 8.56
CA GLN B 132 8.36 -34.63 7.84
C GLN B 132 6.87 -34.32 7.85
N HIS B 133 6.35 -33.90 9.00
CA HIS B 133 4.94 -33.49 9.08
C HIS B 133 4.65 -32.34 8.13
N TYR B 134 5.51 -31.31 8.17
CA TYR B 134 5.31 -30.14 7.31
C TYR B 134 5.37 -30.51 5.84
N ARG B 135 6.33 -31.35 5.46
CA ARG B 135 6.45 -31.78 4.08
C ARG B 135 5.21 -32.54 3.62
N ASN B 136 4.58 -33.30 4.52
CA ASN B 136 3.42 -34.08 4.15
C ASN B 136 2.14 -33.26 4.10
N LEU B 137 2.18 -32.00 4.53
CA LEU B 137 1.03 -31.13 4.36
C LEU B 137 0.80 -30.77 2.89
N HIS B 138 1.82 -30.88 2.05
CA HIS B 138 1.76 -30.42 0.67
C HIS B 138 1.25 -28.99 0.60
N CYS B 139 1.67 -28.18 1.56
CA CYS B 139 1.23 -26.80 1.71
C CYS B 139 2.37 -26.00 2.27
N ALA B 140 2.74 -24.92 1.58
CA ALA B 140 3.82 -24.06 2.01
C ALA B 140 3.33 -23.08 3.06
N LEU B 141 4.16 -22.85 4.08
CA LEU B 141 3.86 -21.89 5.15
C LEU B 141 5.09 -21.02 5.36
N ARG B 142 4.95 -19.72 5.07
CA ARG B 142 6.07 -18.80 5.18
C ARG B 142 5.81 -17.81 6.29
N PRO B 143 6.65 -17.77 7.34
CA PRO B 143 6.43 -16.80 8.42
C PRO B 143 6.70 -15.39 7.95
N LEU B 144 5.81 -14.47 8.34
CA LEU B 144 5.90 -13.08 7.94
C LEU B 144 6.28 -12.20 9.12
N ASP B 145 7.01 -11.13 8.83
CA ASP B 145 7.53 -10.24 9.85
C ASP B 145 6.43 -9.33 10.39
N HIS B 146 6.54 -8.95 11.66
CA HIS B 146 5.52 -8.13 12.28
C HIS B 146 5.54 -6.70 11.77
N GLU B 147 6.71 -6.19 11.38
CA GLU B 147 6.83 -4.87 10.79
C GLU B 147 6.48 -4.87 9.30
N SER B 148 5.87 -5.94 8.81
CA SER B 148 5.53 -6.06 7.40
C SER B 148 4.16 -5.43 7.11
N TYR B 149 3.97 -5.07 5.84
CA TYR B 149 2.71 -4.46 5.42
C TYR B 149 1.54 -5.44 5.55
N GLU B 150 1.80 -6.73 5.41
CA GLU B 150 0.75 -7.72 5.59
C GLU B 150 0.29 -7.77 7.05
N PHE B 151 1.24 -7.85 7.98
CA PHE B 151 0.90 -7.83 9.40
C PHE B 151 0.09 -6.58 9.76
N LYS B 152 0.44 -5.45 9.15
CA LYS B 152 -0.26 -4.21 9.45
C LYS B 152 -1.71 -4.26 8.96
N VAL B 153 -1.90 -4.59 7.68
CA VAL B 153 -3.25 -4.59 7.11
C VAL B 153 -4.12 -5.63 7.80
N ILE B 154 -3.58 -6.84 7.98
CA ILE B 154 -4.38 -7.92 8.55
C ILE B 154 -4.72 -7.64 10.00
N SER B 155 -3.80 -7.00 10.74
CA SER B 155 -4.12 -6.61 12.12
C SER B 155 -5.24 -5.59 12.15
N GLN B 156 -5.22 -4.64 11.20
CA GLN B 156 -6.34 -3.71 11.07
C GLN B 156 -7.62 -4.45 10.71
N TYR B 157 -7.53 -5.41 9.79
CA TYR B 157 -8.68 -6.20 9.38
C TYR B 157 -9.20 -7.04 10.54
N LEU B 158 -8.30 -7.55 11.39
CA LEU B 158 -8.72 -8.34 12.53
C LEU B 158 -9.44 -7.49 13.58
N GLN B 159 -8.94 -6.28 13.83
CA GLN B 159 -9.51 -5.45 14.88
C GLN B 159 -10.71 -4.63 14.38
N SER B 160 -10.63 -4.08 13.17
CA SER B 160 -11.69 -3.21 12.68
C SER B 160 -12.97 -3.97 12.36
N THR B 161 -12.89 -5.27 12.11
CA THR B 161 -14.07 -6.08 11.82
C THR B 161 -14.46 -6.99 12.96
N HIS B 162 -13.93 -6.77 14.16
CA HIS B 162 -14.45 -7.45 15.34
C HIS B 162 -15.84 -6.90 15.64
N ALA B 163 -16.84 -7.77 15.64
CA ALA B 163 -18.21 -7.33 15.70
C ALA B 163 -18.59 -6.84 17.10
N PRO B 164 -19.48 -5.85 17.20
CA PRO B 164 -19.85 -5.32 18.52
C PRO B 164 -20.59 -6.31 19.39
N THR B 165 -21.28 -7.29 18.82
CA THR B 165 -22.03 -8.27 19.59
C THR B 165 -21.19 -9.47 20.01
N HIS B 166 -19.86 -9.41 19.79
CA HIS B 166 -18.97 -10.47 20.25
C HIS B 166 -17.96 -9.87 21.21
N SER B 167 -18.47 -9.21 22.24
CA SER B 167 -17.66 -8.51 23.23
C SER B 167 -17.17 -9.42 24.36
N ASP B 168 -17.43 -10.72 24.27
CA ASP B 168 -16.91 -11.63 25.28
C ASP B 168 -15.39 -11.77 25.21
N TYR B 169 -14.74 -11.22 24.18
CA TYR B 169 -13.30 -11.37 24.04
C TYR B 169 -12.78 -10.34 23.05
N THR B 170 -11.48 -10.10 23.13
CA THR B 170 -10.72 -9.39 22.12
C THR B 170 -9.64 -10.31 21.57
N MET B 171 -9.07 -9.94 20.43
CA MET B 171 -8.11 -10.79 19.74
C MET B 171 -6.79 -10.06 19.54
N THR B 172 -5.71 -10.82 19.62
CA THR B 172 -4.35 -10.29 19.50
C THR B 172 -3.57 -11.17 18.54
N LEU B 173 -3.07 -10.58 17.45
CA LEU B 173 -2.31 -11.32 16.45
C LEU B 173 -0.94 -11.66 17.02
N LEU B 174 -0.66 -12.95 17.20
CA LEU B 174 0.64 -13.38 17.70
C LEU B 174 1.64 -13.63 16.59
N ASP B 175 1.22 -14.26 15.50
CA ASP B 175 2.09 -14.49 14.36
C ASP B 175 1.23 -14.65 13.11
N LEU B 176 1.89 -14.55 11.95
CA LEU B 176 1.22 -14.56 10.67
C LEU B 176 2.06 -15.35 9.67
N PHE B 177 1.37 -16.15 8.84
CA PHE B 177 2.03 -16.99 7.86
C PHE B 177 1.34 -16.84 6.51
N GLU B 178 2.14 -16.83 5.44
CA GLU B 178 1.57 -16.96 4.09
C GLU B 178 1.35 -18.43 3.76
N VAL B 179 0.23 -18.71 3.11
CA VAL B 179 -0.18 -20.07 2.82
C VAL B 179 -0.19 -20.26 1.30
N GLU B 180 0.40 -21.37 0.84
CA GLU B 180 0.42 -21.72 -0.58
C GLU B 180 0.23 -23.24 -0.66
N LYS B 181 -1.02 -23.66 -0.75
CA LYS B 181 -1.32 -25.08 -0.87
C LYS B 181 -1.09 -25.56 -2.30
N ASP B 182 -0.49 -26.74 -2.42
CA ASP B 182 -0.18 -27.30 -3.74
C ASP B 182 -1.44 -27.47 -4.56
N GLY B 183 -1.48 -26.84 -5.73
CA GLY B 183 -2.57 -26.97 -6.67
C GLY B 183 -3.59 -25.84 -6.62
N GLU B 184 -3.71 -25.16 -5.48
CA GLU B 184 -4.79 -24.19 -5.31
C GLU B 184 -4.62 -22.99 -6.22
N LYS B 185 -3.41 -22.42 -6.27
CA LYS B 185 -3.15 -21.28 -7.15
C LYS B 185 -3.53 -21.57 -8.59
N GLU B 186 -3.16 -22.77 -9.06
CA GLU B 186 -3.34 -23.14 -10.46
C GLU B 186 -4.79 -23.50 -10.79
N ALA B 187 -5.57 -23.90 -9.79
CA ALA B 187 -6.97 -24.23 -9.99
C ALA B 187 -7.91 -23.05 -9.77
N PHE B 188 -7.39 -21.94 -9.25
CA PHE B 188 -8.25 -20.83 -8.82
C PHE B 188 -8.89 -20.14 -10.01
N ARG B 189 -10.14 -19.71 -9.83
CA ARG B 189 -10.89 -18.98 -10.85
C ARG B 189 -10.47 -17.51 -10.82
N GLU B 190 -9.31 -17.24 -11.42
CA GLU B 190 -8.82 -15.88 -11.55
C GLU B 190 -9.70 -15.04 -12.46
N ASP B 191 -10.59 -15.66 -13.23
CA ASP B 191 -11.44 -14.94 -14.16
C ASP B 191 -12.64 -14.30 -13.48
N LEU B 192 -13.11 -14.89 -12.38
CA LEU B 192 -14.31 -14.38 -11.73
C LEU B 192 -14.02 -13.03 -11.05
N HIS B 193 -15.00 -12.14 -11.14
CA HIS B 193 -14.91 -10.85 -10.46
C HIS B 193 -15.33 -11.01 -9.00
N ASN B 194 -15.35 -9.89 -8.28
CA ASN B 194 -15.75 -9.86 -6.87
C ASN B 194 -14.87 -10.77 -6.02
N ARG B 195 -13.56 -10.57 -6.12
CA ARG B 195 -12.59 -11.36 -5.37
C ARG B 195 -12.30 -10.66 -4.05
N MET B 196 -12.57 -11.34 -2.94
CA MET B 196 -12.47 -10.76 -1.61
C MET B 196 -11.64 -11.65 -0.70
N LEU B 197 -10.93 -11.00 0.23
CA LEU B 197 -10.17 -11.70 1.26
C LEU B 197 -11.08 -11.86 2.47
N LEU B 198 -11.44 -13.11 2.78
CA LEU B 198 -12.49 -13.39 3.76
C LEU B 198 -11.98 -14.35 4.83
N TRP B 199 -12.63 -14.30 5.98
CA TRP B 199 -12.23 -15.07 7.15
C TRP B 199 -12.82 -16.48 7.12
N HIS B 200 -12.11 -17.41 7.75
CA HIS B 200 -12.67 -18.72 8.06
C HIS B 200 -12.06 -19.21 9.36
N GLY B 201 -12.91 -19.54 10.33
CA GLY B 201 -12.46 -20.10 11.58
C GLY B 201 -12.75 -21.59 11.70
N SER B 202 -11.98 -22.28 12.52
CA SER B 202 -12.17 -23.72 12.73
C SER B 202 -11.47 -24.10 14.02
N ARG B 203 -11.91 -25.23 14.58
CA ARG B 203 -11.27 -25.75 15.79
C ARG B 203 -9.82 -26.10 15.51
N MET B 204 -9.00 -26.06 16.57
CA MET B 204 -7.58 -26.35 16.41
C MET B 204 -7.31 -27.75 15.88
N SER B 205 -8.27 -28.68 16.06
CA SER B 205 -8.12 -30.05 15.60
C SER B 205 -8.23 -30.19 14.09
N ASN B 206 -8.65 -29.14 13.38
CA ASN B 206 -8.99 -29.26 11.98
C ASN B 206 -7.93 -28.72 11.03
N TRP B 207 -6.86 -28.12 11.55
CA TRP B 207 -5.98 -27.34 10.68
C TRP B 207 -4.98 -28.20 9.90
N VAL B 208 -4.58 -29.35 10.44
CA VAL B 208 -3.79 -30.27 9.63
C VAL B 208 -4.60 -30.73 8.42
N GLY B 209 -5.89 -30.97 8.62
CA GLY B 209 -6.74 -31.33 7.49
C GLY B 209 -6.98 -30.18 6.55
N ILE B 210 -7.22 -28.98 7.09
CA ILE B 210 -7.46 -27.81 6.24
C ILE B 210 -6.25 -27.51 5.38
N LEU B 211 -5.06 -27.50 5.99
CA LEU B 211 -3.86 -27.15 5.25
C LEU B 211 -3.46 -28.24 4.25
N SER B 212 -3.76 -29.50 4.56
CA SER B 212 -3.32 -30.59 3.71
C SER B 212 -4.31 -30.91 2.59
N HIS B 213 -5.61 -30.79 2.86
CA HIS B 213 -6.63 -31.13 1.88
C HIS B 213 -7.54 -29.97 1.49
N GLY B 214 -7.31 -28.77 2.03
CA GLY B 214 -8.10 -27.62 1.68
C GLY B 214 -9.45 -27.60 2.37
N LEU B 215 -10.12 -26.45 2.29
CA LEU B 215 -11.49 -26.32 2.74
C LEU B 215 -12.39 -27.12 1.79
N ARG B 216 -13.15 -28.07 2.34
CA ARG B 216 -13.82 -29.07 1.53
C ARG B 216 -15.33 -28.98 1.68
N ILE B 217 -16.03 -29.41 0.64
CA ILE B 217 -17.49 -29.39 0.58
C ILE B 217 -18.03 -30.61 1.31
N ALA B 218 -19.19 -30.44 1.95
CA ALA B 218 -19.81 -31.50 2.74
C ALA B 218 -20.02 -32.75 1.89
N PRO B 219 -19.94 -33.94 2.49
CA PRO B 219 -20.10 -35.18 1.73
C PRO B 219 -21.52 -35.36 1.26
N PRO B 220 -21.74 -36.21 0.24
CA PRO B 220 -23.11 -36.39 -0.28
C PRO B 220 -24.08 -36.97 0.73
N GLU B 221 -23.61 -37.81 1.64
CA GLU B 221 -24.49 -38.47 2.59
C GLU B 221 -25.06 -37.52 3.62
N ALA B 222 -24.52 -36.30 3.72
CA ALA B 222 -24.84 -35.43 4.85
C ALA B 222 -26.23 -34.83 4.67
N PRO B 223 -26.96 -34.58 5.77
CA PRO B 223 -28.25 -33.92 5.66
C PRO B 223 -28.07 -32.46 5.24
N ILE B 224 -28.78 -32.08 4.17
CA ILE B 224 -28.68 -30.72 3.68
C ILE B 224 -29.25 -29.71 4.66
N THR B 225 -30.16 -30.14 5.56
CA THR B 225 -30.74 -29.21 6.52
C THR B 225 -29.71 -28.68 7.50
N GLY B 226 -28.68 -29.47 7.81
CA GLY B 226 -27.62 -29.01 8.69
C GLY B 226 -26.76 -27.90 8.14
N TYR B 227 -27.03 -27.42 6.93
CA TYR B 227 -26.25 -26.35 6.30
C TYR B 227 -27.20 -25.23 5.94
N MET B 228 -27.03 -24.07 6.56
CA MET B 228 -27.94 -22.90 6.35
C MET B 228 -28.12 -22.54 4.88
N PHE B 229 -27.04 -22.48 4.11
CA PHE B 229 -27.10 -22.12 2.70
C PHE B 229 -26.54 -23.22 1.80
N GLY B 230 -26.58 -24.46 2.28
CA GLY B 230 -26.21 -25.59 1.46
C GLY B 230 -24.79 -26.06 1.69
N LYS B 231 -24.40 -27.04 0.87
CA LYS B 231 -23.09 -27.69 0.98
C LYS B 231 -22.08 -26.88 0.19
N GLY B 232 -21.62 -25.78 0.80
CA GLY B 232 -20.58 -24.97 0.23
C GLY B 232 -19.50 -24.64 1.25
N ILE B 233 -18.60 -23.73 0.90
CA ILE B 233 -17.53 -23.30 1.80
C ILE B 233 -17.89 -21.90 2.30
N TYR B 234 -18.02 -21.77 3.62
CA TYR B 234 -18.54 -20.56 4.24
C TYR B 234 -17.42 -19.64 4.68
N PHE B 235 -17.61 -18.35 4.46
CA PHE B 235 -16.67 -17.32 4.90
C PHE B 235 -17.46 -16.15 5.49
N ALA B 236 -16.74 -15.26 6.19
CA ALA B 236 -17.33 -14.06 6.75
C ALA B 236 -16.39 -12.88 6.48
N ASP B 237 -16.95 -11.67 6.56
CA ASP B 237 -16.18 -10.45 6.50
C ASP B 237 -16.00 -9.79 7.86
N MET B 238 -16.52 -10.41 8.92
CA MET B 238 -16.35 -9.94 10.29
C MET B 238 -15.50 -10.96 11.02
N SER B 239 -14.32 -10.54 11.48
CA SER B 239 -13.36 -11.47 12.06
C SER B 239 -13.96 -12.31 13.17
N SER B 240 -14.83 -11.71 13.98
CA SER B 240 -15.34 -12.40 15.16
C SER B 240 -16.38 -13.46 14.82
N LYS B 241 -17.11 -13.30 13.71
CA LYS B 241 -18.05 -14.33 13.30
C LYS B 241 -17.32 -15.62 12.96
N SER B 242 -16.14 -15.52 12.34
CA SER B 242 -15.34 -16.69 12.03
C SER B 242 -14.55 -17.16 13.25
N ALA B 243 -14.03 -16.21 14.04
CA ALA B 243 -13.25 -16.56 15.22
C ALA B 243 -14.06 -17.34 16.25
N ASN B 244 -15.40 -17.19 16.24
CA ASN B 244 -16.22 -17.97 17.14
C ASN B 244 -16.16 -19.46 16.78
N TYR B 245 -15.94 -19.78 15.51
CA TYR B 245 -15.82 -21.17 15.11
C TYR B 245 -14.46 -21.77 15.44
N CYS B 246 -13.53 -20.97 15.96
CA CYS B 246 -12.35 -21.54 16.59
C CYS B 246 -12.70 -22.20 17.91
N PHE B 247 -13.80 -21.80 18.53
CA PHE B 247 -14.27 -22.33 19.81
C PHE B 247 -13.14 -22.36 20.83
N ALA B 248 -12.51 -21.21 21.00
CA ALA B 248 -11.47 -21.05 22.01
C ALA B 248 -12.08 -20.86 23.39
N SER B 249 -11.38 -21.35 24.40
CA SER B 249 -11.82 -21.26 25.79
C SER B 249 -10.86 -20.37 26.57
N ARG B 250 -11.23 -20.09 27.82
CA ARG B 250 -10.36 -19.29 28.68
C ARG B 250 -9.08 -20.02 29.03
N LEU B 251 -9.12 -21.36 29.06
CA LEU B 251 -7.93 -22.16 29.28
C LEU B 251 -7.16 -22.42 27.98
N LYS B 252 -7.90 -22.61 26.91
CA LYS B 252 -7.29 -22.77 25.58
C LYS B 252 -7.59 -21.49 24.81
N ASN B 253 -6.84 -20.41 25.06
CA ASN B 253 -7.13 -19.07 24.48
C ASN B 253 -6.21 -18.75 23.30
N THR B 254 -5.77 -19.77 22.59
CA THR B 254 -4.92 -19.55 21.42
C THR B 254 -5.50 -20.34 20.26
N GLY B 255 -5.78 -19.66 19.14
CA GLY B 255 -6.43 -20.29 18.02
C GLY B 255 -5.86 -19.80 16.69
N LEU B 256 -6.40 -20.35 15.61
CA LEU B 256 -5.94 -20.09 14.26
C LEU B 256 -7.10 -19.56 13.41
N LEU B 257 -6.84 -18.48 12.68
CA LEU B 257 -7.81 -17.90 11.76
C LEU B 257 -7.21 -17.89 10.37
N LEU B 258 -8.05 -18.18 9.36
CA LEU B 258 -7.60 -18.29 7.99
C LEU B 258 -8.19 -17.17 7.15
N LEU B 259 -7.34 -16.53 6.35
CA LEU B 259 -7.76 -15.55 5.36
C LEU B 259 -7.52 -16.13 3.98
N SER B 260 -8.58 -16.21 3.18
CA SER B 260 -8.52 -16.83 1.87
C SER B 260 -9.08 -15.89 0.82
N GLU B 261 -8.56 -16.01 -0.40
CA GLU B 261 -9.08 -15.28 -1.55
C GLU B 261 -10.22 -16.08 -2.14
N VAL B 262 -11.40 -15.46 -2.22
CA VAL B 262 -12.64 -16.15 -2.58
C VAL B 262 -13.19 -15.52 -3.84
N ALA B 263 -13.29 -16.31 -4.91
CA ALA B 263 -13.88 -15.85 -6.16
C ALA B 263 -15.40 -15.92 -6.04
N LEU B 264 -16.02 -14.79 -5.70
CA LEU B 264 -17.46 -14.78 -5.46
C LEU B 264 -18.26 -14.69 -6.75
N GLY B 265 -17.73 -14.01 -7.77
CA GLY B 265 -18.51 -13.81 -8.99
C GLY B 265 -19.77 -13.02 -8.69
N GLN B 266 -20.86 -13.42 -9.33
CA GLN B 266 -22.17 -12.86 -9.03
C GLN B 266 -22.75 -13.52 -7.80
N CYS B 267 -23.18 -12.71 -6.84
CA CYS B 267 -23.76 -13.21 -5.60
C CYS B 267 -25.28 -13.27 -5.71
N ASN B 268 -25.83 -14.44 -5.42
CA ASN B 268 -27.27 -14.55 -5.13
C ASN B 268 -27.45 -14.17 -3.67
N GLU B 269 -28.07 -13.03 -3.43
CA GLU B 269 -28.19 -12.50 -2.07
C GLU B 269 -29.50 -12.94 -1.45
N LEU B 270 -29.43 -13.47 -0.24
CA LEU B 270 -30.59 -14.00 0.46
C LEU B 270 -30.72 -13.36 1.82
N LEU B 271 -31.97 -13.16 2.25
CA LEU B 271 -32.25 -12.63 3.58
C LEU B 271 -32.36 -13.71 4.63
N GLU B 272 -32.79 -14.91 4.24
CA GLU B 272 -33.07 -15.99 5.16
C GLU B 272 -32.36 -17.25 4.72
N ALA B 273 -32.19 -18.17 5.67
CA ALA B 273 -31.54 -19.44 5.39
C ALA B 273 -32.33 -20.25 4.38
N ASN B 274 -31.63 -20.82 3.41
CA ASN B 274 -32.22 -21.74 2.44
C ASN B 274 -31.19 -22.83 2.18
N PRO B 275 -31.27 -23.96 2.90
CA PRO B 275 -30.31 -25.05 2.65
C PRO B 275 -30.25 -25.49 1.21
N LYS B 276 -31.27 -25.16 0.42
CA LYS B 276 -31.35 -25.50 -1.00
C LYS B 276 -30.90 -24.34 -1.88
N ALA B 277 -30.04 -23.46 -1.36
CA ALA B 277 -29.65 -22.25 -2.05
C ALA B 277 -28.80 -22.51 -3.28
N GLU B 278 -28.08 -23.64 -3.33
CA GLU B 278 -27.25 -23.93 -4.50
C GLU B 278 -28.09 -24.08 -5.75
N GLY B 279 -29.26 -24.69 -5.62
CA GLY B 279 -30.18 -24.79 -6.75
C GLY B 279 -30.77 -23.48 -7.21
N LEU B 280 -30.62 -22.42 -6.41
CA LEU B 280 -31.09 -21.09 -6.77
C LEU B 280 -30.03 -20.27 -7.49
N LEU B 281 -28.80 -20.78 -7.62
CA LEU B 281 -27.73 -20.02 -8.24
C LEU B 281 -28.05 -19.74 -9.71
N GLN B 282 -28.24 -20.81 -10.49
CA GLN B 282 -28.74 -20.74 -11.87
C GLN B 282 -27.96 -19.72 -12.69
N GLY B 283 -26.64 -19.91 -12.73
CA GLY B 283 -25.72 -19.03 -13.43
C GLY B 283 -24.88 -18.19 -12.51
N LYS B 284 -25.41 -17.83 -11.34
CA LYS B 284 -24.62 -17.11 -10.34
C LYS B 284 -23.59 -18.05 -9.72
N HIS B 285 -22.57 -17.46 -9.12
CA HIS B 285 -21.42 -18.22 -8.64
C HIS B 285 -21.31 -18.30 -7.13
N SER B 286 -22.23 -17.70 -6.38
CA SER B 286 -22.09 -17.69 -4.93
C SER B 286 -23.41 -17.29 -4.29
N THR B 287 -23.52 -17.58 -3.00
CA THR B 287 -24.64 -17.17 -2.16
C THR B 287 -24.11 -16.23 -1.07
N LYS B 288 -24.83 -15.15 -0.82
CA LYS B 288 -24.47 -14.20 0.22
C LYS B 288 -25.68 -13.99 1.13
N GLY B 289 -25.56 -14.45 2.38
CA GLY B 289 -26.55 -14.11 3.39
C GLY B 289 -26.31 -12.71 3.89
N LEU B 290 -27.35 -11.87 3.83
CA LEU B 290 -27.22 -10.45 4.14
C LEU B 290 -27.46 -10.21 5.62
N GLY B 291 -26.53 -9.49 6.27
CA GLY B 291 -26.66 -9.13 7.66
C GLY B 291 -27.00 -7.66 7.84
N LYS B 292 -27.24 -7.30 9.10
CA LYS B 292 -27.55 -5.91 9.44
C LYS B 292 -26.33 -5.01 9.46
N MET B 293 -25.13 -5.57 9.57
CA MET B 293 -23.91 -4.79 9.74
C MET B 293 -22.81 -5.40 8.89
N ALA B 294 -22.00 -4.54 8.28
CA ALA B 294 -20.94 -4.99 7.38
C ALA B 294 -19.97 -3.84 7.17
N PRO B 295 -18.74 -4.13 6.73
CA PRO B 295 -17.83 -3.06 6.33
C PRO B 295 -18.35 -2.32 5.11
N SER B 296 -17.89 -1.09 4.95
CA SER B 296 -18.30 -0.23 3.85
C SER B 296 -17.14 0.06 2.92
N SER B 297 -17.46 0.24 1.64
CA SER B 297 -16.44 0.34 0.60
C SER B 297 -15.47 1.49 0.82
N ALA B 298 -15.83 2.49 1.63
CA ALA B 298 -14.97 3.64 1.83
C ALA B 298 -13.65 3.29 2.52
N HIS B 299 -13.59 2.18 3.25
CA HIS B 299 -12.40 1.79 3.98
C HIS B 299 -11.70 0.60 3.35
N PHE B 300 -12.13 0.17 2.17
CA PHE B 300 -11.58 -1.02 1.54
C PHE B 300 -10.19 -0.74 0.97
N VAL B 301 -9.35 -1.76 1.00
CA VAL B 301 -8.05 -1.76 0.33
C VAL B 301 -7.94 -3.06 -0.47
N THR B 302 -6.85 -3.18 -1.22
CA THR B 302 -6.61 -4.34 -2.06
C THR B 302 -5.31 -5.03 -1.65
N LEU B 303 -5.33 -6.36 -1.61
CA LEU B 303 -4.15 -7.16 -1.29
C LEU B 303 -4.03 -8.26 -2.33
N ASN B 304 -2.95 -8.23 -3.11
CA ASN B 304 -2.68 -9.27 -4.11
C ASN B 304 -3.84 -9.43 -5.08
N GLY B 305 -4.50 -8.32 -5.40
CA GLY B 305 -5.65 -8.34 -6.28
C GLY B 305 -6.96 -8.68 -5.61
N SER B 306 -6.97 -8.93 -4.31
CA SER B 306 -8.19 -9.22 -3.58
C SER B 306 -8.61 -8.01 -2.76
N THR B 307 -9.92 -7.77 -2.69
CA THR B 307 -10.46 -6.66 -1.92
C THR B 307 -10.51 -7.04 -0.45
N VAL B 308 -9.91 -6.19 0.40
CA VAL B 308 -9.88 -6.40 1.84
C VAL B 308 -10.99 -5.54 2.46
N PRO B 309 -12.08 -6.14 2.93
CA PRO B 309 -13.20 -5.33 3.49
C PRO B 309 -12.92 -4.83 4.89
N LEU B 310 -12.07 -3.80 4.98
CA LEU B 310 -11.66 -3.25 6.26
C LEU B 310 -12.83 -2.54 6.94
N GLY B 311 -12.78 -2.50 8.26
CA GLY B 311 -13.73 -1.75 9.04
C GLY B 311 -13.36 -0.28 9.12
N PRO B 312 -14.13 0.47 9.92
CA PRO B 312 -15.24 0.06 10.80
C PRO B 312 -16.50 -0.38 10.06
N ALA B 313 -17.23 -1.33 10.63
CA ALA B 313 -18.48 -1.79 10.03
C ALA B 313 -19.62 -0.84 10.38
N SER B 314 -20.61 -0.78 9.49
CA SER B 314 -21.74 0.11 9.66
C SER B 314 -23.01 -0.62 9.29
N ASP B 315 -24.15 0.03 9.58
CA ASP B 315 -25.44 -0.57 9.31
C ASP B 315 -25.66 -0.74 7.82
N THR B 316 -26.23 -1.87 7.44
CA THR B 316 -26.50 -2.16 6.04
C THR B 316 -27.89 -1.74 5.59
N GLY B 317 -28.78 -1.42 6.53
CA GLY B 317 -30.17 -1.19 6.21
C GLY B 317 -30.97 -2.44 5.91
N ILE B 318 -30.36 -3.61 6.04
CA ILE B 318 -31.01 -4.87 5.72
C ILE B 318 -31.93 -5.29 6.86
N LEU B 319 -33.19 -5.59 6.53
CA LEU B 319 -34.13 -6.10 7.51
C LEU B 319 -35.06 -7.08 6.82
N ASN B 320 -35.06 -8.32 7.29
CA ASN B 320 -36.01 -9.31 6.82
C ASN B 320 -37.39 -8.99 7.41
N PRO B 321 -38.36 -8.57 6.61
CA PRO B 321 -39.70 -8.28 7.15
C PRO B 321 -40.55 -9.51 7.42
N ASP B 322 -40.04 -10.69 7.14
CA ASP B 322 -40.78 -11.95 7.26
C ASP B 322 -39.97 -12.98 8.04
N GLY B 323 -39.24 -12.55 9.06
CA GLY B 323 -38.54 -13.48 9.90
C GLY B 323 -37.18 -12.95 10.32
N TYR B 324 -36.28 -13.89 10.61
CA TYR B 324 -34.98 -13.56 11.17
C TYR B 324 -34.11 -12.81 10.17
N THR B 325 -33.32 -11.88 10.68
CA THR B 325 -32.33 -11.15 9.91
C THR B 325 -30.95 -11.45 10.47
N LEU B 326 -30.04 -11.90 9.62
CA LEU B 326 -28.68 -12.19 10.06
C LEU B 326 -28.05 -10.93 10.66
N ASN B 327 -27.24 -11.13 11.70
CA ASN B 327 -26.52 -10.00 12.28
C ASN B 327 -25.39 -9.55 11.37
N TYR B 328 -24.68 -10.50 10.75
CA TYR B 328 -23.53 -10.20 9.92
C TYR B 328 -23.55 -11.09 8.68
N ASN B 329 -22.76 -10.71 7.69
CA ASN B 329 -22.82 -11.35 6.38
C ASN B 329 -22.25 -12.77 6.41
N GLU B 330 -22.65 -13.55 5.41
CA GLU B 330 -22.07 -14.86 5.13
C GLU B 330 -21.90 -15.00 3.62
N TYR B 331 -20.73 -15.49 3.22
CA TYR B 331 -20.44 -15.79 1.82
C TYR B 331 -20.23 -17.28 1.65
N ILE B 332 -20.85 -17.85 0.63
CA ILE B 332 -20.82 -19.29 0.40
C ILE B 332 -20.51 -19.54 -1.07
N VAL B 333 -19.45 -20.30 -1.34
CA VAL B 333 -19.14 -20.79 -2.68
C VAL B 333 -19.19 -22.32 -2.64
N TYR B 334 -19.55 -22.91 -3.78
CA TYR B 334 -19.83 -24.33 -3.86
C TYR B 334 -18.85 -25.05 -4.79
N ASN B 335 -17.64 -24.50 -4.95
CA ASN B 335 -16.59 -25.18 -5.68
C ASN B 335 -15.26 -24.76 -5.08
N PRO B 336 -14.40 -25.70 -4.71
CA PRO B 336 -13.11 -25.34 -4.11
C PRO B 336 -12.22 -24.50 -5.01
N ASN B 337 -12.43 -24.51 -6.33
CA ASN B 337 -11.61 -23.70 -7.21
C ASN B 337 -11.93 -22.21 -7.14
N GLN B 338 -12.94 -21.83 -6.35
CA GLN B 338 -13.22 -20.43 -6.06
C GLN B 338 -12.55 -19.96 -4.77
N VAL B 339 -11.71 -20.80 -4.18
CA VAL B 339 -11.04 -20.50 -2.92
C VAL B 339 -9.54 -20.65 -3.10
N ARG B 340 -8.79 -19.69 -2.59
CA ARG B 340 -7.33 -19.78 -2.54
C ARG B 340 -6.88 -19.31 -1.16
N MET B 341 -6.29 -20.23 -0.39
CA MET B 341 -5.82 -19.89 0.95
C MET B 341 -4.56 -19.04 0.86
N ARG B 342 -4.49 -18.01 1.69
CA ARG B 342 -3.42 -17.03 1.58
C ARG B 342 -2.70 -16.77 2.90
N TYR B 343 -3.44 -16.50 3.96
CA TYR B 343 -2.86 -16.10 5.23
C TYR B 343 -3.42 -16.93 6.37
N LEU B 344 -2.54 -17.34 7.28
CA LEU B 344 -2.92 -18.06 8.50
C LEU B 344 -2.50 -17.22 9.70
N LEU B 345 -3.44 -16.98 10.60
CA LEU B 345 -3.24 -16.08 11.73
C LEU B 345 -3.23 -16.88 13.02
N LYS B 346 -2.13 -16.76 13.78
CA LYS B 346 -2.09 -17.30 15.14
C LYS B 346 -2.59 -16.21 16.07
N VAL B 347 -3.75 -16.43 16.68
CA VAL B 347 -4.50 -15.40 17.38
C VAL B 347 -4.66 -15.80 18.84
N GLN B 348 -4.53 -14.83 19.74
CA GLN B 348 -4.77 -15.00 21.16
C GLN B 348 -6.10 -14.35 21.51
N PHE B 349 -7.04 -15.15 22.02
CA PHE B 349 -8.32 -14.62 22.48
C PHE B 349 -8.17 -14.11 23.90
N ASN B 350 -8.64 -12.88 24.14
CA ASN B 350 -8.52 -12.23 25.44
C ASN B 350 -9.91 -12.11 26.05
N PHE B 351 -10.28 -13.10 26.86
CA PHE B 351 -11.57 -13.12 27.51
C PHE B 351 -11.60 -12.17 28.70
N LEU B 352 -12.74 -11.52 28.91
CA LEU B 352 -12.86 -10.54 29.98
C LEU B 352 -13.30 -11.20 31.28
N GLN B 353 -14.58 -11.11 31.60
CA GLN B 353 -15.18 -11.78 32.76
C GLN B 353 -16.71 -11.67 32.67
N GLY C 1 41.07 -32.83 -16.64
CA GLY C 1 42.42 -33.07 -17.13
C GLY C 1 43.16 -31.79 -17.45
N PRO C 2 42.75 -31.11 -18.52
CA PRO C 2 43.30 -29.80 -18.81
C PRO C 2 42.51 -28.70 -18.13
N GLU C 3 42.65 -27.46 -18.58
CA GLU C 3 41.87 -26.34 -18.07
C GLU C 3 40.98 -25.83 -19.19
N SER C 4 39.76 -25.42 -18.81
CA SER C 4 38.76 -25.03 -19.79
C SER C 4 39.24 -23.86 -20.64
N GLN C 5 38.88 -23.88 -21.92
CA GLN C 5 39.17 -22.81 -22.84
C GLN C 5 37.98 -21.88 -23.03
N LEU C 6 36.99 -21.95 -22.15
CA LEU C 6 35.75 -21.19 -22.29
C LEU C 6 35.73 -20.01 -21.32
N ASP C 7 35.01 -18.97 -21.71
CA ASP C 7 34.73 -17.87 -20.81
C ASP C 7 34.08 -18.40 -19.53
N LEU C 8 34.51 -17.87 -18.39
CA LEU C 8 34.00 -18.35 -17.11
C LEU C 8 32.48 -18.18 -17.02
N ARG C 9 31.92 -17.16 -17.69
CA ARG C 9 30.48 -17.00 -17.72
C ARG C 9 29.80 -18.14 -18.45
N VAL C 10 30.39 -18.61 -19.55
CA VAL C 10 29.86 -19.77 -20.25
C VAL C 10 29.98 -21.01 -19.39
N GLN C 11 31.13 -21.19 -18.72
CA GLN C 11 31.34 -22.32 -17.82
C GLN C 11 30.21 -22.39 -16.79
N GLU C 12 29.91 -21.27 -16.13
CA GLU C 12 28.84 -21.24 -15.15
C GLU C 12 27.51 -21.62 -15.77
N LEU C 13 27.28 -21.21 -17.03
CA LEU C 13 26.06 -21.61 -17.72
C LEU C 13 26.05 -23.11 -17.98
N ILE C 14 27.20 -23.70 -18.30
CA ILE C 14 27.27 -25.13 -18.54
C ILE C 14 27.07 -25.90 -17.24
N LYS C 15 27.70 -25.44 -16.16
CA LYS C 15 27.51 -26.08 -14.85
C LYS C 15 26.06 -25.96 -14.39
N LEU C 16 25.36 -24.91 -14.83
CA LEU C 16 23.99 -24.68 -14.37
C LEU C 16 23.00 -25.55 -15.15
N ILE C 17 23.20 -25.74 -16.45
CA ILE C 17 22.26 -26.51 -17.25
C ILE C 17 22.64 -27.97 -17.40
N CYS C 18 23.84 -28.37 -16.97
CA CYS C 18 24.27 -29.76 -17.04
C CYS C 18 24.29 -30.43 -15.68
N ASN C 19 23.52 -29.92 -14.72
CA ASN C 19 23.46 -30.47 -13.37
C ASN C 19 22.30 -31.47 -13.31
N VAL C 20 22.64 -32.75 -13.41
CA VAL C 20 21.60 -33.79 -13.43
C VAL C 20 20.92 -33.89 -12.06
N GLN C 21 21.68 -33.69 -10.98
CA GLN C 21 21.08 -33.74 -9.64
C GLN C 21 20.02 -32.66 -9.48
N ALA C 22 20.24 -31.48 -10.07
CA ALA C 22 19.23 -30.43 -10.01
C ALA C 22 17.98 -30.81 -10.78
N MET C 23 18.14 -31.47 -11.94
CA MET C 23 16.99 -31.95 -12.69
C MET C 23 16.23 -33.02 -11.90
N GLU C 24 16.95 -33.83 -11.13
CA GLU C 24 16.29 -34.83 -10.29
C GLU C 24 15.43 -34.17 -9.22
N GLU C 25 15.97 -33.16 -8.54
CA GLU C 25 15.22 -32.47 -7.50
C GLU C 25 14.02 -31.74 -8.08
N MET C 26 14.16 -31.19 -9.30
CA MET C 26 13.02 -30.59 -9.98
C MET C 26 11.91 -31.61 -10.20
N MET C 27 12.27 -32.79 -10.75
CA MET C 27 11.27 -33.83 -11.00
C MET C 27 10.63 -34.29 -9.71
N MET C 28 11.41 -34.41 -8.64
CA MET C 28 10.82 -34.69 -7.33
C MET C 28 9.81 -33.63 -6.94
N GLU C 29 10.13 -32.36 -7.21
CA GLU C 29 9.20 -31.28 -6.93
C GLU C 29 7.94 -31.36 -7.78
N MET C 30 8.01 -32.03 -8.94
CA MET C 30 6.85 -32.27 -9.77
C MET C 30 6.17 -33.61 -9.46
N LYS C 31 6.53 -34.24 -8.35
CA LYS C 31 5.92 -35.48 -7.88
C LYS C 31 6.22 -36.66 -8.81
N TYR C 32 7.32 -36.61 -9.54
CA TYR C 32 7.77 -37.73 -10.36
C TYR C 32 8.67 -38.62 -9.50
N ASN C 33 8.44 -39.93 -9.57
CA ASN C 33 9.21 -40.88 -8.77
C ASN C 33 10.57 -41.06 -9.42
N THR C 34 11.57 -40.36 -8.88
CA THR C 34 12.93 -40.46 -9.41
C THR C 34 13.61 -41.76 -9.04
N LYS C 35 13.05 -42.54 -8.11
CA LYS C 35 13.58 -43.86 -7.78
C LYS C 35 12.97 -44.94 -8.67
N LYS C 36 11.63 -45.04 -8.68
CA LYS C 36 10.96 -46.09 -9.43
C LYS C 36 11.27 -46.01 -10.91
N ALA C 37 11.50 -44.80 -11.43
CA ALA C 37 11.87 -44.59 -12.83
C ALA C 37 13.04 -43.62 -12.86
N PRO C 38 14.27 -44.12 -12.75
CA PRO C 38 15.43 -43.23 -12.72
C PRO C 38 15.59 -42.47 -14.03
N LEU C 39 15.99 -41.20 -13.92
CA LEU C 39 16.21 -40.40 -15.12
C LEU C 39 17.28 -41.00 -16.01
N GLY C 40 18.28 -41.65 -15.43
CA GLY C 40 19.27 -42.37 -16.21
C GLY C 40 18.74 -43.56 -16.97
N LYS C 41 17.54 -44.03 -16.62
CA LYS C 41 16.88 -45.11 -17.34
C LYS C 41 15.74 -44.60 -18.23
N LEU C 42 15.59 -43.28 -18.34
CA LEU C 42 14.53 -42.70 -19.16
C LEU C 42 14.76 -43.04 -20.63
N THR C 43 13.67 -43.35 -21.33
CA THR C 43 13.72 -43.66 -22.75
C THR C 43 12.65 -42.88 -23.49
N VAL C 44 12.88 -42.71 -24.79
CA VAL C 44 11.87 -42.08 -25.65
C VAL C 44 10.59 -42.90 -25.65
N ALA C 45 10.72 -44.23 -25.65
CA ALA C 45 9.56 -45.10 -25.65
C ALA C 45 8.69 -44.88 -24.41
N GLN C 46 9.32 -44.70 -23.25
CA GLN C 46 8.57 -44.52 -22.02
C GLN C 46 7.79 -43.21 -22.04
N ILE C 47 8.40 -42.14 -22.55
CA ILE C 47 7.72 -40.85 -22.60
C ILE C 47 6.58 -40.88 -23.62
N LYS C 48 6.82 -41.49 -24.78
CA LYS C 48 5.76 -41.58 -25.80
C LYS C 48 4.59 -42.41 -25.29
N ALA C 49 4.87 -43.48 -24.54
CA ALA C 49 3.79 -44.24 -23.91
C ALA C 49 3.05 -43.39 -22.88
N GLY C 50 3.75 -42.48 -22.22
CA GLY C 50 3.07 -41.56 -21.31
C GLY C 50 2.11 -40.65 -22.05
N TYR C 51 2.54 -40.12 -23.20
CA TYR C 51 1.65 -39.29 -24.01
C TYR C 51 0.42 -40.07 -24.45
N GLN C 52 0.60 -41.34 -24.85
CA GLN C 52 -0.52 -42.14 -25.33
C GLN C 52 -1.55 -42.36 -24.23
N SER C 53 -1.10 -42.58 -22.99
CA SER C 53 -2.04 -42.73 -21.90
C SER C 53 -2.75 -41.42 -21.58
N LEU C 54 -2.07 -40.29 -21.80
CA LEU C 54 -2.72 -39.00 -21.60
C LEU C 54 -3.84 -38.78 -22.61
N LYS C 55 -3.71 -39.37 -23.81
CA LYS C 55 -4.78 -39.27 -24.78
C LYS C 55 -6.02 -40.02 -24.33
N LYS C 56 -5.86 -41.14 -23.64
CA LYS C 56 -7.01 -41.86 -23.12
C LYS C 56 -7.66 -41.12 -21.96
N ILE C 57 -6.86 -40.39 -21.18
CA ILE C 57 -7.41 -39.53 -20.14
C ILE C 57 -8.18 -38.38 -20.78
N GLU C 58 -7.68 -37.85 -21.89
CA GLU C 58 -8.39 -36.79 -22.60
C GLU C 58 -9.74 -37.28 -23.13
N ASP C 59 -9.78 -38.53 -23.61
CA ASP C 59 -11.04 -39.10 -24.08
C ASP C 59 -12.06 -39.18 -22.94
N CYS C 60 -11.63 -39.63 -21.77
CA CYS C 60 -12.54 -39.70 -20.63
C CYS C 60 -12.98 -38.31 -20.18
N ILE C 61 -12.04 -37.35 -20.18
CA ILE C 61 -12.36 -35.99 -19.74
C ILE C 61 -13.33 -35.33 -20.71
N ARG C 62 -13.07 -35.47 -22.01
CA ARG C 62 -13.99 -34.93 -23.02
C ARG C 62 -15.40 -35.46 -22.83
N ALA C 63 -15.52 -36.74 -22.50
CA ALA C 63 -16.83 -37.36 -22.35
C ALA C 63 -17.45 -37.13 -20.97
N GLY C 64 -16.69 -36.55 -20.04
CA GLY C 64 -17.20 -36.39 -18.69
C GLY C 64 -17.24 -37.67 -17.88
N GLN C 65 -16.64 -38.74 -18.38
CA GLN C 65 -16.57 -40.01 -17.66
C GLN C 65 -15.45 -39.94 -16.64
N HIS C 66 -15.81 -39.64 -15.39
CA HIS C 66 -14.85 -39.53 -14.31
C HIS C 66 -14.95 -40.70 -13.34
N GLY C 67 -15.36 -41.86 -13.85
CA GLY C 67 -15.45 -43.06 -13.04
C GLY C 67 -14.39 -44.09 -13.40
N ARG C 68 -14.81 -45.35 -13.57
CA ARG C 68 -13.86 -46.44 -13.82
C ARG C 68 -12.97 -46.16 -15.02
N ALA C 69 -13.56 -45.60 -16.09
CA ALA C 69 -12.78 -45.35 -17.31
C ALA C 69 -11.60 -44.42 -17.04
N LEU C 70 -11.81 -43.39 -16.23
CA LEU C 70 -10.73 -42.47 -15.92
C LEU C 70 -9.70 -43.10 -15.00
N MET C 71 -10.17 -43.86 -14.01
CA MET C 71 -9.26 -44.48 -13.05
C MET C 71 -8.27 -45.42 -13.76
N GLU C 72 -8.77 -46.21 -14.72
CA GLU C 72 -7.90 -47.12 -15.44
C GLU C 72 -6.90 -46.35 -16.31
N ALA C 73 -7.37 -45.31 -17.00
CA ALA C 73 -6.48 -44.54 -17.87
C ALA C 73 -5.39 -43.83 -17.06
N CYS C 74 -5.76 -43.27 -15.91
CA CYS C 74 -4.76 -42.63 -15.05
C CYS C 74 -3.81 -43.67 -14.46
N ASN C 75 -4.34 -44.85 -14.09
CA ASN C 75 -3.49 -45.90 -13.55
C ASN C 75 -2.50 -46.40 -14.60
N GLU C 76 -2.92 -46.46 -15.86
CA GLU C 76 -1.98 -46.81 -16.91
C GLU C 76 -0.93 -45.72 -17.09
N PHE C 77 -1.35 -44.45 -17.02
CA PHE C 77 -0.40 -43.35 -17.09
C PHE C 77 0.60 -43.42 -15.95
N TYR C 78 0.10 -43.55 -14.71
CA TYR C 78 0.99 -43.61 -13.55
C TYR C 78 1.86 -44.85 -13.54
N THR C 79 1.47 -45.90 -14.27
CA THR C 79 2.34 -47.07 -14.40
C THR C 79 3.51 -46.79 -15.33
N ARG C 80 3.26 -46.03 -16.40
CA ARG C 80 4.34 -45.65 -17.31
C ARG C 80 5.13 -44.46 -16.78
N ILE C 81 4.44 -43.50 -16.17
CA ILE C 81 5.08 -42.32 -15.62
C ILE C 81 4.93 -42.34 -14.11
N PRO C 82 5.81 -43.03 -13.38
CA PRO C 82 5.59 -43.23 -11.94
C PRO C 82 5.63 -41.91 -11.17
N HIS C 83 4.63 -41.73 -10.32
CA HIS C 83 4.53 -40.56 -9.46
C HIS C 83 4.71 -40.96 -8.00
N ASP C 84 4.93 -39.95 -7.15
CA ASP C 84 5.17 -40.15 -5.72
C ASP C 84 4.45 -39.04 -4.98
N PHE C 85 3.28 -39.35 -4.43
CA PHE C 85 2.50 -38.42 -3.63
C PHE C 85 2.51 -38.79 -2.15
N GLY C 86 3.65 -39.33 -1.68
CA GLY C 86 3.88 -39.65 -0.29
C GLY C 86 2.74 -40.38 0.41
N LEU C 87 2.12 -39.71 1.38
CA LEU C 87 0.99 -40.26 2.13
C LEU C 87 -0.34 -39.86 1.51
N ARG C 88 -0.44 -40.02 0.19
CA ARG C 88 -1.69 -39.75 -0.53
C ARG C 88 -1.76 -40.69 -1.73
N THR C 89 -2.97 -40.88 -2.22
CA THR C 89 -3.03 -41.63 -3.47
C THR C 89 -2.93 -40.69 -4.66
N PRO C 90 -2.15 -41.05 -5.69
CA PRO C 90 -2.04 -40.20 -6.88
C PRO C 90 -3.42 -39.83 -7.42
N PRO C 91 -3.68 -38.54 -7.57
CA PRO C 91 -5.03 -38.09 -7.89
C PRO C 91 -5.41 -38.35 -9.34
N LEU C 92 -6.71 -38.42 -9.58
CA LEU C 92 -7.23 -38.48 -10.94
C LEU C 92 -6.96 -37.17 -11.65
N ILE C 93 -6.56 -37.26 -12.91
CA ILE C 93 -6.39 -36.09 -13.76
C ILE C 93 -7.72 -35.80 -14.43
N ARG C 94 -8.36 -34.68 -14.05
CA ARG C 94 -9.72 -34.39 -14.47
C ARG C 94 -9.87 -33.11 -15.28
N THR C 95 -8.95 -32.16 -15.17
CA THR C 95 -9.05 -30.89 -15.86
C THR C 95 -8.04 -30.83 -17.00
N GLN C 96 -8.28 -29.93 -17.94
CA GLN C 96 -7.32 -29.71 -19.02
C GLN C 96 -6.03 -29.10 -18.48
N LYS C 97 -6.13 -28.27 -17.44
CA LYS C 97 -4.93 -27.71 -16.82
C LYS C 97 -4.10 -28.80 -16.13
N GLU C 98 -4.77 -29.75 -15.49
CA GLU C 98 -4.06 -30.91 -14.94
C GLU C 98 -3.47 -31.76 -16.06
N LEU C 99 -4.11 -31.77 -17.24
CA LEU C 99 -3.55 -32.48 -18.38
C LEU C 99 -2.35 -31.74 -18.96
N SER C 100 -2.41 -30.41 -18.99
CA SER C 100 -1.28 -29.63 -19.46
C SER C 100 -0.09 -29.76 -18.53
N GLU C 101 -0.34 -29.89 -17.22
CA GLU C 101 0.74 -30.06 -16.27
C GLU C 101 1.45 -31.39 -16.47
N LYS C 102 0.70 -32.44 -16.82
CA LYS C 102 1.32 -33.72 -17.11
C LYS C 102 2.08 -33.68 -18.44
N ILE C 103 1.54 -32.93 -19.41
CA ILE C 103 2.26 -32.73 -20.67
C ILE C 103 3.58 -32.00 -20.43
N GLN C 104 3.54 -30.98 -19.57
CA GLN C 104 4.77 -30.24 -19.25
C GLN C 104 5.79 -31.12 -18.54
N LEU C 105 5.34 -32.06 -17.71
CA LEU C 105 6.25 -33.00 -17.08
C LEU C 105 6.94 -33.88 -18.12
N LEU C 106 6.18 -34.37 -19.11
CA LEU C 106 6.76 -35.22 -20.13
C LEU C 106 7.71 -34.43 -21.04
N GLU C 107 7.45 -33.14 -21.22
CA GLU C 107 8.35 -32.32 -22.02
C GLU C 107 9.71 -32.18 -21.36
N ALA C 108 9.73 -32.01 -20.03
CA ALA C 108 11.00 -31.92 -19.33
C ALA C 108 11.71 -33.27 -19.31
N LEU C 109 10.94 -34.36 -19.14
CA LEU C 109 11.54 -35.70 -19.20
C LEU C 109 12.18 -35.94 -20.57
N GLY C 110 11.57 -35.41 -21.63
CA GLY C 110 12.17 -35.54 -22.94
C GLY C 110 13.49 -34.81 -23.05
N ASP C 111 13.56 -33.59 -22.48
CA ASP C 111 14.81 -32.83 -22.54
C ASP C 111 15.86 -33.38 -21.58
N ILE C 112 15.44 -34.00 -20.47
CA ILE C 112 16.41 -34.58 -19.56
C ILE C 112 17.04 -35.82 -20.18
N GLU C 113 16.27 -36.57 -20.97
CA GLU C 113 16.85 -37.71 -21.66
C GLU C 113 17.95 -37.27 -22.62
N ILE C 114 17.73 -36.17 -23.33
CA ILE C 114 18.78 -35.60 -24.16
C ILE C 114 19.95 -35.17 -23.31
N ALA C 115 19.68 -34.52 -22.18
CA ALA C 115 20.75 -33.98 -21.33
C ALA C 115 21.66 -35.08 -20.81
N ILE C 116 21.06 -36.14 -20.25
CA ILE C 116 21.86 -37.21 -19.66
C ILE C 116 22.65 -37.95 -20.73
N LYS C 117 22.07 -38.11 -21.92
CA LYS C 117 22.80 -38.73 -23.02
C LYS C 117 23.99 -37.87 -23.44
N LEU C 118 23.83 -36.55 -23.37
CA LEU C 118 24.93 -35.65 -23.77
C LEU C 118 26.03 -35.63 -22.72
N VAL C 119 25.66 -35.55 -21.44
CA VAL C 119 26.67 -35.42 -20.40
C VAL C 119 27.40 -36.74 -20.15
N LYS C 120 26.79 -37.87 -20.47
CA LYS C 120 27.43 -39.17 -20.33
C LYS C 120 28.33 -39.51 -21.50
N SER C 121 28.53 -38.58 -22.43
CA SER C 121 29.44 -38.79 -23.55
C SER C 121 30.88 -38.98 -23.03
N GLU C 122 31.72 -39.51 -23.90
CA GLU C 122 33.09 -39.84 -23.52
C GLU C 122 34.02 -38.64 -23.71
N ARG C 123 35.04 -38.58 -22.86
CA ARG C 123 35.93 -37.44 -22.88
C ARG C 123 37.07 -37.66 -23.89
N GLN C 124 37.75 -36.57 -24.19
CA GLN C 124 39.02 -36.64 -24.90
C GLN C 124 40.19 -36.79 -23.96
N GLY C 125 39.93 -37.06 -22.67
CA GLY C 125 40.98 -37.08 -21.67
C GLY C 125 41.61 -35.71 -21.49
N LEU C 126 42.02 -35.10 -22.59
CA LEU C 126 42.60 -33.76 -22.62
C LEU C 126 41.58 -32.70 -23.01
N GLU C 127 40.29 -32.97 -22.82
CA GLU C 127 39.25 -31.97 -22.94
C GLU C 127 38.62 -31.73 -21.57
N HIS C 128 38.58 -30.47 -21.14
CA HIS C 128 37.92 -30.17 -19.88
C HIS C 128 36.45 -30.57 -19.98
N PRO C 129 35.91 -31.29 -18.98
CA PRO C 129 34.46 -31.62 -18.95
C PRO C 129 33.53 -30.57 -19.55
N LEU C 130 33.60 -29.33 -19.08
CA LEU C 130 32.68 -28.31 -19.55
C LEU C 130 32.87 -28.01 -21.03
N ASP C 131 34.11 -28.10 -21.54
CA ASP C 131 34.34 -27.80 -22.95
C ASP C 131 33.72 -28.85 -23.86
N GLN C 132 33.73 -30.11 -23.41
CA GLN C 132 33.08 -31.17 -24.19
C GLN C 132 31.57 -30.95 -24.26
N HIS C 133 30.94 -30.75 -23.11
CA HIS C 133 29.49 -30.53 -23.08
C HIS C 133 29.09 -29.37 -23.98
N TYR C 134 29.84 -28.27 -23.89
CA TYR C 134 29.56 -27.12 -24.74
C TYR C 134 29.71 -27.48 -26.21
N ARG C 135 30.78 -28.20 -26.56
CA ARG C 135 30.97 -28.64 -27.94
C ARG C 135 29.83 -29.53 -28.39
N ASN C 136 29.37 -30.42 -27.52
CA ASN C 136 28.29 -31.34 -27.89
C ASN C 136 26.95 -30.66 -28.01
N LEU C 137 26.82 -29.40 -27.57
CA LEU C 137 25.57 -28.68 -27.76
C LEU C 137 25.37 -28.29 -29.22
N HIS C 138 26.46 -28.16 -29.98
CA HIS C 138 26.40 -27.63 -31.35
C HIS C 138 25.65 -26.30 -31.39
N CYS C 139 25.93 -25.45 -30.41
CA CYS C 139 25.28 -24.15 -30.31
C CYS C 139 26.26 -23.17 -29.69
N ALA C 140 26.65 -22.16 -30.45
CA ALA C 140 27.53 -21.13 -29.92
C ALA C 140 26.81 -20.31 -28.86
N LEU C 141 27.51 -20.07 -27.75
CA LEU C 141 27.02 -19.20 -26.69
C LEU C 141 28.11 -18.17 -26.40
N ARG C 142 27.84 -16.91 -26.72
CA ARG C 142 28.84 -15.86 -26.63
C ARG C 142 28.40 -14.80 -25.63
N PRO C 143 29.11 -14.64 -24.51
CA PRO C 143 28.71 -13.65 -23.51
C PRO C 143 28.73 -12.24 -24.09
N LEU C 144 27.89 -11.38 -23.52
CA LEU C 144 27.72 -10.01 -23.97
C LEU C 144 28.03 -9.03 -22.85
N ASP C 145 28.62 -7.89 -23.22
CA ASP C 145 28.97 -6.88 -22.23
C ASP C 145 27.72 -6.22 -21.68
N HIS C 146 27.70 -5.98 -20.37
CA HIS C 146 26.57 -5.36 -19.72
C HIS C 146 26.41 -3.89 -20.11
N GLU C 147 27.42 -3.28 -20.71
CA GLU C 147 27.32 -1.93 -21.25
C GLU C 147 27.12 -1.91 -22.76
N SER C 148 26.93 -3.08 -23.37
CA SER C 148 26.64 -3.15 -24.80
C SER C 148 25.20 -2.70 -25.06
N TYR C 149 24.98 -2.18 -26.27
CA TYR C 149 23.65 -1.72 -26.65
C TYR C 149 22.63 -2.85 -26.56
N GLU C 150 23.04 -4.07 -26.90
CA GLU C 150 22.12 -5.21 -26.85
C GLU C 150 21.68 -5.50 -25.42
N PHE C 151 22.60 -5.38 -24.46
CA PHE C 151 22.22 -5.55 -23.06
C PHE C 151 21.22 -4.49 -22.63
N LYS C 152 21.30 -3.29 -23.20
CA LYS C 152 20.41 -2.21 -22.79
C LYS C 152 18.99 -2.44 -23.28
N VAL C 153 18.82 -2.70 -24.58
CA VAL C 153 17.49 -2.92 -25.14
C VAL C 153 16.83 -4.14 -24.49
N ILE C 154 17.58 -5.22 -24.35
CA ILE C 154 17.02 -6.45 -23.80
C ILE C 154 16.67 -6.27 -22.33
N SER C 155 17.50 -5.52 -21.59
CA SER C 155 17.14 -5.20 -20.21
C SER C 155 15.90 -4.33 -20.15
N GLN C 156 15.76 -3.38 -21.08
CA GLN C 156 14.55 -2.58 -21.16
C GLN C 156 13.37 -3.42 -21.62
N TYR C 157 13.60 -4.31 -22.59
CA TYR C 157 12.57 -5.24 -23.02
C TYR C 157 12.10 -6.12 -21.87
N LEU C 158 13.04 -6.57 -21.03
CA LEU C 158 12.68 -7.44 -19.91
C LEU C 158 11.82 -6.71 -18.88
N GLN C 159 12.16 -5.46 -18.58
CA GLN C 159 11.43 -4.74 -17.54
C GLN C 159 10.15 -4.12 -18.05
N SER C 160 10.18 -3.54 -19.26
CA SER C 160 9.00 -2.84 -19.77
C SER C 160 7.86 -3.80 -20.12
N THR C 161 8.15 -5.07 -20.32
CA THR C 161 7.11 -6.05 -20.66
C THR C 161 6.83 -7.02 -19.51
N HIS C 162 7.22 -6.67 -18.29
CA HIS C 162 6.83 -7.44 -17.12
C HIS C 162 5.37 -7.11 -16.79
N ALA C 163 4.51 -8.12 -16.86
CA ALA C 163 3.08 -7.90 -16.77
C ALA C 163 2.70 -7.40 -15.38
N PRO C 164 1.69 -6.52 -15.29
CA PRO C 164 1.23 -6.07 -13.97
C PRO C 164 0.55 -7.15 -13.16
N THR C 165 0.06 -8.22 -13.80
CA THR C 165 -0.57 -9.31 -13.07
C THR C 165 0.44 -10.29 -12.49
N HIS C 166 1.68 -10.28 -12.98
CA HIS C 166 2.73 -11.15 -12.47
C HIS C 166 3.63 -10.40 -11.49
N SER C 167 3.00 -9.76 -10.51
CA SER C 167 3.67 -8.87 -9.58
C SER C 167 4.30 -9.59 -8.40
N ASP C 168 4.19 -10.93 -8.33
CA ASP C 168 4.78 -11.66 -7.21
C ASP C 168 6.29 -11.78 -7.30
N TYR C 169 6.91 -11.23 -8.33
CA TYR C 169 8.37 -11.24 -8.43
C TYR C 169 8.83 -10.10 -9.33
N THR C 170 10.11 -9.77 -9.22
CA THR C 170 10.81 -8.93 -10.17
C THR C 170 11.97 -9.73 -10.75
N MET C 171 12.56 -9.23 -11.82
CA MET C 171 13.62 -9.92 -12.53
C MET C 171 14.84 -9.03 -12.68
N THR C 172 16.00 -9.59 -12.36
CA THR C 172 17.28 -8.91 -12.54
C THR C 172 18.12 -9.71 -13.54
N LEU C 173 18.61 -9.03 -14.57
CA LEU C 173 19.39 -9.67 -15.62
C LEU C 173 20.81 -9.88 -15.13
N LEU C 174 21.18 -11.15 -14.89
CA LEU C 174 22.52 -11.43 -14.38
C LEU C 174 23.53 -11.54 -15.52
N ASP C 175 23.12 -12.08 -16.66
CA ASP C 175 24.03 -12.24 -17.79
C ASP C 175 23.22 -12.43 -19.07
N LEU C 176 23.80 -12.01 -20.18
CA LEU C 176 23.17 -12.09 -21.49
C LEU C 176 24.14 -12.76 -22.45
N PHE C 177 23.66 -13.78 -23.16
CA PHE C 177 24.49 -14.53 -24.10
C PHE C 177 23.89 -14.44 -25.50
N GLU C 178 24.77 -14.33 -26.49
CA GLU C 178 24.37 -14.47 -27.88
C GLU C 178 24.25 -15.95 -28.22
N VAL C 179 23.20 -16.31 -28.96
CA VAL C 179 22.89 -17.71 -29.24
C VAL C 179 22.96 -17.91 -30.74
N GLU C 180 23.87 -18.80 -31.17
CA GLU C 180 23.96 -19.21 -32.57
C GLU C 180 23.88 -20.73 -32.62
N LYS C 181 22.69 -21.25 -32.89
CA LYS C 181 22.48 -22.69 -33.03
C LYS C 181 22.91 -23.13 -34.41
N ASP C 182 23.69 -24.21 -34.47
CA ASP C 182 24.20 -24.71 -35.74
C ASP C 182 23.05 -25.09 -36.68
N GLY C 183 23.05 -24.50 -37.87
CA GLY C 183 22.06 -24.79 -38.88
C GLY C 183 20.82 -23.92 -38.84
N GLU C 184 20.62 -23.21 -37.74
CA GLU C 184 19.35 -22.44 -37.56
C GLU C 184 19.25 -21.30 -38.58
N LYS C 185 20.37 -20.68 -38.95
CA LYS C 185 20.36 -19.64 -39.99
C LYS C 185 19.98 -20.23 -41.34
N GLU C 186 20.56 -21.38 -41.67
CA GLU C 186 20.37 -21.97 -42.99
C GLU C 186 18.94 -22.44 -43.22
N ALA C 187 18.19 -22.74 -42.15
CA ALA C 187 16.82 -23.20 -42.28
C ALA C 187 15.79 -22.09 -42.06
N PHE C 188 16.21 -20.92 -41.60
CA PHE C 188 15.27 -19.88 -41.21
C PHE C 188 14.53 -19.33 -42.42
N ARG C 189 13.27 -18.95 -42.19
CA ARG C 189 12.42 -18.38 -43.23
C ARG C 189 12.62 -16.86 -43.23
N GLU C 190 13.72 -16.43 -43.85
CA GLU C 190 13.98 -15.00 -44.00
C GLU C 190 12.92 -14.33 -44.85
N ASP C 191 12.27 -15.09 -45.74
CA ASP C 191 11.29 -14.52 -46.66
C ASP C 191 10.03 -14.06 -45.93
N LEU C 192 9.68 -14.70 -44.82
CA LEU C 192 8.44 -14.39 -44.13
C LEU C 192 8.49 -13.01 -43.49
N HIS C 193 7.39 -12.29 -43.58
CA HIS C 193 7.24 -10.98 -42.97
C HIS C 193 6.88 -11.12 -41.49
N ASN C 194 6.73 -9.99 -40.81
CA ASN C 194 6.37 -9.95 -39.39
C ASN C 194 7.36 -10.74 -38.55
N ARG C 195 8.65 -10.43 -38.74
CA ARG C 195 9.70 -11.06 -37.95
C ARG C 195 9.86 -10.31 -36.63
N MET C 196 9.65 -11.02 -35.52
CA MET C 196 9.62 -10.41 -34.20
C MET C 196 10.56 -11.15 -33.25
N LEU C 197 11.13 -10.41 -32.30
CA LEU C 197 11.92 -10.98 -31.22
C LEU C 197 11.00 -11.24 -30.04
N LEU C 198 10.68 -12.50 -29.80
CA LEU C 198 9.68 -12.89 -28.82
C LEU C 198 10.27 -13.83 -27.78
N TRP C 199 9.67 -13.81 -26.59
CA TRP C 199 10.18 -14.56 -25.44
C TRP C 199 9.76 -16.02 -25.48
N HIS C 200 10.56 -16.85 -24.81
CA HIS C 200 10.15 -18.22 -24.48
C HIS C 200 10.87 -18.63 -23.21
N GLY C 201 10.10 -19.01 -22.19
CA GLY C 201 10.67 -19.48 -20.94
C GLY C 201 10.53 -20.98 -20.78
N SER C 202 11.39 -21.57 -19.95
CA SER C 202 11.37 -23.02 -19.75
C SER C 202 12.12 -23.35 -18.47
N ARG C 203 11.81 -24.52 -17.91
CA ARG C 203 12.48 -24.96 -16.69
C ARG C 203 13.97 -25.16 -16.92
N MET C 204 14.72 -25.11 -15.83
CA MET C 204 16.17 -25.21 -15.90
C MET C 204 16.62 -26.52 -16.54
N SER C 205 15.85 -27.58 -16.35
CA SER C 205 16.23 -28.90 -16.84
C SER C 205 16.13 -29.04 -18.35
N ASN C 206 15.52 -28.07 -19.05
CA ASN C 206 15.19 -28.23 -20.45
C ASN C 206 16.19 -27.58 -21.40
N TRP C 207 17.17 -26.84 -20.88
CA TRP C 207 17.94 -25.96 -21.75
C TRP C 207 19.01 -26.70 -22.54
N VAL C 208 19.50 -27.83 -22.04
CA VAL C 208 20.40 -28.65 -22.86
C VAL C 208 19.65 -29.18 -24.08
N GLY C 209 18.39 -29.56 -23.88
CA GLY C 209 17.59 -29.99 -25.02
C GLY C 209 17.28 -28.85 -25.98
N ILE C 210 16.96 -27.67 -25.44
CA ILE C 210 16.60 -26.54 -26.30
C ILE C 210 17.82 -26.05 -27.07
N LEU C 211 18.99 -26.03 -26.44
CA LEU C 211 20.17 -25.51 -27.12
C LEU C 211 20.77 -26.52 -28.08
N SER C 212 20.60 -27.81 -27.83
CA SER C 212 21.15 -28.82 -28.73
C SER C 212 20.17 -29.24 -29.82
N HIS C 213 18.88 -29.27 -29.53
CA HIS C 213 17.88 -29.72 -30.48
C HIS C 213 16.93 -28.63 -30.94
N GLY C 214 17.04 -27.42 -30.40
CA GLY C 214 16.13 -26.35 -30.76
C GLY C 214 14.76 -26.55 -30.14
N LEU C 215 13.93 -25.50 -30.19
CA LEU C 215 12.55 -25.65 -29.77
C LEU C 215 11.81 -26.56 -30.74
N ARG C 216 11.03 -27.49 -30.19
CA ARG C 216 10.43 -28.55 -30.99
C ARG C 216 8.93 -28.61 -30.76
N ILE C 217 8.26 -29.29 -31.69
CA ILE C 217 6.81 -29.42 -31.70
C ILE C 217 6.42 -30.75 -31.06
N ALA C 218 5.32 -30.73 -30.29
CA ALA C 218 4.81 -31.87 -29.55
C ALA C 218 4.67 -33.11 -30.42
N PRO C 219 4.81 -34.31 -29.85
CA PRO C 219 4.71 -35.53 -30.65
C PRO C 219 3.28 -35.82 -31.06
N PRO C 220 3.07 -36.64 -32.09
CA PRO C 220 1.70 -36.89 -32.56
C PRO C 220 0.83 -37.62 -31.55
N GLU C 221 1.43 -38.39 -30.65
CA GLU C 221 0.65 -39.14 -29.66
C GLU C 221 0.21 -38.28 -28.48
N ALA C 222 0.54 -37.00 -28.48
CA ALA C 222 0.12 -36.11 -27.41
C ALA C 222 -1.34 -35.70 -27.60
N PRO C 223 -2.11 -35.56 -26.52
CA PRO C 223 -3.48 -35.07 -26.66
C PRO C 223 -3.50 -33.61 -27.09
N ILE C 224 -4.27 -33.33 -28.14
CA ILE C 224 -4.25 -31.99 -28.73
C ILE C 224 -4.90 -30.97 -27.79
N THR C 225 -5.84 -31.40 -26.95
CA THR C 225 -6.48 -30.46 -26.04
C THR C 225 -5.55 -29.96 -24.93
N GLY C 226 -4.34 -30.51 -24.83
CA GLY C 226 -3.37 -29.93 -23.92
C GLY C 226 -2.63 -28.74 -24.46
N TYR C 227 -3.00 -28.27 -25.65
CA TYR C 227 -2.35 -27.15 -26.32
C TYR C 227 -3.43 -26.18 -26.77
N MET C 228 -3.44 -24.98 -26.18
CA MET C 228 -4.49 -23.97 -26.43
C MET C 228 -4.66 -23.65 -27.91
N PHE C 229 -3.60 -23.76 -28.69
CA PHE C 229 -3.66 -23.37 -30.10
C PHE C 229 -2.93 -24.39 -30.98
N GLY C 230 -2.90 -25.64 -30.57
CA GLY C 230 -2.31 -26.69 -31.37
C GLY C 230 -0.86 -26.96 -31.02
N LYS C 231 -0.31 -27.96 -31.73
CA LYS C 231 1.06 -28.43 -31.48
C LYS C 231 2.03 -27.56 -32.27
N GLY C 232 2.36 -26.41 -31.69
CA GLY C 232 3.34 -25.52 -32.27
C GLY C 232 4.33 -25.02 -31.23
N ILE C 233 5.16 -24.05 -31.59
CA ILE C 233 6.11 -23.45 -30.68
C ILE C 233 5.52 -22.13 -30.19
N TYR C 234 5.36 -22.01 -28.88
CA TYR C 234 4.64 -20.91 -28.27
C TYR C 234 5.59 -19.80 -27.83
N PHE C 235 5.19 -18.55 -28.07
CA PHE C 235 6.01 -17.38 -27.80
C PHE C 235 5.14 -16.27 -27.21
N ALA C 236 5.77 -15.37 -26.47
CA ALA C 236 5.08 -14.25 -25.85
C ALA C 236 5.82 -12.95 -26.14
N ASP C 237 5.08 -11.84 -26.06
CA ASP C 237 5.68 -10.52 -26.14
C ASP C 237 5.83 -9.85 -24.78
N MET C 238 5.41 -10.54 -23.70
CA MET C 238 5.54 -10.03 -22.35
C MET C 238 6.50 -10.95 -21.60
N SER C 239 7.61 -10.38 -21.10
CA SER C 239 8.67 -11.18 -20.51
C SER C 239 8.15 -12.10 -19.42
N SER C 240 7.22 -11.61 -18.59
CA SER C 240 6.79 -12.38 -17.43
C SER C 240 5.88 -13.54 -17.81
N LYS C 241 5.10 -13.42 -18.89
CA LYS C 241 4.29 -14.54 -19.34
C LYS C 241 5.17 -15.75 -19.66
N SER C 242 6.32 -15.52 -20.29
CA SER C 242 7.26 -16.62 -20.53
C SER C 242 8.03 -16.96 -19.27
N ALA C 243 8.38 -15.94 -18.46
CA ALA C 243 9.22 -16.18 -17.29
C ALA C 243 8.57 -17.10 -16.28
N ASN C 244 7.23 -17.11 -16.22
CA ASN C 244 6.55 -18.03 -15.30
C ASN C 244 6.83 -19.47 -15.65
N TYR C 245 7.12 -19.77 -16.91
CA TYR C 245 7.42 -21.13 -17.33
C TYR C 245 8.84 -21.56 -17.00
N CYS C 246 9.66 -20.65 -16.44
CA CYS C 246 10.90 -21.09 -15.82
C CYS C 246 10.61 -21.84 -14.53
N PHE C 247 9.51 -21.51 -13.85
CA PHE C 247 9.10 -22.14 -12.60
C PHE C 247 10.21 -22.04 -11.56
N ALA C 248 10.75 -20.84 -11.40
CA ALA C 248 11.74 -20.60 -10.37
C ALA C 248 11.06 -20.54 -9.00
N SER C 249 11.87 -20.72 -7.96
CA SER C 249 11.39 -20.73 -6.59
C SER C 249 12.23 -19.78 -5.75
N ARG C 250 11.76 -19.52 -4.52
CA ARG C 250 12.56 -18.75 -3.58
C ARG C 250 13.90 -19.41 -3.32
N LEU C 251 13.92 -20.74 -3.33
CA LEU C 251 15.16 -21.49 -3.11
C LEU C 251 16.02 -21.50 -4.37
N LYS C 252 15.41 -21.80 -5.52
CA LYS C 252 16.10 -21.80 -6.81
C LYS C 252 15.56 -20.62 -7.62
N ASN C 253 16.09 -19.43 -7.33
CA ASN C 253 15.62 -18.20 -7.93
C ASN C 253 16.40 -17.81 -9.18
N THR C 254 17.03 -18.76 -9.84
CA THR C 254 17.74 -18.53 -11.10
C THR C 254 17.01 -19.25 -12.22
N GLY C 255 16.69 -18.51 -13.29
CA GLY C 255 16.07 -19.10 -14.44
C GLY C 255 16.69 -18.56 -15.72
N LEU C 256 16.36 -19.21 -16.82
CA LEU C 256 16.84 -18.82 -18.14
C LEU C 256 15.67 -18.43 -19.02
N LEU C 257 15.85 -17.37 -19.79
CA LEU C 257 14.82 -16.83 -20.66
C LEU C 257 15.42 -16.60 -22.04
N LEU C 258 14.73 -17.08 -23.06
CA LEU C 258 15.25 -17.10 -24.42
C LEU C 258 14.53 -16.09 -25.30
N LEU C 259 15.30 -15.35 -26.08
CA LEU C 259 14.78 -14.45 -27.10
C LEU C 259 15.12 -15.01 -28.48
N SER C 260 14.13 -15.10 -29.36
CA SER C 260 14.31 -15.72 -30.65
C SER C 260 13.65 -14.85 -31.72
N GLU C 261 14.22 -14.90 -32.92
CA GLU C 261 13.59 -14.27 -34.09
C GLU C 261 12.56 -15.23 -34.66
N VAL C 262 11.29 -14.79 -34.69
CA VAL C 262 10.17 -15.64 -35.03
C VAL C 262 9.52 -15.09 -36.29
N ALA C 263 9.49 -15.90 -37.35
CA ALA C 263 8.89 -15.51 -38.62
C ALA C 263 7.39 -15.79 -38.54
N LEU C 264 6.64 -14.77 -38.14
CA LEU C 264 5.19 -14.93 -37.99
C LEU C 264 4.50 -15.00 -39.33
N GLY C 265 4.95 -14.20 -40.30
CA GLY C 265 4.24 -14.13 -41.55
C GLY C 265 2.85 -13.56 -41.34
N GLN C 266 1.86 -14.26 -41.86
CA GLN C 266 0.46 -13.84 -41.75
C GLN C 266 -0.15 -14.52 -40.53
N CYS C 267 -0.59 -13.71 -39.56
CA CYS C 267 -1.15 -14.22 -38.33
C CYS C 267 -2.65 -14.46 -38.48
N ASN C 268 -3.09 -15.67 -38.17
CA ASN C 268 -4.51 -15.96 -37.98
C ASN C 268 -4.83 -15.69 -36.51
N GLU C 269 -5.67 -14.69 -36.27
CA GLU C 269 -5.86 -14.13 -34.94
C GLU C 269 -7.15 -14.66 -34.33
N LEU C 270 -7.05 -15.22 -33.13
CA LEU C 270 -8.18 -15.86 -32.45
C LEU C 270 -8.35 -15.26 -31.08
N LEU C 271 -9.61 -15.00 -30.72
CA LEU C 271 -9.96 -14.50 -29.39
C LEU C 271 -10.12 -15.62 -28.39
N GLU C 272 -10.64 -16.76 -28.82
CA GLU C 272 -10.84 -17.92 -27.98
C GLU C 272 -9.76 -18.97 -28.26
N ALA C 273 -9.64 -19.91 -27.33
CA ALA C 273 -8.73 -21.03 -27.52
C ALA C 273 -9.34 -22.03 -28.49
N ASN C 274 -8.50 -22.56 -29.37
CA ASN C 274 -8.92 -23.65 -30.24
C ASN C 274 -7.73 -24.57 -30.50
N PRO C 275 -7.71 -25.75 -29.89
CA PRO C 275 -6.57 -26.67 -30.09
C PRO C 275 -6.40 -27.14 -31.53
N LYS C 276 -7.41 -26.97 -32.38
CA LYS C 276 -7.31 -27.33 -33.79
C LYS C 276 -6.96 -26.13 -34.66
N ALA C 277 -6.20 -25.19 -34.12
CA ALA C 277 -5.97 -23.92 -34.81
C ALA C 277 -5.02 -24.06 -36.00
N GLU C 278 -4.12 -25.04 -35.96
CA GLU C 278 -3.21 -25.22 -37.09
C GLU C 278 -3.96 -25.51 -38.38
N GLY C 279 -5.09 -26.21 -38.29
CA GLY C 279 -5.90 -26.47 -39.46
C GLY C 279 -6.63 -25.26 -39.99
N LEU C 280 -6.72 -24.18 -39.21
CA LEU C 280 -7.45 -22.98 -39.61
C LEU C 280 -6.56 -21.95 -40.30
N LEU C 281 -5.27 -22.24 -40.49
CA LEU C 281 -4.37 -21.25 -41.07
C LEU C 281 -4.78 -20.90 -42.49
N GLN C 282 -5.01 -21.91 -43.32
CA GLN C 282 -5.57 -21.72 -44.66
C GLN C 282 -4.77 -20.71 -45.48
N GLY C 283 -3.44 -20.85 -45.44
CA GLY C 283 -2.54 -19.94 -46.12
C GLY C 283 -1.81 -18.99 -45.20
N LYS C 284 -2.33 -18.75 -44.00
CA LYS C 284 -1.62 -17.94 -43.03
C LYS C 284 -0.52 -18.76 -42.37
N HIS C 285 0.48 -18.05 -41.82
CA HIS C 285 1.71 -18.71 -41.41
C HIS C 285 1.85 -18.91 -39.91
N SER C 286 1.03 -18.23 -39.10
CA SER C 286 1.14 -18.35 -37.66
C SER C 286 -0.23 -18.11 -37.03
N THR C 287 -0.33 -18.43 -35.75
CA THR C 287 -1.53 -18.22 -34.96
C THR C 287 -1.21 -17.24 -33.83
N LYS C 288 -2.12 -16.29 -33.60
CA LYS C 288 -1.92 -15.27 -32.58
C LYS C 288 -3.12 -15.27 -31.64
N GLY C 289 -2.91 -15.74 -30.42
CA GLY C 289 -3.91 -15.57 -29.37
C GLY C 289 -3.94 -14.12 -28.92
N LEU C 290 -5.13 -13.53 -28.90
CA LEU C 290 -5.28 -12.09 -28.69
C LEU C 290 -5.55 -11.80 -27.22
N GLY C 291 -4.68 -11.01 -26.61
CA GLY C 291 -4.84 -10.59 -25.23
C GLY C 291 -5.31 -9.15 -25.12
N LYS C 292 -5.78 -8.80 -23.91
CA LYS C 292 -6.30 -7.47 -23.68
C LYS C 292 -5.20 -6.43 -23.42
N MET C 293 -3.99 -6.87 -23.08
CA MET C 293 -2.86 -5.99 -22.86
C MET C 293 -1.71 -6.41 -23.76
N ALA C 294 -1.04 -5.42 -24.36
CA ALA C 294 0.04 -5.71 -25.29
C ALA C 294 0.90 -4.47 -25.45
N PRO C 295 2.18 -4.62 -25.78
CA PRO C 295 3.00 -3.45 -26.09
C PRO C 295 2.46 -2.69 -27.28
N SER C 296 2.71 -1.38 -27.29
CA SER C 296 2.21 -0.49 -28.33
C SER C 296 3.30 -0.21 -29.34
N SER C 297 2.92 -0.24 -30.63
CA SER C 297 3.87 -0.02 -31.71
C SER C 297 4.59 1.31 -31.59
N ALA C 298 3.96 2.29 -30.94
CA ALA C 298 4.60 3.57 -30.71
C ALA C 298 5.89 3.46 -29.91
N HIS C 299 6.17 2.28 -29.33
CA HIS C 299 7.38 2.07 -28.56
C HIS C 299 8.32 1.07 -29.20
N PHE C 300 7.96 0.51 -30.35
CA PHE C 300 8.73 -0.59 -30.94
C PHE C 300 10.04 -0.07 -31.53
N VAL C 301 11.07 -0.93 -31.48
CA VAL C 301 12.33 -0.70 -32.16
C VAL C 301 12.67 -1.94 -32.96
N THR C 302 13.76 -1.86 -33.72
CA THR C 302 14.19 -2.93 -34.60
C THR C 302 15.60 -3.37 -34.22
N LEU C 303 15.80 -4.69 -34.15
CA LEU C 303 17.09 -5.27 -33.77
C LEU C 303 17.42 -6.39 -34.75
N ASN C 304 18.45 -6.18 -35.57
CA ASN C 304 18.92 -7.17 -36.54
C ASN C 304 17.81 -7.59 -37.51
N GLY C 305 16.95 -6.64 -37.87
CA GLY C 305 15.86 -6.91 -38.78
C GLY C 305 14.60 -7.44 -38.15
N SER C 306 14.54 -7.51 -36.82
CA SER C 306 13.37 -8.00 -36.11
C SER C 306 12.76 -6.90 -35.26
N THR C 307 11.44 -6.88 -35.15
CA THR C 307 10.75 -5.90 -34.34
C THR C 307 10.79 -6.32 -32.88
N VAL C 308 11.24 -5.41 -32.01
CA VAL C 308 11.29 -5.65 -30.58
C VAL C 308 10.03 -4.98 -29.96
N PRO C 309 9.06 -5.76 -29.52
CA PRO C 309 7.83 -5.14 -28.95
C PRO C 309 8.06 -4.57 -27.56
N LEU C 310 8.82 -3.47 -27.52
CA LEU C 310 9.12 -2.82 -26.25
C LEU C 310 7.85 -2.30 -25.59
N GLY C 311 7.80 -2.42 -24.27
CA GLY C 311 6.70 -1.87 -23.50
C GLY C 311 6.75 -0.36 -23.45
N PRO C 312 5.87 0.25 -22.64
CA PRO C 312 4.89 -0.37 -21.74
C PRO C 312 3.70 -0.96 -22.48
N ALA C 313 3.03 -1.93 -21.87
CA ALA C 313 1.83 -2.51 -22.47
C ALA C 313 0.61 -1.65 -22.16
N SER C 314 -0.34 -1.64 -23.09
CA SER C 314 -1.54 -0.85 -22.95
C SER C 314 -2.74 -1.69 -23.38
N ASP C 315 -3.93 -1.12 -23.20
CA ASP C 315 -5.15 -1.83 -23.57
C ASP C 315 -5.25 -1.98 -25.08
N THR C 316 -5.66 -3.17 -25.52
CA THR C 316 -5.76 -3.49 -26.94
C THR C 316 -7.15 -3.27 -27.52
N GLY C 317 -8.18 -3.15 -26.69
CA GLY C 317 -9.54 -3.10 -27.15
C GLY C 317 -10.18 -4.45 -27.39
N ILE C 318 -9.49 -5.53 -27.04
CA ILE C 318 -9.89 -6.88 -27.36
C ILE C 318 -10.71 -7.47 -26.21
N LEU C 319 -11.88 -8.01 -26.53
CA LEU C 319 -12.74 -8.61 -25.52
C LEU C 319 -13.56 -9.71 -26.17
N ASN C 320 -13.40 -10.93 -25.69
CA ASN C 320 -14.21 -12.05 -26.14
C ASN C 320 -15.62 -11.90 -25.57
N PRO C 321 -16.65 -11.73 -26.41
CA PRO C 321 -17.99 -11.46 -25.83
C PRO C 321 -18.60 -12.66 -25.14
N ASP C 322 -18.42 -13.85 -25.70
CA ASP C 322 -19.07 -15.06 -25.21
C ASP C 322 -18.10 -16.00 -24.50
N GLY C 323 -17.23 -15.44 -23.67
CA GLY C 323 -16.38 -16.32 -22.87
C GLY C 323 -15.10 -15.63 -22.42
N TYR C 324 -14.05 -16.44 -22.30
CA TYR C 324 -12.79 -16.01 -21.72
C TYR C 324 -11.97 -15.17 -22.69
N THR C 325 -11.36 -14.11 -22.17
CA THR C 325 -10.45 -13.26 -22.92
C THR C 325 -9.05 -13.40 -22.35
N LEU C 326 -8.08 -13.65 -23.24
CA LEU C 326 -6.69 -13.74 -22.80
C LEU C 326 -6.23 -12.41 -22.24
N ASN C 327 -5.39 -12.46 -21.21
CA ASN C 327 -4.83 -11.24 -20.65
C ASN C 327 -3.76 -10.66 -21.58
N TYR C 328 -2.88 -11.53 -22.09
CA TYR C 328 -1.77 -11.11 -22.93
C TYR C 328 -1.68 -12.00 -24.16
N ASN C 329 -0.96 -11.52 -25.17
CA ASN C 329 -0.93 -12.19 -26.45
C ASN C 329 -0.21 -13.54 -26.37
N GLU C 330 -0.29 -14.27 -27.48
CA GLU C 330 0.33 -15.58 -27.62
C GLU C 330 0.61 -15.82 -29.09
N TYR C 331 1.86 -16.13 -29.43
CA TYR C 331 2.27 -16.39 -30.80
C TYR C 331 2.69 -17.84 -30.93
N ILE C 332 2.16 -18.53 -31.95
CA ILE C 332 2.39 -19.96 -32.14
C ILE C 332 2.76 -20.20 -33.60
N VAL C 333 3.99 -20.66 -33.83
CA VAL C 333 4.42 -21.12 -35.13
C VAL C 333 4.41 -22.64 -35.11
N TYR C 334 4.14 -23.24 -36.27
CA TYR C 334 4.02 -24.69 -36.39
C TYR C 334 5.18 -25.32 -37.15
N ASN C 335 6.33 -24.65 -37.18
CA ASN C 335 7.52 -25.19 -37.82
C ASN C 335 8.77 -24.54 -37.22
N PRO C 336 9.77 -25.34 -36.84
CA PRO C 336 11.00 -24.74 -36.30
C PRO C 336 11.72 -23.81 -37.28
N ASN C 337 11.51 -23.99 -38.58
CA ASN C 337 12.18 -23.11 -39.54
C ASN C 337 11.68 -21.67 -39.47
N GLN C 338 10.68 -21.39 -38.64
CA GLN C 338 10.21 -20.04 -38.37
C GLN C 338 10.84 -19.46 -37.10
N VAL C 339 11.80 -20.16 -36.50
CA VAL C 339 12.42 -19.75 -35.24
C VAL C 339 13.93 -19.67 -35.45
N ARG C 340 14.53 -18.58 -34.97
CA ARG C 340 15.99 -18.44 -34.92
C ARG C 340 16.36 -17.92 -33.53
N MET C 341 17.02 -18.78 -32.75
CA MET C 341 17.42 -18.41 -31.39
C MET C 341 18.53 -17.36 -31.44
N ARG C 342 18.41 -16.34 -30.61
CA ARG C 342 19.34 -15.21 -30.69
C ARG C 342 19.98 -14.83 -29.36
N TYR C 343 19.21 -14.77 -28.28
CA TYR C 343 19.74 -14.33 -27.00
C TYR C 343 19.26 -15.26 -25.88
N LEU C 344 20.16 -15.55 -24.95
CA LEU C 344 19.85 -16.30 -23.74
C LEU C 344 20.11 -15.42 -22.52
N LEU C 345 19.12 -15.32 -21.64
CA LEU C 345 19.16 -14.42 -20.49
C LEU C 345 19.25 -15.24 -19.21
N LYS C 346 20.25 -14.93 -18.38
CA LYS C 346 20.36 -15.53 -17.05
C LYS C 346 19.72 -14.57 -16.06
N VAL C 347 18.62 -14.99 -15.45
CA VAL C 347 17.73 -14.10 -14.71
C VAL C 347 17.67 -14.54 -13.25
N GLN C 348 17.76 -13.58 -12.34
CA GLN C 348 17.57 -13.79 -10.92
C GLN C 348 16.18 -13.33 -10.53
N PHE C 349 15.35 -14.26 -10.08
CA PHE C 349 13.98 -13.93 -9.69
C PHE C 349 13.96 -13.44 -8.25
N ASN C 350 13.37 -12.25 -8.03
CA ASN C 350 13.29 -11.64 -6.71
C ASN C 350 11.84 -11.69 -6.24
N PHE C 351 11.54 -12.66 -5.38
CA PHE C 351 10.18 -12.84 -4.88
C PHE C 351 9.93 -11.93 -3.69
N LEU C 352 8.64 -11.73 -3.39
CA LEU C 352 8.26 -10.78 -2.34
C LEU C 352 8.73 -11.26 -0.98
N GLN C 353 9.22 -10.31 -0.18
CA GLN C 353 9.67 -10.61 1.18
C GLN C 353 8.51 -10.50 2.17
N GLY D 1 1.10 -9.77 -5.82
CA GLY D 1 2.14 -8.78 -5.62
C GLY D 1 1.63 -7.44 -5.16
N PRO D 2 2.52 -6.46 -5.09
CA PRO D 2 2.14 -5.15 -4.54
C PRO D 2 1.23 -4.39 -5.47
N GLU D 3 0.40 -3.55 -4.87
CA GLU D 3 -0.49 -2.66 -5.64
C GLU D 3 -0.52 -1.32 -4.91
N SER D 4 -0.40 -0.22 -5.65
CA SER D 4 -0.42 1.10 -5.04
C SER D 4 -1.83 1.48 -4.60
N GLN D 5 -1.95 1.98 -3.37
CA GLN D 5 -3.20 2.50 -2.86
C GLN D 5 -3.32 4.01 -3.03
N LEU D 6 -2.47 4.60 -3.87
CA LEU D 6 -2.44 6.03 -4.08
C LEU D 6 -3.37 6.44 -5.22
N ASP D 7 -3.71 7.72 -5.25
CA ASP D 7 -4.42 8.29 -6.39
C ASP D 7 -3.60 8.07 -7.65
N LEU D 8 -4.28 7.78 -8.76
CA LEU D 8 -3.58 7.44 -9.99
C LEU D 8 -2.67 8.57 -10.45
N ARG D 9 -3.09 9.82 -10.25
CA ARG D 9 -2.27 10.95 -10.69
C ARG D 9 -1.04 11.13 -9.81
N VAL D 10 -1.18 10.91 -8.50
CA VAL D 10 -0.02 10.94 -7.61
C VAL D 10 0.96 9.84 -7.98
N GLN D 11 0.44 8.66 -8.34
CA GLN D 11 1.29 7.55 -8.75
C GLN D 11 2.20 7.96 -9.91
N GLU D 12 1.63 8.57 -10.95
CA GLU D 12 2.43 9.00 -12.09
C GLU D 12 3.47 10.03 -11.68
N LEU D 13 3.11 10.93 -10.75
CA LEU D 13 4.05 11.93 -10.26
C LEU D 13 5.24 11.28 -9.57
N ILE D 14 4.99 10.38 -8.64
CA ILE D 14 6.10 9.76 -7.86
C ILE D 14 6.91 8.87 -8.80
N LYS D 15 6.24 8.29 -9.79
CA LYS D 15 6.92 7.41 -10.79
C LYS D 15 7.83 8.23 -11.70
N LEU D 16 7.75 9.54 -11.66
CA LEU D 16 8.56 10.37 -12.56
C LEU D 16 9.71 10.97 -11.77
N ILE D 17 9.45 11.41 -10.55
CA ILE D 17 10.49 12.11 -9.74
C ILE D 17 11.38 11.09 -9.06
N CYS D 18 11.04 9.81 -9.15
CA CYS D 18 11.81 8.79 -8.40
C CYS D 18 12.53 7.89 -9.41
N ASN D 19 12.55 8.29 -10.68
CA ASN D 19 13.32 7.53 -11.70
C ASN D 19 14.79 7.90 -11.57
N VAL D 20 15.61 6.93 -11.14
CA VAL D 20 17.05 7.18 -10.90
C VAL D 20 17.82 7.04 -12.21
N GLN D 21 17.33 6.19 -13.12
CA GLN D 21 17.98 6.07 -14.44
C GLN D 21 17.89 7.42 -15.13
N ALA D 22 16.75 8.08 -14.99
CA ALA D 22 16.60 9.42 -15.57
C ALA D 22 17.64 10.34 -14.94
N MET D 23 17.84 10.24 -13.62
CA MET D 23 18.83 11.07 -12.96
C MET D 23 20.24 10.77 -13.44
N GLU D 24 20.53 9.50 -13.77
CA GLU D 24 21.83 9.18 -14.34
C GLU D 24 21.99 9.83 -15.71
N GLU D 25 20.98 9.67 -16.58
CA GLU D 25 21.04 10.28 -17.90
C GLU D 25 21.11 11.79 -17.81
N MET D 26 20.45 12.40 -16.82
CA MET D 26 20.53 13.84 -16.66
C MET D 26 21.95 14.29 -16.28
N MET D 27 22.58 13.58 -15.35
CA MET D 27 23.93 13.96 -14.93
C MET D 27 24.94 13.75 -16.04
N MET D 28 24.78 12.68 -16.83
CA MET D 28 25.69 12.44 -17.94
C MET D 28 25.58 13.53 -18.99
N GLU D 29 24.35 13.99 -19.28
CA GLU D 29 24.18 15.12 -20.18
C GLU D 29 24.82 16.39 -19.63
N MET D 30 25.04 16.46 -18.31
CA MET D 30 25.79 17.55 -17.70
C MET D 30 27.28 17.24 -17.61
N LYS D 31 27.73 16.16 -18.26
CA LYS D 31 29.12 15.73 -18.36
C LYS D 31 29.69 15.21 -17.04
N TYR D 32 28.85 14.90 -16.06
CA TYR D 32 29.32 14.29 -14.82
C TYR D 32 29.57 12.80 -15.05
N ASN D 33 30.74 12.33 -14.60
CA ASN D 33 31.17 10.95 -14.85
C ASN D 33 30.48 10.04 -13.85
N THR D 34 29.33 9.49 -14.25
CA THR D 34 28.59 8.59 -13.39
C THR D 34 29.23 7.22 -13.26
N LYS D 35 30.21 6.88 -14.11
CA LYS D 35 30.86 5.58 -13.99
C LYS D 35 32.00 5.62 -12.97
N LYS D 36 32.80 6.69 -12.97
CA LYS D 36 33.83 6.83 -11.96
C LYS D 36 33.23 7.17 -10.60
N ALA D 37 32.21 8.02 -10.60
CA ALA D 37 31.55 8.46 -9.36
C ALA D 37 30.06 8.15 -9.47
N PRO D 38 29.67 6.89 -9.24
CA PRO D 38 28.24 6.54 -9.30
C PRO D 38 27.41 7.38 -8.33
N LEU D 39 26.17 7.64 -8.73
CA LEU D 39 25.30 8.49 -7.91
C LEU D 39 24.96 7.83 -6.59
N GLY D 40 24.93 6.50 -6.53
CA GLY D 40 24.73 5.81 -5.28
C GLY D 40 25.86 5.99 -4.27
N LYS D 41 27.01 6.49 -4.71
CA LYS D 41 28.13 6.80 -3.84
C LYS D 41 28.24 8.29 -3.54
N LEU D 42 27.27 9.08 -3.97
CA LEU D 42 27.28 10.51 -3.69
C LEU D 42 27.15 10.76 -2.19
N THR D 43 27.99 11.64 -1.66
CA THR D 43 27.93 12.03 -0.27
C THR D 43 27.78 13.54 -0.17
N VAL D 44 27.21 13.99 0.95
CA VAL D 44 27.08 15.42 1.19
C VAL D 44 28.46 16.07 1.26
N ALA D 45 29.42 15.41 1.93
CA ALA D 45 30.75 15.98 2.05
C ALA D 45 31.42 16.13 0.69
N GLN D 46 31.24 15.14 -0.18
CA GLN D 46 31.80 15.23 -1.53
C GLN D 46 31.25 16.44 -2.28
N ILE D 47 29.96 16.73 -2.10
CA ILE D 47 29.37 17.88 -2.77
C ILE D 47 29.86 19.19 -2.16
N LYS D 48 29.98 19.23 -0.83
CA LYS D 48 30.48 20.44 -0.18
C LYS D 48 31.93 20.73 -0.57
N ALA D 49 32.71 19.68 -0.83
CA ALA D 49 34.08 19.88 -1.29
C ALA D 49 34.11 20.58 -2.65
N GLY D 50 33.16 20.22 -3.53
CA GLY D 50 33.09 20.89 -4.82
C GLY D 50 32.76 22.37 -4.68
N TYR D 51 31.87 22.72 -3.76
CA TYR D 51 31.60 24.12 -3.48
C TYR D 51 32.85 24.84 -2.99
N GLN D 52 33.64 24.20 -2.13
CA GLN D 52 34.87 24.80 -1.65
C GLN D 52 35.88 24.97 -2.77
N SER D 53 35.94 24.00 -3.70
CA SER D 53 36.84 24.12 -4.84
C SER D 53 36.42 25.26 -5.75
N LEU D 54 35.11 25.43 -5.97
CA LEU D 54 34.63 26.53 -6.79
C LEU D 54 34.96 27.87 -6.15
N LYS D 55 34.94 27.94 -4.82
CA LYS D 55 35.31 29.19 -4.14
C LYS D 55 36.80 29.48 -4.31
N LYS D 56 37.65 28.44 -4.22
CA LYS D 56 39.06 28.61 -4.52
C LYS D 56 39.25 29.08 -5.96
N ILE D 57 38.39 28.63 -6.88
CA ILE D 57 38.43 29.11 -8.25
C ILE D 57 38.00 30.58 -8.31
N GLU D 58 36.89 30.91 -7.65
CA GLU D 58 36.42 32.29 -7.59
C GLU D 58 37.51 33.23 -7.07
N ASP D 59 38.29 32.76 -6.09
CA ASP D 59 39.36 33.58 -5.55
C ASP D 59 40.44 33.83 -6.59
N CYS D 60 40.83 32.78 -7.33
CA CYS D 60 41.85 32.93 -8.36
C CYS D 60 41.38 33.87 -9.46
N ILE D 61 40.13 33.71 -9.91
CA ILE D 61 39.58 34.61 -10.92
C ILE D 61 39.59 36.05 -10.41
N ARG D 62 39.12 36.26 -9.17
CA ARG D 62 39.05 37.60 -8.61
C ARG D 62 40.44 38.22 -8.49
N ALA D 63 41.43 37.44 -8.06
CA ALA D 63 42.78 37.95 -7.89
C ALA D 63 43.54 38.10 -9.22
N GLY D 64 42.93 37.74 -10.34
CA GLY D 64 43.65 37.80 -11.59
C GLY D 64 44.65 36.69 -11.81
N GLN D 65 44.74 35.74 -10.88
CA GLN D 65 45.65 34.60 -10.99
C GLN D 65 45.00 33.56 -11.89
N HIS D 66 45.22 33.69 -13.20
CA HIS D 66 44.62 32.82 -14.18
C HIS D 66 45.59 31.78 -14.73
N GLY D 67 46.65 31.49 -13.99
CA GLY D 67 47.62 30.50 -14.43
C GLY D 67 47.64 29.24 -13.61
N ARG D 68 48.79 28.91 -13.03
CA ARG D 68 48.94 27.67 -12.27
C ARG D 68 47.94 27.57 -11.13
N ALA D 69 47.58 28.70 -10.52
CA ALA D 69 46.62 28.69 -9.43
C ALA D 69 45.27 28.18 -9.90
N LEU D 70 44.74 28.76 -10.98
CA LEU D 70 43.46 28.33 -11.52
C LEU D 70 43.47 26.86 -11.90
N MET D 71 44.56 26.40 -12.52
CA MET D 71 44.63 25.01 -12.98
C MET D 71 44.47 24.04 -11.81
N GLU D 72 45.22 24.27 -10.73
CA GLU D 72 45.19 23.34 -9.60
C GLU D 72 43.84 23.37 -8.90
N ALA D 73 43.26 24.56 -8.72
CA ALA D 73 41.93 24.65 -8.12
C ALA D 73 40.89 23.94 -8.98
N CYS D 74 40.98 24.10 -10.30
CA CYS D 74 40.09 23.38 -11.19
C CYS D 74 40.38 21.89 -11.18
N ASN D 75 41.66 21.52 -11.12
CA ASN D 75 42.03 20.11 -11.03
C ASN D 75 41.49 19.48 -9.76
N GLU D 76 41.45 20.24 -8.66
CA GLU D 76 40.81 19.74 -7.45
C GLU D 76 39.33 19.50 -7.68
N PHE D 77 38.63 20.51 -8.21
CA PHE D 77 37.19 20.39 -8.45
C PHE D 77 36.87 19.18 -9.32
N TYR D 78 37.58 19.03 -10.44
CA TYR D 78 37.32 17.92 -11.35
C TYR D 78 37.71 16.57 -10.75
N THR D 79 38.53 16.57 -9.70
CA THR D 79 38.80 15.32 -9.00
C THR D 79 37.73 15.04 -7.94
N ARG D 80 37.25 16.08 -7.27
CA ARG D 80 36.15 15.92 -6.33
C ARG D 80 34.82 15.72 -7.04
N ILE D 81 34.66 16.34 -8.22
CA ILE D 81 33.45 16.18 -9.04
C ILE D 81 33.88 15.66 -10.40
N PRO D 82 34.00 14.33 -10.56
CA PRO D 82 34.54 13.79 -11.81
C PRO D 82 33.66 14.11 -13.01
N HIS D 83 34.30 14.59 -14.08
CA HIS D 83 33.63 14.88 -15.34
C HIS D 83 34.15 13.95 -16.42
N ASP D 84 33.41 13.92 -17.54
CA ASP D 84 33.79 13.13 -18.72
C ASP D 84 33.60 14.02 -19.94
N PHE D 85 34.68 14.66 -20.39
CA PHE D 85 34.67 15.46 -21.61
C PHE D 85 35.30 14.71 -22.79
N GLY D 86 35.25 13.38 -22.75
CA GLY D 86 35.80 12.61 -23.85
C GLY D 86 37.31 12.61 -23.83
N LEU D 87 37.90 12.97 -24.97
CA LEU D 87 39.36 12.99 -25.11
C LEU D 87 39.97 14.30 -24.63
N ARG D 88 39.22 15.39 -24.67
CA ARG D 88 39.73 16.66 -24.18
C ARG D 88 39.97 16.59 -22.68
N THR D 89 40.84 17.42 -22.23
CA THR D 89 40.94 17.56 -20.79
C THR D 89 39.90 18.56 -20.29
N PRO D 90 39.39 18.37 -19.07
CA PRO D 90 38.32 19.23 -18.56
C PRO D 90 38.69 20.69 -18.68
N PRO D 91 37.78 21.52 -19.19
CA PRO D 91 38.11 22.93 -19.41
C PRO D 91 38.22 23.71 -18.10
N LEU D 92 39.05 24.75 -18.14
CA LEU D 92 39.17 25.63 -17.00
C LEU D 92 37.92 26.47 -16.84
N ILE D 93 37.60 26.79 -15.58
CA ILE D 93 36.40 27.57 -15.24
C ILE D 93 36.84 28.99 -14.94
N ARG D 94 36.33 29.95 -15.72
CA ARG D 94 36.80 31.32 -15.63
C ARG D 94 35.67 32.34 -15.60
N THR D 95 34.56 32.04 -16.26
CA THR D 95 33.47 32.98 -16.36
C THR D 95 32.50 32.82 -15.20
N GLN D 96 31.60 33.80 -15.06
CA GLN D 96 30.52 33.67 -14.09
C GLN D 96 29.49 32.65 -14.56
N LYS D 97 29.20 32.64 -15.87
CA LYS D 97 28.24 31.68 -16.40
C LYS D 97 28.76 30.25 -16.27
N GLU D 98 30.08 30.06 -16.22
CA GLU D 98 30.63 28.74 -15.97
C GLU D 98 30.54 28.36 -14.51
N LEU D 99 30.72 29.34 -13.61
CA LEU D 99 30.53 29.08 -12.19
C LEU D 99 29.09 28.73 -11.87
N SER D 100 28.14 29.50 -12.41
CA SER D 100 26.73 29.22 -12.19
C SER D 100 26.32 27.88 -12.80
N GLU D 101 27.03 27.44 -13.85
CA GLU D 101 26.73 26.15 -14.46
C GLU D 101 27.15 25.01 -13.53
N LYS D 102 28.33 25.13 -12.93
CA LYS D 102 28.77 24.09 -11.99
C LYS D 102 27.95 24.13 -10.70
N ILE D 103 27.49 25.32 -10.30
CA ILE D 103 26.54 25.42 -9.20
C ILE D 103 25.27 24.63 -9.53
N GLN D 104 24.81 24.74 -10.77
CA GLN D 104 23.61 24.00 -11.18
C GLN D 104 23.83 22.50 -11.10
N LEU D 105 25.03 22.04 -11.42
CA LEU D 105 25.33 20.61 -11.30
C LEU D 105 25.38 20.19 -9.85
N LEU D 106 26.10 20.95 -9.02
CA LEU D 106 26.21 20.63 -7.60
C LEU D 106 24.84 20.61 -6.93
N GLU D 107 23.97 21.55 -7.31
CA GLU D 107 22.63 21.59 -6.75
C GLU D 107 21.84 20.35 -7.14
N ALA D 108 22.00 19.89 -8.38
CA ALA D 108 21.28 18.70 -8.82
C ALA D 108 21.81 17.46 -8.13
N LEU D 109 23.12 17.41 -7.86
CA LEU D 109 23.69 16.27 -7.14
C LEU D 109 23.15 16.18 -5.73
N GLY D 110 23.00 17.33 -5.05
CA GLY D 110 22.50 17.31 -3.68
C GLY D 110 21.09 16.77 -3.58
N ASP D 111 20.23 17.15 -4.53
CA ASP D 111 18.86 16.63 -4.52
C ASP D 111 18.80 15.18 -4.97
N ILE D 112 19.77 14.75 -5.78
CA ILE D 112 19.83 13.34 -6.16
C ILE D 112 20.32 12.50 -4.99
N GLU D 113 21.24 13.05 -4.19
CA GLU D 113 21.67 12.35 -2.98
C GLU D 113 20.51 12.17 -2.02
N ILE D 114 19.64 13.18 -1.90
CA ILE D 114 18.43 13.05 -1.11
C ILE D 114 17.50 12.02 -1.71
N ALA D 115 17.36 12.02 -3.04
CA ALA D 115 16.43 11.11 -3.70
C ALA D 115 16.88 9.66 -3.54
N ILE D 116 18.18 9.41 -3.64
CA ILE D 116 18.69 8.05 -3.52
C ILE D 116 18.47 7.52 -2.12
N LYS D 117 18.78 8.34 -1.09
CA LYS D 117 18.53 7.92 0.27
C LYS D 117 17.04 7.68 0.51
N LEU D 118 16.17 8.35 -0.25
CA LEU D 118 14.74 8.16 -0.05
C LEU D 118 14.27 6.83 -0.65
N VAL D 119 14.62 6.58 -1.92
CA VAL D 119 14.19 5.34 -2.56
C VAL D 119 14.85 4.15 -1.88
N LYS D 120 16.05 4.33 -1.33
CA LYS D 120 16.70 3.23 -0.61
C LYS D 120 15.99 2.93 0.70
N SER D 121 15.34 3.93 1.30
CA SER D 121 14.62 3.73 2.55
C SER D 121 13.48 2.73 2.41
N GLU D 122 13.03 2.46 1.19
CA GLU D 122 11.91 1.56 0.95
C GLU D 122 12.15 0.21 1.63
N ARG D 123 11.10 -0.32 2.23
CA ARG D 123 11.08 -1.68 2.75
C ARG D 123 10.42 -2.53 1.67
N GLN D 124 11.23 -3.31 0.96
CA GLN D 124 10.73 -4.10 -0.16
C GLN D 124 9.78 -5.17 0.34
N GLY D 125 8.55 -5.15 -0.17
CA GLY D 125 7.53 -6.09 0.25
C GLY D 125 6.21 -5.87 -0.46
N LEU D 126 5.11 -6.17 0.22
CA LEU D 126 3.80 -6.09 -0.42
C LEU D 126 3.30 -4.66 -0.56
N GLU D 127 3.90 -3.72 0.18
CA GLU D 127 3.57 -2.31 -0.02
C GLU D 127 4.26 -1.79 -1.28
N HIS D 128 3.49 -1.19 -2.17
CA HIS D 128 4.03 -0.71 -3.42
C HIS D 128 5.09 0.36 -3.17
N PRO D 129 6.20 0.36 -3.91
CA PRO D 129 7.26 1.34 -3.62
C PRO D 129 6.81 2.78 -3.76
N LEU D 130 5.90 3.06 -4.70
CA LEU D 130 5.41 4.42 -4.87
C LEU D 130 4.73 4.94 -3.62
N ASP D 131 4.00 4.06 -2.92
CA ASP D 131 3.34 4.47 -1.69
C ASP D 131 4.35 4.80 -0.60
N GLN D 132 5.44 4.03 -0.51
CA GLN D 132 6.46 4.30 0.49
C GLN D 132 7.19 5.60 0.18
N HIS D 133 7.61 5.77 -1.07
CA HIS D 133 8.32 7.00 -1.45
C HIS D 133 7.46 8.23 -1.18
N TYR D 134 6.15 8.13 -1.44
CA TYR D 134 5.25 9.24 -1.15
C TYR D 134 5.23 9.56 0.34
N ARG D 135 5.08 8.54 1.18
CA ARG D 135 5.06 8.75 2.63
C ARG D 135 6.40 9.27 3.12
N ASN D 136 7.50 8.75 2.58
CA ASN D 136 8.82 9.16 3.00
C ASN D 136 9.17 10.59 2.57
N LEU D 137 8.39 11.17 1.65
CA LEU D 137 8.64 12.55 1.25
C LEU D 137 8.22 13.55 2.32
N HIS D 138 7.34 13.14 3.25
CA HIS D 138 6.78 14.02 4.28
C HIS D 138 6.22 15.28 3.63
N CYS D 139 5.48 15.10 2.55
CA CYS D 139 4.92 16.20 1.78
C CYS D 139 3.67 15.69 1.07
N ALA D 140 2.50 16.15 1.51
CA ALA D 140 1.26 15.73 0.89
C ALA D 140 1.13 16.34 -0.50
N LEU D 141 0.58 15.55 -1.43
CA LEU D 141 0.32 16.00 -2.80
C LEU D 141 -1.10 15.58 -3.15
N ARG D 142 -2.01 16.55 -3.19
CA ARG D 142 -3.43 16.27 -3.36
C ARG D 142 -3.89 16.75 -4.73
N PRO D 143 -4.35 15.84 -5.60
CA PRO D 143 -4.74 16.27 -6.96
C PRO D 143 -5.96 17.17 -6.93
N LEU D 144 -5.93 18.21 -7.75
CA LEU D 144 -7.00 19.17 -7.87
C LEU D 144 -7.75 18.95 -9.17
N ASP D 145 -9.04 19.27 -9.16
CA ASP D 145 -9.89 19.04 -10.32
C ASP D 145 -9.81 20.21 -11.29
N HIS D 146 -9.94 19.91 -12.57
CA HIS D 146 -9.86 20.92 -13.62
C HIS D 146 -11.05 21.85 -13.63
N GLU D 147 -12.13 21.49 -12.95
CA GLU D 147 -13.30 22.34 -12.79
C GLU D 147 -13.21 23.24 -11.57
N SER D 148 -12.14 23.12 -10.80
CA SER D 148 -11.99 23.90 -9.57
C SER D 148 -11.57 25.33 -9.89
N TYR D 149 -11.86 26.22 -8.94
CA TYR D 149 -11.45 27.61 -9.08
C TYR D 149 -9.93 27.76 -9.02
N GLU D 150 -9.26 26.89 -8.27
CA GLU D 150 -7.80 26.92 -8.22
C GLU D 150 -7.20 26.57 -9.57
N PHE D 151 -7.71 25.51 -10.19
CA PHE D 151 -7.18 25.08 -11.49
C PHE D 151 -7.38 26.16 -12.54
N LYS D 152 -8.57 26.77 -12.59
CA LYS D 152 -8.85 27.78 -13.60
C LYS D 152 -7.95 28.99 -13.46
N VAL D 153 -7.75 29.45 -12.23
CA VAL D 153 -6.87 30.60 -11.99
C VAL D 153 -5.42 30.23 -12.31
N ILE D 154 -4.98 29.06 -11.83
CA ILE D 154 -3.59 28.65 -12.02
C ILE D 154 -3.32 28.38 -13.49
N SER D 155 -4.27 27.78 -14.20
CA SER D 155 -4.09 27.57 -15.64
C SER D 155 -3.98 28.90 -16.37
N GLN D 156 -4.68 29.91 -15.90
CA GLN D 156 -4.55 31.26 -16.52
C GLN D 156 -3.18 31.86 -16.22
N TYR D 157 -2.68 31.69 -15.01
CA TYR D 157 -1.35 32.23 -14.61
C TYR D 157 -0.29 31.62 -15.51
N LEU D 158 -0.48 30.37 -15.90
CA LEU D 158 0.50 29.69 -16.78
C LEU D 158 0.46 30.27 -18.18
N GLN D 159 -0.72 30.38 -18.76
CA GLN D 159 -0.85 30.79 -20.17
C GLN D 159 -0.72 32.30 -20.34
N SER D 160 -1.00 33.05 -19.29
CA SER D 160 -0.89 34.53 -19.34
C SER D 160 0.54 34.99 -19.05
N THR D 161 1.37 34.11 -18.50
CA THR D 161 2.75 34.50 -18.09
C THR D 161 3.76 33.82 -19.01
N HIS D 162 3.31 33.21 -20.09
CA HIS D 162 4.24 32.65 -21.10
C HIS D 162 4.79 33.84 -21.88
N ALA D 163 6.10 33.97 -21.86
CA ALA D 163 6.76 35.13 -22.45
C ALA D 163 6.93 34.97 -23.96
N PRO D 164 6.91 36.09 -24.69
CA PRO D 164 7.22 36.02 -26.13
C PRO D 164 8.63 35.55 -26.42
N THR D 165 9.60 35.96 -25.61
CA THR D 165 10.99 35.54 -25.79
C THR D 165 11.11 34.02 -25.80
N HIS D 166 10.17 33.32 -25.16
CA HIS D 166 10.11 31.86 -25.21
C HIS D 166 8.91 31.44 -26.06
N SER D 167 9.04 31.65 -27.38
CA SER D 167 8.01 31.30 -28.34
C SER D 167 8.20 29.93 -28.96
N ASP D 168 9.30 29.25 -28.63
CA ASP D 168 9.58 27.96 -29.26
C ASP D 168 8.56 26.90 -28.87
N TYR D 169 7.98 27.00 -27.67
CA TYR D 169 7.12 25.96 -27.14
C TYR D 169 5.83 26.56 -26.59
N THR D 170 4.80 25.72 -26.50
CA THR D 170 3.58 26.02 -25.79
C THR D 170 3.38 24.98 -24.70
N MET D 171 2.75 25.40 -23.60
CA MET D 171 2.69 24.61 -22.38
C MET D 171 1.25 24.21 -22.09
N THR D 172 1.03 22.92 -21.85
CA THR D 172 -0.29 22.37 -21.56
C THR D 172 -0.27 21.75 -20.17
N LEU D 173 -1.18 22.18 -19.31
CA LEU D 173 -1.26 21.67 -17.95
C LEU D 173 -2.01 20.36 -17.93
N LEU D 174 -1.37 19.32 -17.40
CA LEU D 174 -1.97 17.99 -17.30
C LEU D 174 -2.56 17.72 -15.92
N ASP D 175 -1.77 17.91 -14.87
CA ASP D 175 -2.22 17.65 -13.51
C ASP D 175 -1.78 18.80 -12.60
N LEU D 176 -2.60 19.08 -11.59
CA LEU D 176 -2.32 20.12 -10.61
C LEU D 176 -2.50 19.53 -9.22
N PHE D 177 -1.44 19.55 -8.43
CA PHE D 177 -1.45 19.01 -7.07
C PHE D 177 -1.28 20.13 -6.06
N GLU D 178 -2.06 20.07 -4.99
CA GLU D 178 -1.85 20.95 -3.85
C GLU D 178 -0.73 20.38 -2.99
N VAL D 179 0.18 21.26 -2.56
CA VAL D 179 1.40 20.86 -1.86
C VAL D 179 1.31 21.31 -0.41
N GLU D 180 1.69 20.41 0.50
CA GLU D 180 1.77 20.73 1.92
C GLU D 180 2.95 19.96 2.50
N LYS D 181 4.09 20.63 2.61
CA LYS D 181 5.27 20.04 3.24
C LYS D 181 5.15 20.13 4.76
N ASP D 182 5.49 19.05 5.44
CA ASP D 182 5.40 18.99 6.89
C ASP D 182 6.23 20.09 7.52
N GLY D 183 5.57 21.01 8.22
CA GLY D 183 6.24 22.06 8.97
C GLY D 183 6.34 23.39 8.26
N GLU D 184 5.87 23.50 7.01
CA GLU D 184 6.04 24.75 6.27
C GLU D 184 5.02 25.80 6.69
N LYS D 185 3.78 25.41 6.98
CA LYS D 185 2.79 26.38 7.43
C LYS D 185 3.17 26.98 8.77
N GLU D 186 3.68 26.14 9.69
CA GLU D 186 4.05 26.61 11.03
C GLU D 186 5.35 27.40 11.06
N ALA D 187 6.15 27.34 9.99
CA ALA D 187 7.36 28.14 9.88
C ALA D 187 7.15 29.41 9.04
N PHE D 188 6.04 29.51 8.32
CA PHE D 188 5.84 30.60 7.39
C PHE D 188 5.61 31.93 8.11
N ARG D 189 6.18 32.99 7.56
CA ARG D 189 5.95 34.35 8.06
C ARG D 189 4.62 34.84 7.51
N GLU D 190 3.53 34.44 8.18
CA GLU D 190 2.22 34.95 7.83
C GLU D 190 2.07 36.42 8.17
N ASP D 191 2.96 36.97 9.00
CA ASP D 191 2.87 38.36 9.39
C ASP D 191 3.25 39.29 8.24
N LEU D 192 4.13 38.85 7.36
CA LEU D 192 4.69 39.73 6.34
C LEU D 192 3.69 40.00 5.23
N HIS D 193 3.63 41.27 4.82
CA HIS D 193 2.79 41.71 3.73
C HIS D 193 3.42 41.32 2.39
N ASN D 194 2.71 41.64 1.30
CA ASN D 194 3.19 41.38 -0.06
C ASN D 194 3.46 39.88 -0.28
N ARG D 195 2.49 39.06 0.13
CA ARG D 195 2.57 37.62 -0.08
C ARG D 195 2.11 37.31 -1.50
N MET D 196 3.01 36.81 -2.33
CA MET D 196 2.72 36.59 -3.75
C MET D 196 2.96 35.14 -4.14
N LEU D 197 2.13 34.65 -5.05
CA LEU D 197 2.21 33.27 -5.57
C LEU D 197 3.14 33.28 -6.77
N LEU D 198 4.37 32.80 -6.58
CA LEU D 198 5.42 32.94 -7.57
C LEU D 198 5.87 31.56 -8.07
N TRP D 199 6.43 31.56 -9.27
CA TRP D 199 6.87 30.34 -9.93
C TRP D 199 8.26 29.93 -9.46
N HIS D 200 8.58 28.65 -9.70
CA HIS D 200 9.94 28.14 -9.54
C HIS D 200 10.06 26.85 -10.34
N GLY D 201 11.06 26.78 -11.21
CA GLY D 201 11.27 25.62 -12.05
C GLY D 201 12.61 24.97 -11.76
N SER D 202 12.70 23.67 -12.03
CA SER D 202 13.90 22.91 -11.77
C SER D 202 13.89 21.64 -12.60
N ARG D 203 15.07 21.02 -12.72
CA ARG D 203 15.18 19.76 -13.45
C ARG D 203 14.33 18.67 -12.81
N MET D 204 13.97 17.66 -13.60
CA MET D 204 13.18 16.56 -13.12
C MET D 204 13.89 15.79 -12.00
N SER D 205 15.22 15.87 -11.94
CA SER D 205 16.01 15.13 -10.96
C SER D 205 15.96 15.73 -9.57
N ASN D 206 15.46 16.95 -9.41
CA ASN D 206 15.58 17.66 -8.15
C ASN D 206 14.32 17.61 -7.29
N TRP D 207 13.20 17.11 -7.81
CA TRP D 207 11.91 17.35 -7.17
C TRP D 207 11.74 16.56 -5.89
N VAL D 208 12.37 15.39 -5.76
CA VAL D 208 12.31 14.67 -4.50
C VAL D 208 12.98 15.48 -3.40
N GLY D 209 14.10 16.12 -3.71
CA GLY D 209 14.73 17.01 -2.75
C GLY D 209 13.88 18.23 -2.47
N ILE D 210 13.31 18.82 -3.52
CA ILE D 210 12.50 20.04 -3.34
C ILE D 210 11.24 19.74 -2.54
N LEU D 211 10.58 18.62 -2.81
CA LEU D 211 9.35 18.32 -2.09
C LEU D 211 9.60 17.80 -0.68
N SER D 212 10.74 17.12 -0.46
CA SER D 212 11.01 16.54 0.85
C SER D 212 11.74 17.51 1.78
N HIS D 213 12.71 18.25 1.26
CA HIS D 213 13.50 19.15 2.09
C HIS D 213 13.24 20.63 1.79
N GLY D 214 12.28 20.94 0.91
CA GLY D 214 11.97 22.31 0.61
C GLY D 214 13.01 23.01 -0.24
N LEU D 215 12.65 24.16 -0.80
CA LEU D 215 13.62 24.99 -1.49
C LEU D 215 14.63 25.54 -0.49
N ARG D 216 15.91 25.30 -0.75
CA ARG D 216 16.95 25.61 0.22
C ARG D 216 17.88 26.70 -0.32
N ILE D 217 18.66 27.24 0.59
CA ILE D 217 19.59 28.34 0.32
C ILE D 217 20.99 27.76 0.15
N ALA D 218 21.78 28.41 -0.72
CA ALA D 218 23.11 27.93 -1.05
C ALA D 218 23.97 27.79 0.21
N PRO D 219 24.89 26.82 0.23
CA PRO D 219 25.73 26.62 1.42
C PRO D 219 26.72 27.75 1.57
N PRO D 220 27.30 27.92 2.77
CA PRO D 220 28.26 29.02 2.96
C PRO D 220 29.55 28.85 2.16
N GLU D 221 29.92 27.62 1.84
CA GLU D 221 31.15 27.35 1.10
C GLU D 221 31.04 27.69 -0.39
N ALA D 222 29.85 28.08 -0.85
CA ALA D 222 29.65 28.36 -2.26
C ALA D 222 30.16 29.76 -2.62
N PRO D 223 30.68 29.93 -3.83
CA PRO D 223 31.08 31.28 -4.29
C PRO D 223 29.83 32.15 -4.48
N ILE D 224 29.80 33.29 -3.79
CA ILE D 224 28.63 34.14 -3.89
C ILE D 224 28.51 34.79 -5.26
N THR D 225 29.59 34.78 -6.06
CA THR D 225 29.51 35.35 -7.40
C THR D 225 28.63 34.53 -8.33
N GLY D 226 28.49 33.24 -8.06
CA GLY D 226 27.62 32.40 -8.87
C GLY D 226 26.14 32.63 -8.69
N TYR D 227 25.75 33.60 -7.87
CA TYR D 227 24.34 33.89 -7.60
C TYR D 227 24.12 35.38 -7.86
N MET D 228 23.30 35.68 -8.87
CA MET D 228 23.22 37.05 -9.38
C MET D 228 22.71 38.04 -8.34
N PHE D 229 21.93 37.56 -7.36
CA PHE D 229 21.39 38.44 -6.32
C PHE D 229 21.60 37.85 -4.94
N GLY D 230 22.69 37.12 -4.74
CA GLY D 230 23.01 36.58 -3.45
C GLY D 230 22.49 35.18 -3.22
N LYS D 231 22.81 34.67 -2.03
CA LYS D 231 22.45 33.31 -1.64
C LYS D 231 21.04 33.33 -1.05
N GLY D 232 20.06 33.38 -1.94
CA GLY D 232 18.67 33.32 -1.55
C GLY D 232 17.90 32.29 -2.34
N ILE D 233 16.57 32.31 -2.24
CA ILE D 233 15.71 31.44 -3.03
C ILE D 233 15.04 32.29 -4.10
N TYR D 234 15.18 31.87 -5.35
CA TYR D 234 14.81 32.68 -6.50
C TYR D 234 13.43 32.28 -7.03
N PHE D 235 12.62 33.28 -7.34
CA PHE D 235 11.28 33.09 -7.86
C PHE D 235 11.04 34.02 -9.03
N ALA D 236 10.06 33.67 -9.86
CA ALA D 236 9.68 34.46 -11.03
C ALA D 236 8.16 34.62 -11.06
N ASP D 237 7.72 35.73 -11.65
CA ASP D 237 6.30 35.98 -11.86
C ASP D 237 5.87 35.66 -13.28
N MET D 238 6.75 35.08 -14.09
CA MET D 238 6.43 34.67 -15.45
C MET D 238 6.78 33.20 -15.60
N SER D 239 5.77 32.39 -15.94
CA SER D 239 5.94 30.94 -15.96
C SER D 239 7.08 30.52 -16.88
N SER D 240 7.26 31.24 -17.99
CA SER D 240 8.24 30.84 -19.00
C SER D 240 9.66 31.01 -18.50
N LYS D 241 9.91 31.98 -17.62
CA LYS D 241 11.25 32.12 -17.04
C LYS D 241 11.59 30.93 -16.17
N SER D 242 10.67 30.53 -15.28
CA SER D 242 10.91 29.38 -14.43
C SER D 242 10.98 28.10 -15.24
N ALA D 243 10.17 27.99 -16.30
CA ALA D 243 10.14 26.77 -17.10
C ALA D 243 11.45 26.52 -17.83
N ASN D 244 12.26 27.56 -18.05
CA ASN D 244 13.58 27.35 -18.64
C ASN D 244 14.41 26.40 -17.79
N TYR D 245 14.33 26.56 -16.47
CA TYR D 245 15.12 25.75 -15.55
C TYR D 245 14.59 24.33 -15.41
N CYS D 246 13.46 24.00 -16.04
CA CYS D 246 13.04 22.61 -16.14
C CYS D 246 13.92 21.84 -17.11
N PHE D 247 14.43 22.54 -18.13
CA PHE D 247 15.30 21.93 -19.15
C PHE D 247 14.61 20.75 -19.83
N ALA D 248 13.38 21.00 -20.28
CA ALA D 248 12.63 20.02 -21.03
C ALA D 248 13.04 20.02 -22.50
N SER D 249 12.70 18.94 -23.19
CA SER D 249 13.11 18.77 -24.56
C SER D 249 12.05 17.97 -25.31
N ARG D 250 12.18 17.93 -26.64
CA ARG D 250 11.31 17.07 -27.43
C ARG D 250 11.41 15.63 -26.94
N LEU D 251 12.62 15.18 -26.60
CA LEU D 251 12.84 13.89 -25.95
C LEU D 251 11.97 13.76 -24.70
N LYS D 252 12.31 14.52 -23.65
CA LYS D 252 11.58 14.47 -22.38
C LYS D 252 10.71 15.72 -22.31
N ASN D 253 9.47 15.59 -22.77
CA ASN D 253 8.55 16.71 -22.93
C ASN D 253 7.72 16.97 -21.68
N THR D 254 8.14 16.46 -20.53
CA THR D 254 7.38 16.62 -19.29
C THR D 254 8.25 17.31 -18.25
N GLY D 255 7.72 18.38 -17.67
CA GLY D 255 8.41 19.07 -16.61
C GLY D 255 7.42 19.50 -15.53
N LEU D 256 7.96 19.78 -14.36
CA LEU D 256 7.17 20.22 -13.22
C LEU D 256 7.46 21.69 -12.92
N LEU D 257 6.40 22.43 -12.60
CA LEU D 257 6.50 23.83 -12.21
C LEU D 257 5.90 24.00 -10.83
N LEU D 258 6.62 24.65 -9.94
CA LEU D 258 6.18 24.87 -8.56
C LEU D 258 5.65 26.29 -8.40
N LEU D 259 4.52 26.41 -7.71
CA LEU D 259 3.96 27.69 -7.33
C LEU D 259 3.95 27.77 -5.81
N SER D 260 4.67 28.75 -5.25
CA SER D 260 4.82 28.88 -3.81
C SER D 260 4.38 30.26 -3.35
N GLU D 261 3.85 30.31 -2.13
CA GLU D 261 3.54 31.58 -1.50
C GLU D 261 4.83 32.18 -0.93
N VAL D 262 5.20 33.35 -1.43
CA VAL D 262 6.45 34.00 -1.06
C VAL D 262 6.11 35.28 -0.30
N ALA D 263 6.54 35.34 0.97
CA ALA D 263 6.34 36.53 1.80
C ALA D 263 7.46 37.50 1.50
N LEU D 264 7.20 38.45 0.60
CA LEU D 264 8.26 39.36 0.17
C LEU D 264 8.40 40.56 1.08
N GLY D 265 7.33 40.97 1.76
CA GLY D 265 7.41 42.17 2.58
C GLY D 265 7.66 43.38 1.71
N GLN D 266 8.69 44.14 2.05
CA GLN D 266 9.12 45.29 1.26
C GLN D 266 10.37 44.91 0.50
N CYS D 267 10.30 44.98 -0.83
CA CYS D 267 11.39 44.55 -1.69
C CYS D 267 12.36 45.70 -1.96
N ASN D 268 13.65 45.38 -2.01
CA ASN D 268 14.66 46.29 -2.50
C ASN D 268 14.79 46.07 -4.00
N GLU D 269 14.40 47.07 -4.79
CA GLU D 269 14.34 46.93 -6.23
C GLU D 269 15.70 47.23 -6.85
N LEU D 270 16.21 46.31 -7.65
CA LEU D 270 17.46 46.48 -8.38
C LEU D 270 17.21 46.34 -9.87
N LEU D 271 18.01 47.04 -10.66
CA LEU D 271 17.94 46.96 -12.11
C LEU D 271 19.12 46.22 -12.72
N GLU D 272 20.13 45.90 -11.92
CA GLU D 272 21.34 45.25 -12.39
C GLU D 272 21.76 44.20 -11.38
N ALA D 273 22.45 43.17 -11.86
CA ALA D 273 22.86 42.08 -10.99
C ALA D 273 23.85 42.55 -9.93
N ASN D 274 23.74 41.98 -8.73
CA ASN D 274 24.68 42.22 -7.65
C ASN D 274 24.65 41.06 -6.66
N PRO D 275 25.66 40.19 -6.67
CA PRO D 275 25.66 39.04 -5.74
C PRO D 275 25.69 39.44 -4.27
N LYS D 276 25.97 40.70 -3.95
CA LYS D 276 25.95 41.17 -2.57
C LYS D 276 24.69 41.97 -2.26
N ALA D 277 23.56 41.59 -2.87
CA ALA D 277 22.33 42.34 -2.68
C ALA D 277 21.74 42.14 -1.28
N GLU D 278 22.04 41.01 -0.63
CA GLU D 278 21.51 40.76 0.69
C GLU D 278 21.96 41.84 1.68
N GLY D 279 23.20 42.32 1.54
CA GLY D 279 23.66 43.39 2.40
C GLY D 279 22.95 44.71 2.15
N LEU D 280 22.42 44.90 0.94
CA LEU D 280 21.70 46.12 0.60
C LEU D 280 20.24 46.09 1.05
N LEU D 281 19.77 44.99 1.64
CA LEU D 281 18.41 44.93 2.13
C LEU D 281 18.15 46.01 3.17
N GLN D 282 18.88 45.95 4.28
CA GLN D 282 18.87 46.99 5.31
C GLN D 282 17.44 47.27 5.78
N GLY D 283 16.87 46.28 6.46
CA GLY D 283 15.51 46.36 6.93
C GLY D 283 14.47 45.87 5.96
N LYS D 284 14.76 45.92 4.66
CA LYS D 284 13.86 45.33 3.67
C LYS D 284 13.91 43.82 3.76
N HIS D 285 12.91 43.17 3.18
CA HIS D 285 12.72 41.74 3.35
C HIS D 285 13.02 40.92 2.09
N SER D 286 13.26 41.55 0.95
CA SER D 286 13.44 40.79 -0.28
C SER D 286 14.12 41.67 -1.31
N THR D 287 14.68 41.01 -2.33
CA THR D 287 15.32 41.67 -3.46
C THR D 287 14.53 41.37 -4.73
N LYS D 288 14.12 42.41 -5.43
CA LYS D 288 13.41 42.27 -6.70
C LYS D 288 14.29 42.79 -7.82
N GLY D 289 14.72 41.88 -8.69
CA GLY D 289 15.41 42.28 -9.91
C GLY D 289 14.40 42.70 -10.95
N LEU D 290 14.51 43.94 -11.45
CA LEU D 290 13.51 44.51 -12.33
C LEU D 290 13.81 44.16 -13.79
N GLY D 291 12.81 43.60 -14.48
CA GLY D 291 12.93 43.24 -15.87
C GLY D 291 11.99 44.03 -16.75
N LYS D 292 12.20 43.91 -18.07
CA LYS D 292 11.38 44.65 -19.02
C LYS D 292 9.95 44.15 -19.02
N MET D 293 9.76 42.87 -19.29
CA MET D 293 8.43 42.29 -19.43
C MET D 293 7.93 41.80 -18.07
N ALA D 294 6.80 42.33 -17.63
CA ALA D 294 6.26 41.99 -16.32
C ALA D 294 4.75 42.13 -16.37
N PRO D 295 4.01 41.32 -15.60
CA PRO D 295 2.57 41.51 -15.49
C PRO D 295 2.25 42.86 -14.85
N SER D 296 1.03 43.33 -15.10
CA SER D 296 0.58 44.62 -14.59
C SER D 296 -0.35 44.41 -13.40
N SER D 297 -0.25 45.31 -12.42
CA SER D 297 -1.00 45.16 -11.18
C SER D 297 -2.51 45.16 -11.41
N ALA D 298 -2.96 45.82 -12.48
CA ALA D 298 -4.40 45.91 -12.73
C ALA D 298 -5.03 44.57 -13.06
N HIS D 299 -4.23 43.56 -13.40
CA HIS D 299 -4.73 42.22 -13.69
C HIS D 299 -4.63 41.28 -12.50
N PHE D 300 -4.07 41.73 -11.38
CA PHE D 300 -3.82 40.86 -10.25
C PHE D 300 -5.11 40.39 -9.60
N VAL D 301 -5.07 39.17 -9.06
CA VAL D 301 -6.20 38.61 -8.31
C VAL D 301 -5.68 38.01 -7.01
N THR D 302 -6.55 37.29 -6.29
CA THR D 302 -6.19 36.65 -5.03
C THR D 302 -6.60 35.19 -5.04
N LEU D 303 -5.71 34.34 -4.53
CA LEU D 303 -5.99 32.92 -4.30
C LEU D 303 -5.56 32.58 -2.89
N ASN D 304 -6.54 32.46 -1.98
CA ASN D 304 -6.31 32.04 -0.60
C ASN D 304 -5.25 32.92 0.09
N GLY D 305 -5.51 34.22 0.10
CA GLY D 305 -4.62 35.15 0.77
C GLY D 305 -3.29 35.35 0.10
N SER D 306 -3.18 35.08 -1.20
CA SER D 306 -1.94 35.29 -1.94
C SER D 306 -2.25 36.01 -3.24
N THR D 307 -1.36 36.92 -3.64
CA THR D 307 -1.53 37.68 -4.86
C THR D 307 -1.03 36.87 -6.06
N VAL D 308 -1.92 36.59 -7.01
CA VAL D 308 -1.57 35.95 -8.27
C VAL D 308 -1.25 37.07 -9.28
N PRO D 309 0.01 37.24 -9.67
CA PRO D 309 0.33 38.28 -10.68
C PRO D 309 -0.02 37.83 -12.09
N LEU D 310 -1.31 37.93 -12.40
CA LEU D 310 -1.83 37.40 -13.65
C LEU D 310 -1.36 38.24 -14.84
N GLY D 311 -1.16 37.57 -15.97
CA GLY D 311 -0.94 38.24 -17.22
C GLY D 311 -2.26 38.75 -17.77
N PRO D 312 -2.25 39.28 -18.99
CA PRO D 312 -1.14 39.42 -19.94
C PRO D 312 -0.08 40.41 -19.46
N ALA D 313 1.17 40.19 -19.83
CA ALA D 313 2.27 41.01 -19.39
C ALA D 313 2.55 42.14 -20.38
N SER D 314 3.15 43.21 -19.87
CA SER D 314 3.56 44.34 -20.68
C SER D 314 5.08 44.37 -20.80
N ASP D 315 5.56 44.90 -21.92
CA ASP D 315 6.97 44.95 -22.25
C ASP D 315 7.41 46.40 -22.33
N THR D 316 8.23 46.83 -21.38
CA THR D 316 8.88 48.13 -21.53
C THR D 316 9.93 48.13 -22.62
N GLY D 317 10.28 46.95 -23.16
CA GLY D 317 11.25 46.85 -24.24
C GLY D 317 10.77 47.40 -25.57
N ILE D 318 9.48 47.68 -25.71
CA ILE D 318 9.00 48.34 -26.91
C ILE D 318 9.60 49.74 -27.01
N LEU D 319 9.84 50.39 -25.87
CA LEU D 319 10.44 51.71 -25.85
C LEU D 319 11.58 51.76 -24.83
N ASN D 320 12.27 50.64 -24.62
CA ASN D 320 13.18 50.53 -23.50
C ASN D 320 14.29 51.57 -23.59
N PRO D 321 14.59 52.27 -22.50
CA PRO D 321 15.76 53.16 -22.49
C PRO D 321 17.05 52.37 -22.32
N ASP D 322 17.01 51.10 -22.72
CA ASP D 322 17.99 50.11 -22.29
C ASP D 322 18.19 50.19 -20.77
N GLY D 323 17.12 50.53 -20.06
CA GLY D 323 17.19 50.66 -18.63
C GLY D 323 17.09 49.37 -17.86
N TYR D 324 16.92 48.25 -18.56
CA TYR D 324 16.72 46.95 -17.95
C TYR D 324 17.80 46.01 -18.45
N THR D 325 18.56 45.44 -17.52
CA THR D 325 19.49 44.36 -17.85
C THR D 325 18.80 43.02 -17.97
N LEU D 326 17.64 42.86 -17.35
CA LEU D 326 16.92 41.61 -17.29
C LEU D 326 15.66 41.69 -18.13
N ASN D 327 15.28 40.57 -18.74
CA ASN D 327 14.06 40.54 -19.53
C ASN D 327 12.82 40.37 -18.67
N TYR D 328 12.92 39.64 -17.56
CA TYR D 328 11.82 39.47 -16.63
C TYR D 328 12.28 39.73 -15.20
N ASN D 329 11.30 39.88 -14.33
CA ASN D 329 11.57 40.14 -12.91
C ASN D 329 12.21 38.92 -12.25
N GLU D 330 12.78 39.16 -11.07
CA GLU D 330 13.35 38.11 -10.24
C GLU D 330 13.13 38.46 -8.78
N TYR D 331 12.52 37.54 -8.03
CA TYR D 331 12.24 37.73 -6.62
C TYR D 331 13.13 36.80 -5.81
N ILE D 332 13.81 37.35 -4.80
CA ILE D 332 14.78 36.61 -4.01
C ILE D 332 14.51 36.90 -2.54
N VAL D 333 14.16 35.86 -1.78
CA VAL D 333 14.08 35.93 -0.33
C VAL D 333 15.22 35.10 0.24
N TYR D 334 15.76 35.56 1.37
CA TYR D 334 16.97 34.99 1.94
C TYR D 334 16.70 34.24 3.25
N ASN D 335 15.47 33.76 3.44
CA ASN D 335 15.13 32.94 4.59
C ASN D 335 13.99 32.03 4.14
N PRO D 336 14.11 30.71 4.35
CA PRO D 336 13.03 29.80 3.93
C PRO D 336 11.72 30.00 4.68
N ASN D 337 11.72 30.71 5.80
CA ASN D 337 10.46 30.97 6.49
C ASN D 337 9.57 31.96 5.74
N GLN D 338 10.02 32.45 4.59
CA GLN D 338 9.23 33.33 3.74
C GLN D 338 8.62 32.59 2.54
N VAL D 339 8.64 31.26 2.56
CA VAL D 339 8.21 30.45 1.43
C VAL D 339 7.31 29.32 1.93
N ARG D 340 6.13 29.21 1.35
CA ARG D 340 5.23 28.08 1.57
C ARG D 340 4.86 27.50 0.21
N MET D 341 5.40 26.31 -0.10
CA MET D 341 5.01 25.60 -1.31
C MET D 341 3.52 25.28 -1.26
N ARG D 342 2.83 25.53 -2.38
CA ARG D 342 1.38 25.42 -2.40
C ARG D 342 0.88 24.48 -3.49
N TYR D 343 1.36 24.65 -4.73
CA TYR D 343 0.85 23.90 -5.86
C TYR D 343 1.99 23.35 -6.70
N LEU D 344 1.74 22.20 -7.33
CA LEU D 344 2.69 21.57 -8.23
C LEU D 344 2.01 21.31 -9.57
N LEU D 345 2.66 21.74 -10.65
CA LEU D 345 2.10 21.67 -11.99
C LEU D 345 2.90 20.66 -12.81
N LYS D 346 2.22 19.62 -13.30
CA LYS D 346 2.81 18.72 -14.28
C LYS D 346 2.48 19.25 -15.68
N VAL D 347 3.51 19.67 -16.40
CA VAL D 347 3.35 20.40 -17.64
C VAL D 347 3.91 19.57 -18.79
N GLN D 348 3.16 19.48 -19.88
CA GLN D 348 3.63 18.89 -21.12
C GLN D 348 4.13 20.01 -22.03
N PHE D 349 5.40 19.94 -22.42
CA PHE D 349 6.01 20.98 -23.25
C PHE D 349 5.77 20.63 -24.71
N ASN D 350 4.83 21.33 -25.35
CA ASN D 350 4.52 21.11 -26.76
C ASN D 350 5.50 21.94 -27.58
N PHE D 351 6.56 21.29 -28.06
CA PHE D 351 7.60 21.98 -28.82
C PHE D 351 7.14 22.19 -30.25
N LEU D 352 6.99 23.45 -30.64
CA LEU D 352 6.76 23.79 -32.03
C LEU D 352 8.09 23.82 -32.78
N GLN D 353 8.10 23.28 -33.99
CA GLN D 353 9.35 23.10 -34.73
C GLN D 353 10.10 24.42 -34.95
C1 GOL E . -5.86 25.24 27.73
O1 GOL E . -5.12 24.94 26.52
C2 GOL E . -7.29 25.34 27.34
O2 GOL E . -7.70 24.05 26.82
C3 GOL E . -7.56 26.37 26.27
O3 GOL E . -8.96 26.34 25.98
C1 GOL F . -8.61 22.02 24.48
O1 GOL F . -9.76 21.42 23.85
C2 GOL F . -8.16 21.05 25.53
O2 GOL F . -6.90 21.56 26.05
C3 GOL F . -7.89 19.69 24.96
O3 GOL F . -7.44 18.86 26.04
C1 DS9 G . -5.55 26.87 21.09
C2 DS9 G . -4.88 27.76 22.14
C4 DS9 G . -5.91 25.83 23.23
C6 DS9 G . -8.04 25.22 20.86
C7 DS9 G . -11.06 25.88 20.12
C9 DS9 G . -11.28 28.31 19.66
C10 DS9 G . -10.71 29.58 19.55
C14 DS9 G . -8.04 26.63 20.62
C15 DS9 G . -9.11 27.49 20.25
N DS9 G . -5.72 25.58 21.79
C DS9 G . -4.71 26.73 19.82
O DS9 G . -12.25 25.71 19.90
C11 DS9 G . -9.38 29.87 19.78
C12 DS9 G . -8.58 28.78 20.13
C13 DS9 G . -6.92 27.41 20.72
C3 DS9 G . -5.41 27.26 23.49
C5 DS9 G . -6.69 24.64 21.24
C8 DS9 G . -10.46 27.24 20.01
F DS9 G . -11.52 30.60 19.21
N1 DS9 G . -9.03 24.40 20.80
N2 DS9 G . -10.33 24.77 20.46
N3 DS9 G . -7.24 28.70 20.42
C1 GOL H . -17.81 -25.19 4.95
O1 GOL H . -16.69 -24.33 5.26
C2 GOL H . -17.23 -26.54 4.64
O2 GOL H . -15.78 -26.36 4.57
C3 GOL H . -17.52 -27.55 5.71
O3 GOL H . -18.84 -28.08 5.43
C1 GOL I . -12.84 -28.69 6.80
O1 GOL I . -13.17 -28.43 5.41
C2 GOL I . -13.79 -27.86 7.62
O2 GOL I . -14.00 -28.58 8.86
C3 GOL I . -13.24 -26.51 7.97
O3 GOL I . -14.27 -25.81 8.70
C1 GOL J . -18.65 -0.86 14.40
O1 GOL J . -17.81 0.25 14.78
C2 GOL J . -17.96 -2.11 14.87
O2 GOL J . -17.89 -2.00 16.32
C3 GOL J . -16.56 -2.21 14.35
O3 GOL J . -16.60 -3.11 13.22
C1 GOL K . -24.03 -13.29 12.81
O1 GOL K . -24.99 -14.02 12.00
C2 GOL K . -23.82 -14.11 14.04
O2 GOL K . -22.38 -14.20 14.22
C3 GOL K . -24.37 -13.44 15.27
O3 GOL K . -25.80 -13.65 15.28
C1 GOL L . -15.83 -18.42 22.56
O1 GOL L . -15.98 -16.99 22.37
C2 GOL L . -15.43 -18.98 21.23
O2 GOL L . -16.65 -19.10 20.45
C3 GOL L . -14.51 -18.06 20.49
O3 GOL L . -13.33 -18.83 20.14
C1 DS9 M . -20.93 -23.83 9.46
C2 DS9 M . -21.81 -24.27 8.28
C4 DS9 M . -19.54 -25.15 7.99
C6 DS9 M . -18.09 -22.96 9.92
C7 DS9 M . -16.59 -20.17 9.68
C9 DS9 M . -18.19 -18.43 8.96
C10 DS9 M . -19.47 -18.04 8.58
C14 DS9 M . -19.11 -22.04 9.50
C15 DS9 M . -19.01 -20.65 9.23
N DS9 M . -19.78 -24.77 9.40
C DS9 M . -21.68 -23.92 10.78
O DS9 M . -15.68 -19.34 9.72
C11 DS9 M . -20.55 -18.89 8.51
C12 DS9 M . -20.31 -20.22 8.85
C13 DS9 M . -20.42 -22.43 9.27
C3 DS9 M . -20.88 -24.95 7.26
C5 DS9 M . -18.57 -24.40 10.11
C8 DS9 M . -17.96 -19.75 9.29
F DS9 M . -19.66 -16.74 8.26
N1 DS9 M . -16.86 -22.72 10.16
N2 DS9 M . -16.27 -21.47 10.03
N3 DS9 M . -21.14 -21.32 8.88
C1 GOL N . 9.75 -26.18 -24.83
O1 GOL N . 9.73 -25.34 -23.67
C2 GOL N . 10.41 -27.46 -24.42
O2 GOL N . 9.41 -28.22 -23.68
C3 GOL N . 10.83 -28.28 -25.59
O3 GOL N . 11.87 -27.54 -26.28
C1 GOL O . 8.36 -17.68 -11.76
O1 GOL O . 8.94 -18.68 -12.65
C2 GOL O . 6.93 -18.09 -11.55
O2 GOL O . 6.78 -19.40 -12.16
C3 GOL O . 6.58 -18.22 -10.10
O3 GOL O . 6.12 -16.92 -9.66
C1 DS9 P . 2.64 -24.29 -22.98
C2 DS9 P . 1.82 -24.87 -24.14
C4 DS9 P . 4.19 -25.38 -24.46
C6 DS9 P . 5.34 -23.08 -22.53
C7 DS9 P . 6.50 -20.13 -22.82
C9 DS9 P . 4.69 -18.62 -23.60
C10 DS9 P . 3.38 -18.39 -23.99
C14 DS9 P . 4.22 -22.30 -22.97
C15 DS9 P . 4.14 -20.91 -23.27
N DS9 P . 3.90 -25.09 -23.04
C DS9 P . 1.93 -24.47 -21.64
O DS9 P . 7.31 -19.20 -22.81
C11 DS9 P . 2.40 -19.38 -24.04
C12 DS9 P . 2.81 -20.65 -23.67
C13 DS9 P . 2.98 -22.84 -23.19
C3 DS9 P . 2.84 -25.31 -25.18
C5 DS9 P . 5.03 -24.55 -22.30
C8 DS9 P . 5.09 -19.89 -23.24
F DS9 P . 3.03 -17.13 -24.34
N1 DS9 P . 6.54 -22.68 -22.30
N2 DS9 P . 6.97 -21.37 -22.44
N3 DS9 P . 2.12 -21.85 -23.61
C1 GOL Q . 14.28 24.68 -21.32
O1 GOL Q . 15.11 25.87 -21.46
C2 GOL Q . 12.89 25.10 -21.71
O2 GOL Q . 12.86 25.07 -23.16
C3 GOL Q . 11.85 24.14 -21.23
O3 GOL Q . 12.47 23.29 -20.23
C1 GOL R . 20.07 28.34 -3.74
O1 GOL R . 20.71 29.62 -3.65
C2 GOL R . 19.11 28.49 -4.87
O2 GOL R . 19.12 27.22 -5.58
C3 GOL R . 17.69 28.75 -4.42
O3 GOL R . 17.10 27.47 -4.11
C1 GOL S . 17.50 22.89 -6.20
O1 GOL S . 16.56 22.10 -5.47
C2 GOL S . 16.87 24.25 -6.32
O2 GOL S . 17.89 25.18 -5.96
C3 GOL S . 16.52 24.58 -7.74
O3 GOL S . 15.17 24.18 -7.93
C1 DS9 T . 19.41 30.38 -10.48
C2 DS9 T . 20.15 31.22 -9.43
C4 DS9 T . 19.22 29.28 -8.42
C6 DS9 T . 16.92 28.68 -10.67
C7 DS9 T . 13.85 29.32 -11.18
C9 DS9 T . 13.57 31.78 -11.45
C10 DS9 T . 14.11 33.06 -11.51
C14 DS9 T . 16.88 30.10 -10.81
C15 DS9 T . 15.78 30.95 -11.06
N DS9 T . 19.32 29.03 -9.87
C DS9 T . 20.18 30.32 -11.79
O DS9 T . 12.65 29.15 -11.33
C11 DS9 T . 15.44 33.36 -11.34
C12 DS9 T . 16.28 32.27 -11.11
C13 DS9 T . 18.01 30.89 -10.73
C3 DS9 T . 19.93 30.58 -8.07
C5 DS9 T . 18.31 28.11 -10.40
C8 DS9 T . 14.42 30.71 -11.23
F DS9 T . 13.26 34.08 -11.74
N1 DS9 T . 15.94 27.85 -10.72
N2 DS9 T . 14.63 28.21 -10.95
N3 DS9 T . 17.65 32.20 -10.90
#